data_7S2Y
#
_entry.id   7S2Y
#
_cell.length_a   85.840
_cell.length_b   146.167
_cell.length_c   99.587
_cell.angle_alpha   90.000
_cell.angle_beta   114.270
_cell.angle_gamma   90.000
#
_symmetry.space_group_name_H-M   'P 1 21 1'
#
loop_
_entity.id
_entity.type
_entity.pdbx_description
1 polymer 'Deoxynucleoside triphosphate triphosphohydrolase SAMHD1'
2 non-polymer 4-amino-1-{2-cyano-2-deoxy-5-O-[(S)-hydroxy{[(S)-hydroxy(phosphonooxy)phosphoryl]oxy}phosphoryl]-beta-D-arabinofuranosyl}pyrimidin-2(1H)-one
3 non-polymer "2'-DEOXYADENOSINE 5'-TRIPHOSPHATE"
4 non-polymer 'MAGNESIUM ION'
5 non-polymer "GUANOSINE-5'-TRIPHOSPHATE"
6 water water
#
_entity_poly.entity_id   1
_entity_poly.type   'polypeptide(L)'
_entity_poly.pdbx_seq_one_letter_code
;MGSSHHHHHHSSGLVPRGSHMASMTGGQQMGRDPNSDTMKVINDPIHGHIELHPLLVRIIDTPQFQRLRYIKQLGGGYYV
FPGASHNRFEHSLGVGYLAGCLVHALGEKQPELQISERDVLCVQIAGLCRNLGHGPFSHMFDGRFIPLARPEVKWTHEQG
SVMMFEHLINSNGIKPVMEQYGLIPEEDICFIKEQIVGPLESPVEDSLWPYKGRPENKSFLYEIVSNKRNGIDVDKWDYF
ARDCHHLGIQNNFDYKRFIKFARVCEVDNELRICARDKEVGNLYDMFHTRNSLHRRAYQHKVGNIIDTMITDAFLKADDY
IEITGAGGKKYRISTAIDDMEAYTKLTDNIFLEILYSTDPKLKDAREILKQIEYRNLFKYVGETQPTGQIKIKREDYESL
PKEVASAKPKVLLDVKLKAEDFIVDVINMDYGMQEKNPIDHVSFYCKTAPNRAIRITKNQVSQLLPEKFAEQLIRVYCKK
VDRKSLYAARQYFVQWCADRNFTKPQDGDVIAPLITPQKKEWNDSTSVQNPTRLREASKSRVQLFKDDPM
;
_entity_poly.pdbx_strand_id   A,B,C,D
#
loop_
_chem_comp.id
_chem_comp.type
_chem_comp.name
_chem_comp.formula
85T non-polymer 4-amino-1-{2-cyano-2-deoxy-5-O-[(S)-hydroxy{[(S)-hydroxy(phosphonooxy)phosphoryl]oxy}phosphoryl]-beta-D-arabinofuranosyl}pyrimidin-2(1H)-one 'C10 H15 N4 O13 P3'
DTP non-polymer '2'-DEOXYADENOSINE 5'-TRIPHOSPHATE' 'C10 H16 N5 O12 P3'
GTP non-polymer GUANOSINE-5'-TRIPHOSPHATE 'C10 H16 N5 O14 P3'
MG non-polymer 'MAGNESIUM ION' 'Mg 2'
#
# COMPACT_ATOMS: atom_id res chain seq x y z
N ASP A 37 27.41 21.13 9.07
CA ASP A 37 26.46 20.06 8.65
C ASP A 37 25.18 20.21 9.51
N THR A 38 24.00 20.01 8.89
CA THR A 38 22.75 19.69 9.63
C THR A 38 22.28 18.28 9.27
N MET A 39 20.95 18.04 9.39
CA MET A 39 20.32 16.74 9.14
C MET A 39 20.41 16.35 7.67
N LYS A 40 20.84 15.11 7.39
CA LYS A 40 20.61 14.51 6.08
C LYS A 40 19.25 13.78 6.11
N VAL A 41 18.42 14.03 5.08
CA VAL A 41 17.14 13.38 4.88
C VAL A 41 17.34 12.30 3.82
N ILE A 42 16.88 11.08 4.14
CA ILE A 42 16.96 9.94 3.24
C ILE A 42 15.57 9.34 3.11
N ASN A 43 15.16 9.04 1.86
CA ASN A 43 13.81 8.56 1.57
C ASN A 43 13.83 7.04 1.59
N ASP A 44 13.24 6.40 2.62
CA ASP A 44 13.22 4.94 2.73
C ASP A 44 11.85 4.46 2.27
N PRO A 45 11.70 3.38 1.47
CA PRO A 45 10.37 2.92 1.08
C PRO A 45 9.50 2.52 2.26
N ILE A 46 10.09 1.89 3.28
CA ILE A 46 9.28 1.45 4.40
C ILE A 46 8.96 2.62 5.32
N HIS A 47 9.98 3.43 5.66
CA HIS A 47 9.84 4.42 6.71
C HIS A 47 9.61 5.84 6.20
N GLY A 48 9.69 6.06 4.88
CA GLY A 48 9.51 7.41 4.35
C GLY A 48 10.75 8.27 4.61
N HIS A 49 10.57 9.57 4.89
CA HIS A 49 11.70 10.47 5.02
C HIS A 49 12.26 10.40 6.44
N ILE A 50 13.44 9.76 6.60
CA ILE A 50 14.20 9.66 7.84
C ILE A 50 15.16 10.87 7.89
N GLU A 51 15.43 11.42 9.09
CA GLU A 51 16.55 12.32 9.30
C GLU A 51 17.72 11.56 9.92
N LEU A 52 18.93 11.81 9.41
CA LEU A 52 20.17 11.29 9.96
C LEU A 52 21.04 12.45 10.42
N HIS A 53 21.34 12.42 11.72
CA HIS A 53 22.34 13.27 12.36
C HIS A 53 23.72 13.20 11.68
N PRO A 54 24.49 14.29 11.63
CA PRO A 54 25.81 14.28 11.00
C PRO A 54 26.72 13.15 11.45
N LEU A 55 26.60 12.73 12.72
CA LEU A 55 27.47 11.72 13.30
C LEU A 55 27.17 10.36 12.69
N LEU A 56 25.86 10.13 12.49
CA LEU A 56 25.38 8.90 11.90
C LEU A 56 25.83 8.86 10.44
N VAL A 57 25.80 10.03 9.78
CA VAL A 57 26.24 10.07 8.39
C VAL A 57 27.70 9.64 8.32
N ARG A 58 28.48 10.07 9.30
CA ARG A 58 29.91 9.81 9.25
C ARG A 58 30.17 8.32 9.39
N ILE A 59 29.34 7.63 10.20
CA ILE A 59 29.50 6.21 10.43
C ILE A 59 29.11 5.47 9.16
N ILE A 60 28.09 5.96 8.48
CA ILE A 60 27.51 5.28 7.33
C ILE A 60 28.50 5.36 6.16
N ASP A 61 29.19 6.50 6.05
CA ASP A 61 29.99 6.84 4.89
C ASP A 61 31.40 6.26 4.96
N THR A 62 31.49 4.96 5.27
CA THR A 62 32.75 4.27 5.46
C THR A 62 32.69 2.94 4.72
N PRO A 63 33.84 2.39 4.27
CA PRO A 63 33.86 1.09 3.59
C PRO A 63 33.20 -0.04 4.39
N GLN A 64 33.25 0.06 5.72
CA GLN A 64 32.80 -1.02 6.61
C GLN A 64 31.27 -1.03 6.63
N PHE A 65 30.70 0.16 6.52
CA PHE A 65 29.25 0.26 6.53
C PHE A 65 28.71 0.05 5.11
N GLN A 66 29.31 0.72 4.14
CA GLN A 66 28.84 0.61 2.76
C GLN A 66 28.95 -0.84 2.27
N ARG A 67 29.70 -1.67 2.97
CA ARG A 67 29.90 -3.06 2.60
C ARG A 67 28.56 -3.76 2.58
N LEU A 68 27.63 -3.29 3.45
CA LEU A 68 26.35 -3.95 3.62
C LEU A 68 25.46 -3.75 2.40
N ARG A 69 25.82 -2.86 1.47
CA ARG A 69 25.09 -2.76 0.21
C ARG A 69 25.25 -4.02 -0.62
N TYR A 70 26.21 -4.88 -0.28
CA TYR A 70 26.56 -6.01 -1.14
C TYR A 70 26.22 -7.35 -0.46
N ILE A 71 25.25 -7.32 0.45
CA ILE A 71 24.83 -8.52 1.13
C ILE A 71 23.30 -8.56 1.19
N LYS A 72 22.72 -9.48 0.41
CA LYS A 72 21.29 -9.72 0.36
C LYS A 72 20.78 -10.08 1.76
N GLN A 73 19.70 -9.40 2.18
CA GLN A 73 19.07 -9.69 3.47
C GLN A 73 18.63 -11.15 3.52
N LEU A 74 17.97 -11.66 2.45
CA LEU A 74 17.39 -12.99 2.66
C LEU A 74 18.20 -14.12 2.02
N GLY A 75 19.44 -13.80 1.59
CA GLY A 75 20.34 -14.82 1.11
C GLY A 75 19.73 -15.43 -0.15
N GLY A 76 19.66 -16.75 -0.18
CA GLY A 76 19.09 -17.49 -1.29
C GLY A 76 17.61 -17.17 -1.52
N GLY A 77 16.95 -16.55 -0.53
CA GLY A 77 15.57 -16.16 -0.68
C GLY A 77 15.27 -15.45 -2.00
N TYR A 78 16.23 -14.67 -2.49
CA TYR A 78 15.98 -13.86 -3.67
C TYR A 78 15.84 -14.74 -4.90
N TYR A 79 16.40 -15.95 -4.82
CA TYR A 79 16.31 -16.91 -5.89
C TYR A 79 14.94 -17.61 -5.92
N VAL A 80 14.08 -17.27 -4.93
CA VAL A 80 12.73 -17.83 -4.87
C VAL A 80 11.70 -16.70 -4.92
N PHE A 81 12.02 -15.61 -4.21
CA PHE A 81 11.16 -14.44 -4.17
C PHE A 81 11.88 -13.34 -4.93
N PRO A 82 11.51 -13.12 -6.21
CA PRO A 82 12.28 -12.17 -7.03
C PRO A 82 12.23 -10.75 -6.49
N GLY A 83 11.38 -10.47 -5.49
CA GLY A 83 11.25 -9.11 -4.98
C GLY A 83 12.35 -8.83 -3.96
N ALA A 84 12.83 -9.91 -3.31
CA ALA A 84 13.75 -9.87 -2.20
C ALA A 84 15.19 -9.58 -2.66
N SER A 85 15.37 -8.48 -3.40
CA SER A 85 16.67 -7.92 -3.78
C SER A 85 17.31 -7.10 -2.67
N HIS A 86 16.63 -6.84 -1.55
CA HIS A 86 17.13 -5.86 -0.61
C HIS A 86 18.35 -6.40 0.13
N ASN A 87 19.21 -5.45 0.52
CA ASN A 87 20.48 -5.72 1.16
C ASN A 87 20.49 -5.22 2.61
N ARG A 88 21.45 -5.69 3.40
CA ARG A 88 21.51 -5.41 4.82
C ARG A 88 21.65 -3.91 5.07
N PHE A 89 22.35 -3.19 4.17
CA PHE A 89 22.52 -1.74 4.23
C PHE A 89 21.19 -1.04 4.54
N GLU A 90 20.17 -1.22 3.70
CA GLU A 90 18.93 -0.48 3.89
C GLU A 90 18.24 -0.91 5.18
N HIS A 91 18.32 -2.22 5.51
CA HIS A 91 17.74 -2.71 6.75
C HIS A 91 18.36 -1.93 7.90
N SER A 92 19.65 -1.69 7.80
CA SER A 92 20.42 -1.08 8.87
C SER A 92 19.93 0.34 9.13
N LEU A 93 19.68 1.11 8.05
CA LEU A 93 19.20 2.47 8.23
C LEU A 93 17.85 2.39 8.95
N GLY A 94 17.01 1.43 8.58
CA GLY A 94 15.69 1.31 9.17
C GLY A 94 15.80 0.98 10.66
N VAL A 95 16.75 0.09 11.00
CA VAL A 95 16.79 -0.35 12.39
C VAL A 95 17.24 0.81 13.26
N GLY A 96 18.23 1.56 12.72
CA GLY A 96 18.73 2.78 13.33
C GLY A 96 17.58 3.76 13.52
N TYR A 97 16.77 3.94 12.48
CA TYR A 97 15.70 4.93 12.52
C TYR A 97 14.68 4.55 13.58
N LEU A 98 14.27 3.27 13.59
CA LEU A 98 13.29 2.80 14.56
C LEU A 98 13.86 2.86 15.99
N ALA A 99 15.14 2.50 16.19
CA ALA A 99 15.76 2.65 17.50
C ALA A 99 15.55 4.09 18.01
N GLY A 100 15.89 5.06 17.15
CA GLY A 100 15.71 6.46 17.46
C GLY A 100 14.27 6.78 17.84
N CYS A 101 13.33 6.24 17.09
CA CYS A 101 11.92 6.50 17.29
C CYS A 101 11.51 6.06 18.69
N LEU A 102 11.85 4.82 19.07
CA LEU A 102 11.37 4.29 20.33
C LEU A 102 11.99 5.08 21.49
N VAL A 103 13.30 5.40 21.37
CA VAL A 103 13.96 6.06 22.49
C VAL A 103 13.42 7.48 22.65
N HIS A 104 13.17 8.17 21.53
N HIS A 104 13.17 8.16 21.52
CA HIS A 104 12.62 9.51 21.53
CA HIS A 104 12.62 9.51 21.55
C HIS A 104 11.23 9.50 22.15
C HIS A 104 11.21 9.50 22.15
N ALA A 105 10.40 8.51 21.77
CA ALA A 105 9.03 8.43 22.24
C ALA A 105 9.00 8.22 23.76
N LEU A 106 9.88 7.34 24.25
CA LEU A 106 9.88 7.06 25.67
C LEU A 106 10.22 8.35 26.41
N GLY A 107 11.23 9.06 25.86
CA GLY A 107 11.69 10.36 26.30
C GLY A 107 10.56 11.38 26.45
N GLU A 108 9.69 11.48 25.44
CA GLU A 108 8.73 12.56 25.40
C GLU A 108 7.62 12.32 26.40
N LYS A 109 7.25 11.05 26.59
CA LYS A 109 6.20 10.67 27.53
C LYS A 109 6.72 10.79 28.96
N GLN A 110 7.99 10.40 29.21
CA GLN A 110 8.48 10.27 30.59
C GLN A 110 9.81 11.00 30.78
N PRO A 111 9.79 12.35 30.94
CA PRO A 111 11.01 13.13 31.12
C PRO A 111 11.79 12.65 32.34
N GLU A 112 11.08 11.99 33.28
CA GLU A 112 11.67 11.50 34.51
C GLU A 112 12.70 10.41 34.22
N LEU A 113 12.70 9.86 33.00
CA LEU A 113 13.71 8.87 32.64
C LEU A 113 15.09 9.52 32.53
N GLN A 114 15.12 10.85 32.31
CA GLN A 114 16.33 11.62 32.09
C GLN A 114 17.06 11.13 30.84
N ILE A 115 16.33 10.89 29.75
CA ILE A 115 16.98 10.44 28.52
C ILE A 115 17.60 11.66 27.85
N SER A 116 18.90 11.60 27.49
CA SER A 116 19.62 12.72 26.90
C SER A 116 19.84 12.51 25.41
N GLU A 117 20.21 13.60 24.71
CA GLU A 117 20.57 13.54 23.30
C GLU A 117 21.71 12.53 23.11
N ARG A 118 22.59 12.45 24.12
CA ARG A 118 23.69 11.51 24.11
C ARG A 118 23.15 10.08 24.06
N ASP A 119 22.15 9.80 24.90
CA ASP A 119 21.55 8.48 24.97
C ASP A 119 20.92 8.12 23.63
N VAL A 120 20.17 9.07 23.06
CA VAL A 120 19.46 8.88 21.82
C VAL A 120 20.48 8.53 20.73
N LEU A 121 21.57 9.29 20.66
CA LEU A 121 22.53 9.03 19.60
C LEU A 121 23.15 7.64 19.73
N CYS A 122 23.39 7.17 20.96
CA CYS A 122 24.01 5.88 21.14
C CYS A 122 23.06 4.76 20.77
N VAL A 123 21.76 4.93 21.09
CA VAL A 123 20.77 3.94 20.71
C VAL A 123 20.68 3.92 19.18
N GLN A 124 20.68 5.11 18.56
CA GLN A 124 20.66 5.19 17.10
C GLN A 124 21.86 4.45 16.52
N ILE A 125 23.05 4.68 17.09
CA ILE A 125 24.27 4.12 16.54
C ILE A 125 24.25 2.60 16.65
N ALA A 126 23.80 2.11 17.82
CA ALA A 126 23.70 0.68 18.01
C ALA A 126 22.76 0.08 16.97
N GLY A 127 21.57 0.70 16.81
CA GLY A 127 20.60 0.24 15.82
C GLY A 127 21.20 0.15 14.42
N LEU A 128 21.90 1.22 14.02
CA LEU A 128 22.55 1.38 12.72
C LEU A 128 23.55 0.24 12.49
N CYS A 129 24.22 -0.19 13.57
CA CYS A 129 25.41 -0.99 13.41
C CYS A 129 25.27 -2.45 13.80
N ARG A 130 24.08 -2.90 14.21
CA ARG A 130 24.00 -4.28 14.70
C ARG A 130 23.87 -5.32 13.58
N ASN A 131 24.07 -4.92 12.31
CA ASN A 131 24.14 -5.87 11.20
C ASN A 131 25.52 -5.87 10.52
N LEU A 132 26.51 -5.19 11.10
CA LEU A 132 27.80 -5.01 10.45
C LEU A 132 28.51 -6.35 10.25
N GLY A 133 28.16 -7.37 11.06
CA GLY A 133 28.87 -8.64 11.10
C GLY A 133 28.33 -9.72 10.17
N HIS A 134 27.28 -9.39 9.42
CA HIS A 134 26.71 -10.32 8.47
C HIS A 134 27.72 -10.64 7.34
N GLY A 135 27.65 -11.90 6.90
CA GLY A 135 28.55 -12.37 5.87
C GLY A 135 27.82 -12.51 4.53
N PRO A 136 28.49 -13.03 3.47
CA PRO A 136 27.85 -13.22 2.17
C PRO A 136 26.57 -14.04 2.36
N PHE A 137 25.47 -13.57 1.75
CA PHE A 137 24.15 -14.22 1.79
C PHE A 137 23.59 -14.33 3.21
N SER A 138 23.99 -13.41 4.09
CA SER A 138 23.45 -13.33 5.45
C SER A 138 23.49 -14.66 6.21
N HIS A 139 22.31 -15.27 6.38
CA HIS A 139 22.18 -16.38 7.30
C HIS A 139 22.95 -17.59 6.79
N MET A 140 23.03 -17.73 5.45
CA MET A 140 23.84 -18.78 4.86
C MET A 140 25.22 -18.85 5.51
N PHE A 141 25.86 -17.69 5.66
CA PHE A 141 27.22 -17.60 6.18
C PHE A 141 27.32 -18.06 7.62
N ASP A 142 26.50 -17.50 8.50
CA ASP A 142 26.65 -17.79 9.91
C ASP A 142 25.88 -19.06 10.29
N GLY A 143 24.88 -19.40 9.46
CA GLY A 143 24.04 -20.56 9.71
C GLY A 143 24.56 -21.87 9.11
N ARG A 144 25.22 -21.82 7.94
CA ARG A 144 25.60 -23.05 7.25
C ARG A 144 27.12 -23.11 7.05
N PHE A 145 27.70 -22.04 6.49
CA PHE A 145 29.07 -22.07 6.02
C PHE A 145 30.08 -22.13 7.17
N ILE A 146 30.06 -21.15 8.07
CA ILE A 146 31.08 -21.10 9.09
C ILE A 146 31.01 -22.32 10.02
N PRO A 147 29.82 -22.80 10.46
CA PRO A 147 29.75 -24.03 11.23
C PRO A 147 30.46 -25.22 10.54
N LEU A 148 30.37 -25.31 9.21
CA LEU A 148 30.95 -26.42 8.48
C LEU A 148 32.44 -26.18 8.21
N ALA A 149 32.80 -24.94 7.85
CA ALA A 149 34.16 -24.58 7.47
C ALA A 149 35.10 -24.49 8.67
N ARG A 150 34.59 -23.96 9.78
CA ARG A 150 35.41 -23.72 10.96
C ARG A 150 34.66 -24.20 12.18
N PRO A 151 34.40 -25.52 12.32
CA PRO A 151 33.65 -26.05 13.46
C PRO A 151 34.28 -25.80 14.82
N GLU A 152 35.59 -25.52 14.85
CA GLU A 152 36.28 -25.27 16.12
C GLU A 152 35.87 -23.90 16.67
N VAL A 153 35.70 -22.91 15.80
CA VAL A 153 35.30 -21.57 16.21
C VAL A 153 33.79 -21.55 16.47
N LYS A 154 33.39 -20.71 17.41
CA LYS A 154 31.97 -20.36 17.59
C LYS A 154 31.79 -18.91 17.13
N TRP A 155 30.95 -18.73 16.10
CA TRP A 155 30.82 -17.42 15.47
C TRP A 155 29.36 -16.97 15.37
N THR A 156 29.10 -15.71 15.72
CA THR A 156 27.75 -15.14 15.65
C THR A 156 27.82 -13.81 14.90
N HIS A 157 26.70 -13.44 14.25
CA HIS A 157 26.67 -12.14 13.60
C HIS A 157 26.93 -11.03 14.62
N GLU A 158 26.48 -11.27 15.86
CA GLU A 158 26.63 -10.29 16.91
C GLU A 158 28.11 -10.00 17.16
N GLN A 159 28.91 -11.07 17.31
CA GLN A 159 30.33 -10.94 17.52
C GLN A 159 30.96 -10.21 16.34
N GLY A 160 30.59 -10.63 15.13
CA GLY A 160 31.06 -9.96 13.94
C GLY A 160 30.73 -8.48 13.94
N SER A 161 29.53 -8.14 14.43
CA SER A 161 29.08 -6.76 14.36
C SER A 161 29.94 -5.91 15.29
N VAL A 162 30.26 -6.47 16.46
CA VAL A 162 31.07 -5.75 17.41
C VAL A 162 32.45 -5.48 16.80
N MET A 163 33.04 -6.51 16.21
CA MET A 163 34.39 -6.47 15.66
C MET A 163 34.45 -5.46 14.51
N MET A 164 33.48 -5.55 13.60
CA MET A 164 33.43 -4.66 12.46
C MET A 164 33.18 -3.23 12.90
N PHE A 165 32.36 -3.04 13.96
CA PHE A 165 32.09 -1.70 14.45
C PHE A 165 33.39 -1.08 14.94
N GLU A 166 34.15 -1.85 15.72
CA GLU A 166 35.46 -1.49 16.24
C GLU A 166 36.35 -1.09 15.06
N HIS A 167 36.42 -1.93 14.02
CA HIS A 167 37.23 -1.67 12.84
C HIS A 167 36.79 -0.38 12.16
N LEU A 168 35.48 -0.16 12.06
CA LEU A 168 34.92 1.01 11.41
C LEU A 168 35.37 2.25 12.16
N ILE A 169 35.23 2.20 13.50
CA ILE A 169 35.58 3.31 14.37
C ILE A 169 37.07 3.66 14.17
N ASN A 170 37.95 2.67 14.29
CA ASN A 170 39.39 2.89 14.29
C ASN A 170 39.90 3.27 12.90
N SER A 171 39.36 2.68 11.83
CA SER A 171 39.84 3.00 10.49
C SER A 171 39.37 4.36 9.99
N ASN A 172 38.40 4.99 10.66
CA ASN A 172 37.80 6.16 10.04
C ASN A 172 37.81 7.36 10.98
N GLY A 173 38.53 7.27 12.09
CA GLY A 173 38.72 8.39 12.99
C GLY A 173 37.40 8.91 13.57
N ILE A 174 36.53 7.97 13.97
CA ILE A 174 35.19 8.31 14.41
C ILE A 174 35.21 8.89 15.82
N LYS A 175 36.12 8.43 16.68
CA LYS A 175 36.11 8.79 18.09
C LYS A 175 36.09 10.31 18.29
N PRO A 176 36.97 11.11 17.62
CA PRO A 176 36.89 12.57 17.73
C PRO A 176 35.55 13.16 17.26
N VAL A 177 34.96 12.56 16.21
CA VAL A 177 33.66 13.05 15.75
C VAL A 177 32.59 12.78 16.82
N MET A 178 32.66 11.61 17.46
CA MET A 178 31.75 11.29 18.53
C MET A 178 31.85 12.33 19.63
N GLU A 179 33.09 12.71 19.95
CA GLU A 179 33.34 13.64 21.04
C GLU A 179 32.75 15.00 20.68
N GLN A 180 32.90 15.37 19.41
CA GLN A 180 32.44 16.64 18.88
C GLN A 180 30.93 16.81 19.10
N TYR A 181 30.17 15.72 19.11
CA TYR A 181 28.71 15.78 19.26
C TYR A 181 28.31 15.36 20.67
N GLY A 182 29.28 15.37 21.58
CA GLY A 182 28.97 15.28 23.00
C GLY A 182 28.90 13.86 23.50
N LEU A 183 29.37 12.90 22.70
CA LEU A 183 29.52 11.55 23.22
C LEU A 183 30.85 11.46 23.98
N ILE A 184 30.91 10.55 24.96
CA ILE A 184 32.13 10.22 25.67
C ILE A 184 32.59 8.85 25.18
N PRO A 185 33.54 8.80 24.21
CA PRO A 185 33.81 7.56 23.47
C PRO A 185 34.05 6.31 24.30
N GLU A 186 34.78 6.44 25.41
CA GLU A 186 35.13 5.25 26.16
C GLU A 186 33.86 4.55 26.64
N GLU A 187 33.00 5.27 27.36
CA GLU A 187 31.74 4.76 27.90
C GLU A 187 30.74 4.40 26.78
N ASP A 188 30.65 5.27 25.77
CA ASP A 188 29.58 5.20 24.79
C ASP A 188 29.81 4.05 23.83
N ILE A 189 31.08 3.83 23.46
CA ILE A 189 31.43 2.72 22.60
C ILE A 189 31.12 1.42 23.33
N CYS A 190 31.39 1.39 24.62
CA CYS A 190 31.05 0.23 25.42
C CYS A 190 29.52 0.00 25.35
N PHE A 191 28.74 1.06 25.59
CA PHE A 191 27.29 1.00 25.60
C PHE A 191 26.79 0.44 24.27
N ILE A 192 27.36 0.95 23.17
CA ILE A 192 26.94 0.59 21.83
C ILE A 192 27.18 -0.90 21.59
N LYS A 193 28.38 -1.40 21.93
CA LYS A 193 28.72 -2.79 21.72
C LYS A 193 27.83 -3.66 22.62
N GLU A 194 27.53 -3.20 23.84
CA GLU A 194 26.70 -3.98 24.74
C GLU A 194 25.29 -4.17 24.19
N GLN A 195 24.74 -3.09 23.59
CA GLN A 195 23.48 -3.15 22.89
C GLN A 195 23.52 -4.21 21.78
N ILE A 196 24.68 -4.39 21.15
CA ILE A 196 24.77 -5.23 19.96
C ILE A 196 24.88 -6.71 20.35
N VAL A 197 25.67 -7.01 21.39
CA VAL A 197 26.12 -8.39 21.60
C VAL A 197 25.68 -8.89 22.97
N GLY A 198 25.27 -7.99 23.87
CA GLY A 198 24.92 -8.41 25.21
C GLY A 198 26.01 -7.94 26.16
N PRO A 199 26.04 -8.44 27.42
CA PRO A 199 27.12 -8.10 28.33
C PRO A 199 28.45 -8.64 27.82
N LEU A 200 29.44 -7.75 27.64
CA LEU A 200 30.80 -8.10 27.21
C LEU A 200 31.54 -8.85 28.32
N GLU A 201 31.25 -8.50 29.58
CA GLU A 201 31.86 -9.10 30.77
C GLU A 201 33.34 -9.38 30.52
N LEU A 208 21.97 -8.85 39.55
CA LEU A 208 23.34 -8.30 39.71
C LEU A 208 23.81 -7.68 38.36
N TRP A 209 23.96 -6.35 38.32
CA TRP A 209 23.94 -5.57 37.08
C TRP A 209 25.16 -5.87 36.24
N PRO A 210 25.00 -6.49 35.05
CA PRO A 210 26.16 -6.87 34.24
C PRO A 210 26.74 -5.85 33.24
N TYR A 211 26.09 -4.68 33.08
CA TYR A 211 26.46 -3.76 32.01
C TYR A 211 27.29 -2.60 32.55
N LYS A 212 28.17 -2.04 31.71
CA LYS A 212 29.08 -1.00 32.13
C LYS A 212 28.86 0.28 31.34
N GLY A 213 28.13 0.19 30.22
CA GLY A 213 27.90 1.33 29.34
C GLY A 213 26.87 2.29 29.91
N ARG A 214 25.90 1.77 30.67
CA ARG A 214 24.94 2.58 31.36
C ARG A 214 24.59 1.89 32.68
N PRO A 215 24.14 2.65 33.70
CA PRO A 215 23.67 2.06 34.96
C PRO A 215 22.23 1.56 34.95
N GLU A 216 21.78 0.96 36.06
CA GLU A 216 20.50 0.26 36.18
C GLU A 216 19.29 1.16 35.88
N ASN A 217 19.43 2.46 36.16
CA ASN A 217 18.33 3.41 36.08
C ASN A 217 18.00 3.68 34.61
N LYS A 218 18.86 3.17 33.72
CA LYS A 218 18.79 3.34 32.28
C LYS A 218 18.64 1.98 31.61
N SER A 219 18.33 0.94 32.40
CA SER A 219 18.28 -0.44 31.94
C SER A 219 17.44 -0.61 30.67
N PHE A 220 16.34 0.14 30.56
CA PHE A 220 15.38 0.02 29.47
C PHE A 220 16.05 0.32 28.13
N LEU A 221 17.15 1.09 28.13
CA LEU A 221 17.81 1.39 26.88
C LEU A 221 18.33 0.11 26.22
N TYR A 222 18.54 -0.94 27.01
CA TYR A 222 19.11 -2.18 26.51
C TYR A 222 18.06 -3.05 25.82
N GLU A 223 16.80 -2.60 25.88
CA GLU A 223 15.70 -3.40 25.41
C GLU A 223 15.25 -2.95 24.02
N ILE A 224 15.96 -2.00 23.39
CA ILE A 224 15.52 -1.39 22.13
C ILE A 224 16.10 -2.09 20.90
N VAL A 225 17.43 -2.13 20.79
CA VAL A 225 18.10 -2.57 19.58
C VAL A 225 18.19 -4.10 19.55
N SER A 226 18.60 -4.71 20.66
CA SER A 226 18.66 -6.16 20.65
C SER A 226 18.24 -6.70 22.02
N ASN A 227 16.97 -7.07 22.10
CA ASN A 227 16.29 -7.34 23.36
C ASN A 227 16.54 -8.77 23.79
N LYS A 228 17.49 -8.95 24.73
CA LYS A 228 17.83 -10.31 25.13
C LYS A 228 16.77 -10.87 26.08
N ARG A 229 15.88 -10.00 26.61
CA ARG A 229 14.95 -10.39 27.65
C ARG A 229 13.78 -11.17 27.06
N ASN A 230 13.19 -10.67 25.95
CA ASN A 230 12.04 -11.29 25.34
C ASN A 230 12.07 -11.22 23.82
N GLY A 231 12.95 -10.39 23.25
CA GLY A 231 13.10 -10.37 21.80
C GLY A 231 12.22 -9.33 21.08
N ILE A 232 11.39 -8.60 21.83
CA ILE A 232 10.65 -7.53 21.19
C ILE A 232 11.61 -6.36 20.99
N ASP A 233 12.17 -6.21 19.79
CA ASP A 233 13.17 -5.18 19.50
C ASP A 233 12.91 -4.55 18.13
N VAL A 234 13.52 -3.38 17.88
CA VAL A 234 13.22 -2.63 16.66
C VAL A 234 13.81 -3.37 15.45
N ASP A 235 14.77 -4.26 15.68
CA ASP A 235 15.42 -4.94 14.59
C ASP A 235 14.35 -5.73 13.84
N LYS A 236 13.52 -6.47 14.62
CA LYS A 236 12.46 -7.32 14.11
C LYS A 236 11.46 -6.44 13.34
N TRP A 237 11.10 -5.31 13.97
CA TRP A 237 10.11 -4.42 13.40
C TRP A 237 10.50 -3.98 11.98
N ASP A 238 11.80 -3.68 11.78
CA ASP A 238 12.20 -3.23 10.47
C ASP A 238 12.09 -4.40 9.49
N TYR A 239 12.61 -5.58 9.90
CA TYR A 239 12.63 -6.68 8.95
C TYR A 239 11.23 -7.20 8.61
N PHE A 240 10.32 -7.26 9.59
CA PHE A 240 8.95 -7.64 9.28
C PHE A 240 8.38 -6.76 8.18
N ALA A 241 8.58 -5.43 8.32
CA ALA A 241 8.01 -4.46 7.40
C ALA A 241 8.72 -4.56 6.05
N ARG A 242 10.07 -4.54 6.10
CA ARG A 242 10.87 -4.45 4.88
C ARG A 242 10.78 -5.78 4.11
N ASP A 243 11.00 -6.91 4.80
CA ASP A 243 11.01 -8.17 4.10
C ASP A 243 9.66 -8.36 3.41
N CYS A 244 8.57 -8.03 4.11
CA CYS A 244 7.25 -8.19 3.55
C CYS A 244 7.06 -7.30 2.31
N HIS A 245 7.48 -6.04 2.41
CA HIS A 245 7.40 -5.12 1.30
C HIS A 245 8.06 -5.74 0.06
N HIS A 246 9.14 -6.52 0.26
CA HIS A 246 9.97 -7.02 -0.84
C HIS A 246 9.48 -8.37 -1.31
N LEU A 247 9.13 -9.21 -0.35
CA LEU A 247 8.74 -10.60 -0.56
C LEU A 247 7.42 -10.64 -1.32
N GLY A 248 6.58 -9.61 -1.13
CA GLY A 248 5.23 -9.56 -1.66
C GLY A 248 4.25 -10.38 -0.81
N ILE A 249 4.51 -10.44 0.51
CA ILE A 249 3.58 -11.02 1.46
C ILE A 249 3.33 -9.97 2.54
N GLN A 250 2.11 -9.95 3.09
CA GLN A 250 1.79 -8.77 3.87
C GLN A 250 1.92 -9.09 5.35
N ASN A 251 2.29 -8.07 6.13
CA ASN A 251 2.68 -8.20 7.53
C ASN A 251 1.48 -7.87 8.44
N ASN A 252 1.25 -8.65 9.49
CA ASN A 252 0.07 -8.43 10.34
C ASN A 252 0.30 -7.41 11.49
N PHE A 253 1.57 -7.08 11.78
CA PHE A 253 1.97 -6.49 13.06
C PHE A 253 2.25 -5.00 12.93
N ASP A 254 1.77 -4.20 13.92
CA ASP A 254 1.87 -2.74 13.90
C ASP A 254 2.87 -2.20 14.92
N TYR A 255 4.11 -1.91 14.50
CA TYR A 255 5.11 -1.43 15.44
C TYR A 255 4.75 -0.04 15.98
N LYS A 256 4.08 0.81 15.17
CA LYS A 256 3.84 2.17 15.59
C LYS A 256 2.86 2.20 16.76
N ARG A 257 1.86 1.28 16.73
CA ARG A 257 0.94 1.07 17.83
C ARG A 257 1.75 0.67 19.05
N PHE A 258 2.69 -0.26 18.91
CA PHE A 258 3.38 -0.75 20.08
C PHE A 258 4.06 0.41 20.79
N ILE A 259 4.68 1.29 19.98
CA ILE A 259 5.48 2.38 20.46
C ILE A 259 4.56 3.36 21.18
N LYS A 260 3.40 3.67 20.59
CA LYS A 260 2.48 4.59 21.24
C LYS A 260 2.08 4.08 22.62
N PHE A 261 2.01 2.76 22.82
CA PHE A 261 1.49 2.18 24.05
C PHE A 261 2.65 1.80 24.96
N ALA A 262 3.89 2.06 24.53
CA ALA A 262 5.03 1.69 25.38
C ALA A 262 5.24 2.74 26.48
N ARG A 263 5.58 2.22 27.67
CA ARG A 263 5.95 2.96 28.87
C ARG A 263 7.12 2.25 29.57
N VAL A 264 7.88 2.98 30.40
CA VAL A 264 8.93 2.40 31.22
C VAL A 264 8.43 2.35 32.65
N CYS A 265 8.53 1.19 33.30
CA CYS A 265 8.13 1.01 34.69
C CYS A 265 9.19 0.25 35.46
N GLU A 266 9.13 0.38 36.80
CA GLU A 266 10.03 -0.34 37.67
C GLU A 266 9.57 -1.80 37.76
N VAL A 267 10.46 -2.73 37.39
CA VAL A 267 10.30 -4.16 37.63
C VAL A 267 11.54 -4.65 38.35
N ASP A 268 11.33 -5.21 39.54
CA ASP A 268 12.36 -5.71 40.44
C ASP A 268 13.55 -4.77 40.46
N ASN A 269 13.30 -3.47 40.69
CA ASN A 269 14.34 -2.47 40.91
C ASN A 269 15.22 -2.26 39.68
N GLU A 270 14.65 -2.50 38.49
CA GLU A 270 15.20 -2.09 37.20
C GLU A 270 14.10 -1.39 36.42
N LEU A 271 14.45 -0.37 35.64
CA LEU A 271 13.46 0.25 34.78
C LEU A 271 13.41 -0.49 33.45
N ARG A 272 12.24 -1.00 33.08
CA ARG A 272 12.05 -1.78 31.86
C ARG A 272 10.88 -1.24 31.03
N ILE A 273 10.91 -1.56 29.73
CA ILE A 273 9.83 -1.23 28.81
C ILE A 273 8.64 -2.16 29.09
N CYS A 274 7.48 -1.54 29.26
CA CYS A 274 6.25 -2.27 29.49
C CYS A 274 5.24 -1.95 28.41
N ALA A 275 4.49 -2.99 28.04
CA ALA A 275 3.34 -2.88 27.18
C ALA A 275 2.04 -2.70 28.01
N ARG A 276 1.02 -2.08 27.39
CA ARG A 276 -0.30 -1.94 27.96
C ARG A 276 -0.94 -3.32 28.02
N ASP A 277 -1.61 -3.63 29.13
CA ASP A 277 -2.17 -4.96 29.40
C ASP A 277 -2.92 -5.48 28.18
N LYS A 278 -3.89 -4.69 27.69
CA LYS A 278 -4.81 -5.08 26.65
C LYS A 278 -4.07 -5.36 25.34
N GLU A 279 -2.78 -5.05 25.26
CA GLU A 279 -2.02 -5.19 24.02
C GLU A 279 -1.29 -6.53 23.95
N VAL A 280 -1.48 -7.40 24.93
CA VAL A 280 -0.77 -8.67 24.99
C VAL A 280 -1.11 -9.52 23.76
N GLY A 281 -2.39 -9.45 23.33
CA GLY A 281 -2.83 -10.23 22.20
C GLY A 281 -1.98 -9.95 20.97
N ASN A 282 -1.61 -8.68 20.84
CA ASN A 282 -0.83 -8.16 19.74
C ASN A 282 0.58 -8.73 19.79
N LEU A 283 1.09 -9.00 20.99
CA LEU A 283 2.43 -9.52 21.14
C LEU A 283 2.48 -11.00 20.74
N TYR A 284 1.46 -11.76 21.17
CA TYR A 284 1.34 -13.13 20.73
C TYR A 284 1.29 -13.14 19.20
N ASP A 285 0.57 -12.16 18.65
CA ASP A 285 0.46 -12.05 17.20
C ASP A 285 1.81 -11.79 16.56
N MET A 286 2.66 -11.02 17.26
CA MET A 286 3.93 -10.63 16.70
C MET A 286 4.81 -11.85 16.50
N PHE A 287 4.84 -12.73 17.49
CA PHE A 287 5.61 -13.95 17.39
C PHE A 287 5.03 -14.89 16.35
N HIS A 288 3.69 -14.92 16.26
CA HIS A 288 3.02 -15.72 15.24
C HIS A 288 3.45 -15.24 13.86
N THR A 289 3.59 -13.92 13.71
CA THR A 289 3.98 -13.30 12.46
C THR A 289 5.38 -13.76 12.09
N ARG A 290 6.28 -13.73 13.08
CA ARG A 290 7.64 -14.20 12.93
C ARG A 290 7.63 -15.65 12.43
N ASN A 291 6.83 -16.50 13.08
CA ASN A 291 6.72 -17.89 12.68
C ASN A 291 6.23 -18.01 11.24
N SER A 292 5.24 -17.18 10.85
CA SER A 292 4.66 -17.24 9.51
C SER A 292 5.72 -16.93 8.48
N LEU A 293 6.53 -15.89 8.75
CA LEU A 293 7.51 -15.43 7.79
C LEU A 293 8.57 -16.52 7.62
N HIS A 294 8.84 -17.27 8.69
CA HIS A 294 9.78 -18.38 8.60
C HIS A 294 9.20 -19.48 7.71
N ARG A 295 7.97 -19.93 8.02
N ARG A 295 7.97 -19.93 8.02
CA ARG A 295 7.30 -20.98 7.29
CA ARG A 295 7.31 -21.00 7.29
C ARG A 295 7.19 -20.59 5.82
C ARG A 295 7.16 -20.59 5.82
N ARG A 296 6.75 -19.35 5.57
CA ARG A 296 6.49 -18.92 4.19
C ARG A 296 7.75 -18.56 3.40
N ALA A 297 8.76 -17.92 4.03
CA ALA A 297 9.81 -17.27 3.25
C ALA A 297 11.21 -17.68 3.70
N TYR A 298 11.51 -17.52 4.99
CA TYR A 298 12.89 -17.65 5.42
C TYR A 298 13.35 -19.09 5.41
N GLN A 299 12.42 -20.05 5.60
CA GLN A 299 12.80 -21.47 5.57
C GLN A 299 12.18 -22.16 4.35
N HIS A 300 11.78 -21.39 3.34
CA HIS A 300 11.27 -22.00 2.11
C HIS A 300 12.19 -23.13 1.63
N LYS A 301 11.59 -24.24 1.20
CA LYS A 301 12.31 -25.48 0.89
C LYS A 301 13.31 -25.27 -0.24
N VAL A 302 12.95 -24.46 -1.24
CA VAL A 302 13.89 -24.25 -2.32
C VAL A 302 14.97 -23.23 -1.92
N GLY A 303 14.53 -22.16 -1.27
CA GLY A 303 15.49 -21.19 -0.79
C GLY A 303 16.55 -21.86 0.08
N ASN A 304 16.14 -22.80 0.93
CA ASN A 304 17.09 -23.44 1.84
C ASN A 304 18.10 -24.25 1.03
N ILE A 305 17.61 -24.91 -0.05
CA ILE A 305 18.50 -25.77 -0.83
C ILE A 305 19.49 -24.86 -1.56
N ILE A 306 19.02 -23.69 -2.00
CA ILE A 306 19.90 -22.81 -2.74
C ILE A 306 21.00 -22.31 -1.81
N ASP A 307 20.61 -21.97 -0.58
CA ASP A 307 21.55 -21.61 0.49
C ASP A 307 22.57 -22.74 0.66
N THR A 308 22.08 -23.99 0.63
CA THR A 308 22.89 -25.18 0.86
C THR A 308 23.88 -25.40 -0.30
N MET A 309 23.40 -25.19 -1.52
CA MET A 309 24.23 -25.34 -2.70
C MET A 309 25.30 -24.26 -2.72
N ILE A 310 24.92 -23.01 -2.36
CA ILE A 310 25.89 -21.94 -2.33
C ILE A 310 26.97 -22.29 -1.30
N THR A 311 26.54 -22.83 -0.14
CA THR A 311 27.49 -23.20 0.90
C THR A 311 28.50 -24.24 0.39
N ASP A 312 27.98 -25.27 -0.29
N ASP A 312 27.97 -25.27 -0.28
CA ASP A 312 28.76 -26.36 -0.84
CA ASP A 312 28.74 -26.37 -0.85
C ASP A 312 29.81 -25.77 -1.77
C ASP A 312 29.81 -25.77 -1.77
N ALA A 313 29.39 -24.81 -2.60
CA ALA A 313 30.29 -24.21 -3.59
C ALA A 313 31.39 -23.45 -2.88
N PHE A 314 31.01 -22.70 -1.85
CA PHE A 314 31.99 -21.91 -1.11
C PHE A 314 33.01 -22.84 -0.47
N LEU A 315 32.51 -23.93 0.15
CA LEU A 315 33.39 -24.88 0.81
C LEU A 315 34.44 -25.42 -0.17
N LYS A 316 34.01 -25.71 -1.40
CA LYS A 316 34.88 -26.27 -2.44
C LYS A 316 35.81 -25.19 -2.99
N ALA A 317 35.39 -23.92 -2.88
CA ALA A 317 36.19 -22.83 -3.43
C ALA A 317 37.19 -22.32 -2.40
N ASP A 318 37.05 -22.76 -1.13
CA ASP A 318 37.66 -22.09 0.01
C ASP A 318 39.19 -21.93 -0.11
N ASP A 319 39.86 -22.96 -0.63
CA ASP A 319 41.32 -23.00 -0.72
C ASP A 319 41.86 -22.05 -1.80
N TYR A 320 41.05 -21.76 -2.83
CA TYR A 320 41.59 -21.09 -3.99
C TYR A 320 41.20 -19.61 -4.08
N ILE A 321 40.18 -19.18 -3.36
CA ILE A 321 39.84 -17.77 -3.36
C ILE A 321 40.69 -17.08 -2.31
N GLU A 322 41.33 -15.97 -2.69
CA GLU A 322 42.10 -15.21 -1.71
C GLU A 322 41.57 -13.79 -1.59
N ILE A 323 41.51 -13.38 -0.33
CA ILE A 323 41.10 -12.04 0.05
C ILE A 323 42.24 -11.44 0.88
N THR A 324 42.66 -10.24 0.46
CA THR A 324 43.80 -9.59 1.08
C THR A 324 43.34 -8.78 2.28
N GLY A 325 43.92 -9.07 3.45
CA GLY A 325 43.65 -8.38 4.69
C GLY A 325 44.80 -7.45 5.14
N ALA A 326 44.89 -7.24 6.46
CA ALA A 326 45.79 -6.27 7.05
C ALA A 326 47.21 -6.73 6.81
N GLY A 327 48.06 -5.78 6.39
CA GLY A 327 49.47 -6.00 6.16
C GLY A 327 49.71 -6.84 4.91
N GLY A 328 48.74 -6.83 3.98
CA GLY A 328 48.90 -7.59 2.75
C GLY A 328 48.79 -9.11 2.93
N LYS A 329 48.55 -9.57 4.17
CA LYS A 329 48.38 -10.98 4.52
C LYS A 329 47.12 -11.52 3.82
N LYS A 330 47.13 -12.80 3.42
CA LYS A 330 46.06 -13.35 2.61
C LYS A 330 45.15 -14.27 3.43
N TYR A 331 43.84 -14.14 3.22
CA TYR A 331 42.86 -14.96 3.91
C TYR A 331 41.96 -15.68 2.92
N ARG A 332 41.27 -16.71 3.44
CA ARG A 332 40.28 -17.49 2.72
C ARG A 332 38.88 -17.05 3.16
N ILE A 333 37.85 -17.50 2.42
CA ILE A 333 36.46 -17.23 2.78
C ILE A 333 36.27 -17.58 4.26
N SER A 334 36.87 -18.69 4.68
CA SER A 334 36.63 -19.24 6.00
C SER A 334 37.44 -18.54 7.07
N THR A 335 38.49 -17.80 6.66
CA THR A 335 39.40 -17.19 7.64
C THR A 335 39.27 -15.66 7.64
N ALA A 336 38.46 -15.12 6.73
CA ALA A 336 38.25 -13.68 6.70
C ALA A 336 37.64 -13.19 8.01
N ILE A 337 36.93 -14.06 8.75
CA ILE A 337 36.37 -13.60 10.01
C ILE A 337 37.46 -13.25 11.02
N ASP A 338 38.71 -13.63 10.71
CA ASP A 338 39.84 -13.43 11.61
C ASP A 338 40.48 -12.07 11.40
N ASP A 339 40.26 -11.46 10.24
CA ASP A 339 40.83 -10.15 9.94
C ASP A 339 39.77 -9.23 9.36
N MET A 340 39.44 -8.17 10.10
CA MET A 340 38.30 -7.31 9.78
C MET A 340 38.53 -6.55 8.48
N GLU A 341 39.79 -6.27 8.18
CA GLU A 341 40.15 -5.62 6.93
C GLU A 341 39.83 -6.51 5.73
N ALA A 342 40.08 -7.82 5.88
CA ALA A 342 39.73 -8.81 4.88
C ALA A 342 38.22 -9.02 4.86
N TYR A 343 37.61 -9.18 6.03
CA TYR A 343 36.17 -9.36 6.13
C TYR A 343 35.43 -8.20 5.44
N THR A 344 35.99 -6.98 5.50
CA THR A 344 35.38 -5.85 4.82
C THR A 344 35.12 -6.15 3.35
N LYS A 345 36.02 -6.93 2.73
CA LYS A 345 35.95 -7.22 1.31
C LYS A 345 35.29 -8.58 1.05
N LEU A 346 34.57 -9.14 2.05
CA LEU A 346 33.90 -10.42 1.87
C LEU A 346 32.38 -10.26 1.82
N THR A 347 31.79 -10.30 0.62
CA THR A 347 30.38 -10.06 0.43
C THR A 347 29.82 -11.08 -0.57
N ASP A 348 28.63 -10.78 -1.13
CA ASP A 348 27.96 -11.67 -2.07
C ASP A 348 28.81 -11.73 -3.35
N ASN A 349 29.81 -10.85 -3.42
CA ASN A 349 30.63 -10.76 -4.60
C ASN A 349 31.42 -12.07 -4.79
N ILE A 350 31.70 -12.79 -3.69
CA ILE A 350 32.45 -14.03 -3.84
C ILE A 350 31.72 -15.04 -4.72
N PHE A 351 30.38 -15.03 -4.68
CA PHE A 351 29.58 -15.88 -5.55
C PHE A 351 29.95 -15.66 -7.03
N LEU A 352 30.00 -14.39 -7.46
CA LEU A 352 30.25 -14.09 -8.86
C LEU A 352 31.74 -14.29 -9.18
N GLU A 353 32.61 -14.11 -8.18
CA GLU A 353 34.03 -14.38 -8.41
C GLU A 353 34.20 -15.85 -8.79
N ILE A 354 33.52 -16.73 -8.06
CA ILE A 354 33.49 -18.15 -8.37
C ILE A 354 32.83 -18.39 -9.72
N LEU A 355 31.64 -17.85 -9.91
CA LEU A 355 30.88 -18.12 -11.12
C LEU A 355 31.70 -17.75 -12.37
N TYR A 356 32.45 -16.64 -12.31
CA TYR A 356 33.12 -16.13 -13.49
C TYR A 356 34.54 -16.66 -13.63
N SER A 357 34.99 -17.45 -12.62
CA SER A 357 36.36 -17.95 -12.61
C SER A 357 36.63 -18.86 -13.80
N THR A 358 37.93 -18.96 -14.16
CA THR A 358 38.36 -19.89 -15.19
C THR A 358 39.43 -20.84 -14.65
N ASP A 359 40.00 -20.53 -13.49
CA ASP A 359 40.95 -21.44 -12.86
C ASP A 359 40.39 -22.86 -12.80
N PRO A 360 41.07 -23.88 -13.37
CA PRO A 360 40.59 -25.27 -13.26
C PRO A 360 40.45 -25.76 -11.83
N LYS A 361 41.23 -25.18 -10.89
CA LYS A 361 41.18 -25.57 -9.48
C LYS A 361 39.80 -25.27 -8.89
N LEU A 362 39.10 -24.26 -9.47
CA LEU A 362 37.82 -23.77 -9.02
C LEU A 362 36.66 -24.43 -9.78
N LYS A 363 36.97 -25.35 -10.70
CA LYS A 363 35.97 -25.98 -11.56
C LYS A 363 34.83 -26.57 -10.74
N ASP A 364 35.15 -27.30 -9.67
CA ASP A 364 34.15 -27.97 -8.87
C ASP A 364 33.17 -26.98 -8.24
N ALA A 365 33.69 -25.87 -7.73
CA ALA A 365 32.84 -24.90 -7.07
C ALA A 365 31.99 -24.18 -8.11
N ARG A 366 32.65 -23.73 -9.19
CA ARG A 366 32.01 -23.09 -10.31
C ARG A 366 30.86 -23.96 -10.86
N GLU A 367 31.04 -25.28 -10.90
CA GLU A 367 30.04 -26.18 -11.47
C GLU A 367 28.76 -26.12 -10.64
N ILE A 368 28.91 -26.08 -9.32
CA ILE A 368 27.74 -26.08 -8.47
C ILE A 368 26.96 -24.80 -8.73
N LEU A 369 27.67 -23.68 -8.84
CA LEU A 369 26.95 -22.43 -9.07
C LEU A 369 26.29 -22.46 -10.44
N LYS A 370 26.92 -23.11 -11.42
CA LYS A 370 26.33 -23.20 -12.75
C LYS A 370 25.05 -24.02 -12.69
N GLN A 371 25.02 -24.99 -11.77
CA GLN A 371 23.88 -25.87 -11.64
C GLN A 371 22.74 -25.04 -11.08
N ILE A 372 23.08 -24.12 -10.16
CA ILE A 372 22.09 -23.22 -9.62
C ILE A 372 21.47 -22.41 -10.76
N GLU A 373 22.30 -21.90 -11.68
CA GLU A 373 21.82 -21.05 -12.77
C GLU A 373 20.90 -21.82 -13.71
N TYR A 374 21.16 -23.12 -13.95
CA TYR A 374 20.38 -23.88 -14.91
C TYR A 374 19.15 -24.47 -14.22
N ARG A 375 19.04 -24.16 -12.92
CA ARG A 375 17.96 -24.59 -12.07
C ARG A 375 17.99 -26.11 -11.89
N ASN A 376 19.20 -26.67 -11.99
N ASN A 376 19.20 -26.67 -11.99
CA ASN A 376 19.42 -28.08 -11.69
CA ASN A 376 19.41 -28.08 -11.69
C ASN A 376 19.72 -28.20 -10.20
C ASN A 376 19.72 -28.20 -10.20
N LEU A 377 18.67 -28.10 -9.37
CA LEU A 377 18.81 -28.07 -7.92
C LEU A 377 18.68 -29.48 -7.37
N PHE A 378 19.19 -29.70 -6.15
CA PHE A 378 18.89 -30.92 -5.40
C PHE A 378 17.38 -31.03 -5.28
N LYS A 379 16.81 -32.26 -5.34
CA LYS A 379 15.37 -32.43 -5.45
C LYS A 379 14.76 -32.67 -4.07
N TYR A 380 13.69 -31.92 -3.77
CA TYR A 380 12.98 -32.05 -2.50
C TYR A 380 12.32 -33.42 -2.51
N VAL A 381 12.58 -34.18 -1.46
CA VAL A 381 11.99 -35.50 -1.27
C VAL A 381 10.74 -35.38 -0.40
N GLY A 382 10.88 -34.73 0.76
CA GLY A 382 9.77 -34.69 1.70
C GLY A 382 10.13 -34.01 3.01
N GLU A 383 9.15 -33.97 3.90
CA GLU A 383 9.18 -33.18 5.13
C GLU A 383 8.47 -33.98 6.21
N THR A 384 9.06 -34.00 7.42
CA THR A 384 8.50 -34.75 8.54
C THR A 384 8.88 -34.07 9.86
N GLN A 385 8.25 -34.48 10.96
CA GLN A 385 8.55 -33.95 12.28
C GLN A 385 8.70 -35.07 13.32
N PRO A 386 9.53 -34.85 14.37
CA PRO A 386 9.48 -35.65 15.59
C PRO A 386 8.13 -35.63 16.29
N THR A 387 7.97 -36.53 17.29
CA THR A 387 6.78 -36.69 18.11
C THR A 387 7.18 -36.58 19.59
N GLY A 388 6.21 -36.21 20.43
CA GLY A 388 6.41 -36.16 21.86
C GLY A 388 7.51 -35.18 22.24
N GLN A 389 8.48 -35.63 23.04
CA GLN A 389 9.53 -34.74 23.52
C GLN A 389 10.88 -35.08 22.88
N ILE A 390 10.91 -36.13 22.02
CA ILE A 390 12.19 -36.50 21.41
C ILE A 390 12.67 -35.29 20.60
N LYS A 391 13.93 -34.88 20.80
CA LYS A 391 14.51 -33.79 20.02
C LYS A 391 15.80 -34.28 19.40
N ILE A 392 16.21 -33.63 18.30
CA ILE A 392 17.35 -34.08 17.52
C ILE A 392 18.47 -33.06 17.70
N LYS A 393 19.58 -33.50 18.31
CA LYS A 393 20.64 -32.60 18.71
C LYS A 393 21.51 -32.28 17.50
N ARG A 394 22.22 -31.15 17.57
CA ARG A 394 23.03 -30.63 16.49
C ARG A 394 24.13 -31.61 16.09
N GLU A 395 24.68 -32.36 17.05
CA GLU A 395 25.78 -33.29 16.80
C GLU A 395 25.33 -34.49 15.97
N ASP A 396 24.01 -34.71 15.86
CA ASP A 396 23.44 -35.90 15.22
C ASP A 396 23.07 -35.63 13.76
N TYR A 397 23.23 -34.37 13.32
CA TYR A 397 22.79 -33.96 12.00
C TYR A 397 23.52 -34.78 10.94
N GLU A 398 24.84 -34.99 11.15
CA GLU A 398 25.70 -35.71 10.23
C GLU A 398 25.25 -37.15 10.03
N SER A 399 24.73 -37.79 11.09
CA SER A 399 24.40 -39.21 11.06
C SER A 399 23.11 -39.50 10.28
N LEU A 400 22.30 -38.46 10.00
CA LEU A 400 20.95 -38.62 9.48
C LEU A 400 20.93 -39.06 8.02
N PRO A 401 21.76 -38.50 7.09
CA PRO A 401 21.78 -39.00 5.72
C PRO A 401 21.99 -40.52 5.69
N LYS A 402 22.93 -41.02 6.51
CA LYS A 402 23.23 -42.44 6.58
C LYS A 402 21.97 -43.22 6.96
N GLU A 403 21.22 -42.69 7.92
CA GLU A 403 20.03 -43.38 8.42
C GLU A 403 19.02 -43.62 7.30
N VAL A 404 18.83 -42.59 6.46
CA VAL A 404 17.84 -42.65 5.40
C VAL A 404 18.24 -43.72 4.38
N ALA A 405 19.54 -43.73 4.02
CA ALA A 405 20.11 -44.63 3.04
C ALA A 405 20.04 -46.08 3.52
N SER A 406 20.00 -46.26 4.85
CA SER A 406 20.06 -47.56 5.51
C SER A 406 18.69 -48.18 5.71
N ALA A 407 17.62 -47.40 5.52
CA ALA A 407 16.28 -47.94 5.68
C ALA A 407 16.02 -48.97 4.58
N LYS A 408 15.25 -50.02 4.93
CA LYS A 408 15.03 -51.12 4.02
C LYS A 408 13.56 -51.19 3.61
N PRO A 409 13.13 -50.42 2.59
CA PRO A 409 11.75 -50.50 2.10
C PRO A 409 11.60 -51.77 1.27
N LYS A 410 10.44 -52.43 1.40
CA LYS A 410 10.21 -53.72 0.76
C LYS A 410 9.63 -53.55 -0.63
N VAL A 411 10.39 -52.89 -1.51
CA VAL A 411 10.08 -52.70 -2.92
C VAL A 411 11.38 -52.87 -3.73
N LEU A 412 11.26 -53.34 -4.96
CA LEU A 412 12.43 -53.48 -5.83
C LEU A 412 12.79 -52.11 -6.42
N LEU A 413 14.07 -51.76 -6.35
CA LEU A 413 14.57 -50.47 -6.82
C LEU A 413 15.68 -50.68 -7.85
N ASP A 414 15.62 -49.91 -8.94
CA ASP A 414 16.54 -50.04 -10.07
C ASP A 414 17.88 -49.40 -9.73
N VAL A 415 17.87 -48.31 -8.94
CA VAL A 415 19.03 -47.64 -8.39
C VAL A 415 19.05 -47.84 -6.87
N LYS A 416 20.26 -48.02 -6.33
CA LYS A 416 20.49 -47.98 -4.89
C LYS A 416 21.23 -46.69 -4.55
N LEU A 417 20.79 -45.99 -3.49
CA LEU A 417 21.36 -44.70 -3.16
C LEU A 417 22.24 -44.82 -1.92
N LYS A 418 23.17 -43.86 -1.78
CA LYS A 418 24.13 -43.83 -0.68
C LYS A 418 23.92 -42.58 0.18
N ALA A 419 24.52 -42.56 1.37
CA ALA A 419 24.42 -41.46 2.33
C ALA A 419 24.65 -40.11 1.67
N GLU A 420 25.68 -40.01 0.81
CA GLU A 420 26.10 -38.73 0.27
C GLU A 420 25.10 -38.21 -0.74
N ASP A 421 24.13 -39.05 -1.10
CA ASP A 421 23.11 -38.67 -2.08
C ASP A 421 21.94 -37.93 -1.42
N PHE A 422 21.92 -37.97 -0.08
CA PHE A 422 20.83 -37.42 0.69
C PHE A 422 21.32 -36.22 1.48
N ILE A 423 20.51 -35.14 1.50
CA ILE A 423 20.66 -34.05 2.46
C ILE A 423 19.48 -34.08 3.43
N VAL A 424 19.80 -33.98 4.73
CA VAL A 424 18.78 -33.88 5.77
C VAL A 424 19.00 -32.54 6.47
N ASP A 425 18.00 -31.67 6.36
CA ASP A 425 18.04 -30.32 6.89
C ASP A 425 17.12 -30.30 8.11
N VAL A 426 17.68 -29.98 9.27
CA VAL A 426 16.84 -29.86 10.44
C VAL A 426 16.71 -28.38 10.81
N ILE A 427 15.45 -27.96 10.96
CA ILE A 427 15.13 -26.55 11.16
C ILE A 427 14.44 -26.44 12.50
N ASN A 428 14.95 -25.55 13.36
CA ASN A 428 14.28 -25.24 14.60
C ASN A 428 13.35 -24.06 14.37
N MET A 429 12.06 -24.27 14.61
CA MET A 429 11.07 -23.19 14.60
C MET A 429 10.63 -22.92 16.03
N ASP A 430 10.92 -21.71 16.55
CA ASP A 430 10.51 -21.40 17.91
C ASP A 430 10.17 -19.91 18.08
N TYR A 431 9.66 -19.55 19.26
CA TYR A 431 9.29 -18.16 19.53
C TYR A 431 10.46 -17.34 20.10
N GLY A 432 11.69 -17.80 19.88
CA GLY A 432 12.86 -16.95 20.03
C GLY A 432 13.59 -17.16 21.34
N MET A 433 13.06 -18.07 22.14
CA MET A 433 13.57 -18.35 23.47
C MET A 433 13.45 -19.86 23.72
N GLN A 434 13.89 -20.63 22.72
CA GLN A 434 13.82 -22.08 22.74
C GLN A 434 12.40 -22.48 23.19
N GLU A 435 12.31 -23.29 24.25
N GLU A 435 12.30 -23.29 24.25
CA GLU A 435 11.09 -23.97 24.65
CA GLU A 435 11.05 -23.95 24.60
C GLU A 435 10.11 -22.98 25.28
C GLU A 435 10.11 -22.97 25.29
N LYS A 436 10.65 -21.84 25.75
CA LYS A 436 9.94 -20.87 26.57
C LYS A 436 9.03 -19.95 25.76
N ASN A 437 8.00 -19.45 26.44
CA ASN A 437 7.03 -18.50 25.94
C ASN A 437 7.52 -17.08 26.27
N PRO A 438 7.91 -16.26 25.27
CA PRO A 438 8.53 -14.96 25.53
C PRO A 438 7.57 -13.99 26.20
N ILE A 439 6.26 -14.27 26.13
CA ILE A 439 5.31 -13.33 26.71
C ILE A 439 5.37 -13.41 28.24
N ASP A 440 5.90 -14.52 28.76
CA ASP A 440 6.11 -14.67 30.19
C ASP A 440 7.23 -13.75 30.65
N HIS A 441 7.96 -13.14 29.70
CA HIS A 441 9.10 -12.28 29.97
C HIS A 441 8.81 -10.83 29.55
N VAL A 442 7.52 -10.51 29.47
CA VAL A 442 7.05 -9.17 29.14
C VAL A 442 6.31 -8.62 30.35
N SER A 443 6.49 -7.32 30.59
CA SER A 443 5.83 -6.64 31.69
C SER A 443 4.80 -5.68 31.12
N PHE A 444 3.67 -5.56 31.81
CA PHE A 444 2.52 -4.82 31.36
C PHE A 444 2.11 -3.78 32.40
N TYR A 445 1.31 -2.79 31.98
CA TYR A 445 0.74 -1.78 32.85
C TYR A 445 -0.74 -1.60 32.49
N CYS A 446 -1.52 -1.09 33.46
CA CYS A 446 -2.95 -0.94 33.31
C CYS A 446 -3.34 0.52 33.17
N LYS A 447 -4.43 0.76 32.44
CA LYS A 447 -4.98 2.09 32.23
C LYS A 447 -4.98 2.86 33.55
N THR A 448 -5.44 2.18 34.60
CA THR A 448 -5.80 2.76 35.89
C THR A 448 -4.59 3.09 36.74
N ALA A 449 -3.44 2.44 36.48
CA ALA A 449 -2.21 2.56 37.25
C ALA A 449 -0.98 2.39 36.33
N PRO A 450 -0.67 3.45 35.54
CA PRO A 450 0.33 3.39 34.46
C PRO A 450 1.77 3.15 34.87
N ASN A 451 2.07 3.33 36.16
CA ASN A 451 3.44 3.23 36.63
C ASN A 451 3.62 1.88 37.31
N ARG A 452 2.58 1.06 37.34
CA ARG A 452 2.62 -0.20 38.09
C ARG A 452 2.67 -1.40 37.15
N ALA A 453 3.84 -2.07 37.09
CA ALA A 453 4.08 -3.16 36.17
C ALA A 453 3.38 -4.40 36.71
N ILE A 454 2.77 -5.20 35.83
CA ILE A 454 2.18 -6.48 36.19
C ILE A 454 2.62 -7.55 35.20
N ARG A 455 2.23 -8.79 35.48
CA ARG A 455 2.53 -9.91 34.61
C ARG A 455 1.22 -10.48 34.14
N ILE A 456 1.22 -11.08 32.92
CA ILE A 456 0.05 -11.77 32.41
C ILE A 456 0.53 -13.14 31.96
N THR A 457 -0.17 -14.19 32.40
CA THR A 457 0.11 -15.58 32.08
C THR A 457 -0.69 -15.95 30.82
N LYS A 458 -0.37 -17.09 30.19
CA LYS A 458 -0.96 -17.55 28.92
C LYS A 458 -2.47 -17.82 29.06
N ASN A 459 -2.83 -18.50 30.16
CA ASN A 459 -4.20 -18.86 30.50
C ASN A 459 -5.05 -17.59 30.70
N GLN A 460 -4.40 -16.47 31.04
CA GLN A 460 -5.12 -15.22 31.23
C GLN A 460 -5.47 -14.56 29.88
N VAL A 461 -4.95 -15.09 28.76
CA VAL A 461 -5.13 -14.39 27.49
C VAL A 461 -6.14 -15.08 26.57
N SER A 462 -5.88 -16.34 26.21
CA SER A 462 -6.73 -17.02 25.25
C SER A 462 -6.42 -18.51 25.24
N GLN A 463 -7.45 -19.34 24.99
CA GLN A 463 -7.22 -20.77 24.89
C GLN A 463 -6.83 -21.13 23.46
N LEU A 464 -6.90 -20.16 22.55
CA LEU A 464 -6.62 -20.40 21.15
C LEU A 464 -5.13 -20.26 20.82
N LEU A 465 -4.30 -20.00 21.84
CA LEU A 465 -2.89 -19.75 21.64
C LEU A 465 -2.16 -21.09 21.67
N PRO A 466 -0.92 -21.14 21.12
CA PRO A 466 -0.11 -22.37 21.06
C PRO A 466 0.17 -23.07 22.39
N GLU A 467 0.23 -24.41 22.41
CA GLU A 467 0.52 -25.13 23.63
C GLU A 467 2.02 -25.22 23.88
N LYS A 468 2.80 -25.32 22.78
CA LYS A 468 4.26 -25.40 22.79
C LYS A 468 4.84 -24.24 21.98
N PHE A 469 6.13 -23.96 22.12
CA PHE A 469 6.69 -22.75 21.52
C PHE A 469 7.93 -23.05 20.70
N ALA A 470 8.19 -24.34 20.44
CA ALA A 470 9.37 -24.78 19.70
C ALA A 470 9.06 -26.13 19.05
N GLU A 471 9.52 -26.33 17.81
CA GLU A 471 9.39 -27.61 17.14
C GLU A 471 10.51 -27.78 16.12
N GLN A 472 10.56 -28.96 15.49
CA GLN A 472 11.58 -29.22 14.50
C GLN A 472 10.95 -29.67 13.18
N LEU A 473 11.43 -29.11 12.06
CA LEU A 473 11.16 -29.65 10.73
C LEU A 473 12.39 -30.39 10.22
N ILE A 474 12.14 -31.59 9.64
CA ILE A 474 13.15 -32.33 8.90
C ILE A 474 12.77 -32.33 7.43
N ARG A 475 13.60 -31.69 6.58
CA ARG A 475 13.40 -31.76 5.14
C ARG A 475 14.48 -32.67 4.57
N VAL A 476 14.10 -33.49 3.59
CA VAL A 476 15.07 -34.36 2.97
C VAL A 476 15.14 -34.01 1.49
N TYR A 477 16.35 -33.80 0.96
CA TYR A 477 16.50 -33.68 -0.48
C TYR A 477 17.40 -34.80 -0.97
N CYS A 478 17.45 -35.00 -2.29
CA CYS A 478 18.32 -35.98 -2.91
C CYS A 478 19.18 -35.26 -3.95
N LYS A 479 20.49 -35.54 -3.96
CA LYS A 479 21.42 -34.90 -4.89
C LYS A 479 21.35 -35.54 -6.27
N LYS A 480 20.82 -36.78 -6.35
CA LYS A 480 20.58 -37.42 -7.64
C LYS A 480 19.22 -36.95 -8.16
N VAL A 481 19.19 -36.41 -9.38
CA VAL A 481 18.11 -35.53 -9.83
C VAL A 481 17.13 -36.27 -10.74
N ASP A 482 17.58 -37.40 -11.32
CA ASP A 482 16.84 -38.17 -12.31
C ASP A 482 15.59 -38.81 -11.71
N ARG A 483 14.68 -39.22 -12.58
CA ARG A 483 13.35 -39.62 -12.14
C ARG A 483 13.42 -40.92 -11.35
N LYS A 484 14.29 -41.83 -11.76
CA LYS A 484 14.43 -43.14 -11.14
C LYS A 484 15.00 -42.98 -9.72
N SER A 485 16.02 -42.12 -9.57
CA SER A 485 16.62 -41.84 -8.27
C SER A 485 15.64 -41.16 -7.32
N LEU A 486 14.86 -40.19 -7.86
CA LEU A 486 13.87 -39.46 -7.06
C LEU A 486 12.88 -40.44 -6.47
N TYR A 487 12.34 -41.34 -7.29
CA TYR A 487 11.38 -42.31 -6.82
C TYR A 487 11.99 -43.14 -5.68
N ALA A 488 13.23 -43.61 -5.88
CA ALA A 488 13.89 -44.44 -4.90
C ALA A 488 14.04 -43.70 -3.58
N ALA A 489 14.54 -42.46 -3.64
CA ALA A 489 14.75 -41.59 -2.51
C ALA A 489 13.47 -41.44 -1.67
N ARG A 490 12.32 -41.34 -2.34
CA ARG A 490 11.03 -41.22 -1.67
C ARG A 490 10.74 -42.48 -0.87
N GLN A 491 11.06 -43.66 -1.43
CA GLN A 491 10.77 -44.92 -0.75
C GLN A 491 11.63 -45.05 0.50
N TYR A 492 12.93 -44.77 0.37
CA TYR A 492 13.81 -44.74 1.53
C TYR A 492 13.25 -43.80 2.59
N PHE A 493 12.90 -42.59 2.16
CA PHE A 493 12.50 -41.52 3.06
C PHE A 493 11.26 -41.91 3.87
N VAL A 494 10.20 -42.34 3.19
CA VAL A 494 8.94 -42.66 3.86
C VAL A 494 9.14 -43.84 4.80
N GLN A 495 10.02 -44.78 4.42
CA GLN A 495 10.36 -45.93 5.24
C GLN A 495 11.05 -45.45 6.52
N TRP A 496 12.00 -44.53 6.36
CA TRP A 496 12.77 -43.97 7.46
C TRP A 496 11.84 -43.30 8.45
N CYS A 497 10.86 -42.54 7.92
CA CYS A 497 9.82 -41.87 8.72
C CYS A 497 9.09 -42.89 9.60
N ALA A 498 8.57 -43.96 8.98
CA ALA A 498 7.94 -45.08 9.67
C ALA A 498 8.87 -45.63 10.75
N ASP A 499 10.09 -45.98 10.35
CA ASP A 499 11.09 -46.56 11.24
C ASP A 499 11.23 -45.73 12.52
N ARG A 500 11.31 -44.40 12.39
CA ARG A 500 11.66 -43.56 13.53
C ARG A 500 10.43 -43.01 14.25
N ASN A 501 9.23 -43.38 13.77
CA ASN A 501 7.97 -42.91 14.33
C ASN A 501 7.84 -41.38 14.19
N PHE A 502 8.34 -40.85 13.07
CA PHE A 502 8.08 -39.49 12.67
C PHE A 502 6.68 -39.39 12.06
N THR A 503 6.22 -38.15 11.84
CA THR A 503 4.89 -37.90 11.28
C THR A 503 4.84 -38.33 9.82
N LYS A 504 3.68 -38.85 9.39
CA LYS A 504 3.41 -39.26 8.01
C LYS A 504 3.60 -38.07 7.06
N PRO A 505 4.57 -38.07 6.10
CA PRO A 505 4.63 -37.01 5.09
C PRO A 505 3.25 -36.73 4.49
N GLN A 506 2.95 -35.44 4.21
CA GLN A 506 1.62 -35.07 3.75
C GLN A 506 1.24 -35.86 2.50
N ASP A 507 2.22 -36.12 1.63
CA ASP A 507 1.96 -36.70 0.32
C ASP A 507 2.31 -38.17 0.31
N GLY A 508 2.40 -38.76 1.52
CA GLY A 508 2.89 -40.13 1.70
C GLY A 508 2.21 -41.18 0.81
N ASP A 509 0.87 -41.13 0.77
CA ASP A 509 0.03 -42.08 0.04
C ASP A 509 0.25 -41.98 -1.46
N VAL A 510 0.73 -40.82 -1.92
CA VAL A 510 0.91 -40.56 -3.33
C VAL A 510 2.31 -40.99 -3.75
N ILE A 511 3.35 -40.56 -3.00
CA ILE A 511 4.74 -40.73 -3.41
C ILE A 511 5.23 -42.16 -3.12
N ALA A 512 4.65 -42.78 -2.07
CA ALA A 512 5.09 -44.07 -1.58
C ALA A 512 3.88 -44.95 -1.23
N PRO A 513 2.99 -45.28 -2.20
CA PRO A 513 1.76 -46.02 -1.88
C PRO A 513 2.03 -47.41 -1.31
N LEU A 514 3.23 -47.94 -1.56
CA LEU A 514 3.57 -49.30 -1.18
C LEU A 514 4.04 -49.35 0.28
N ILE A 515 4.49 -48.20 0.80
CA ILE A 515 5.15 -48.12 2.10
C ILE A 515 4.16 -47.71 3.18
N THR A 516 3.22 -46.82 2.84
CA THR A 516 2.33 -46.18 3.82
C THR A 516 1.38 -47.18 4.52
N PRO A 517 0.83 -48.21 3.84
CA PRO A 517 -0.05 -49.16 4.55
C PRO A 517 0.60 -49.93 5.71
N GLN A 518 1.93 -50.10 5.69
CA GLN A 518 2.67 -50.84 6.71
C GLN A 518 2.43 -50.24 8.09
N LYS A 519 2.48 -48.90 8.19
CA LYS A 519 2.41 -48.20 9.46
C LYS A 519 0.94 -48.09 9.88
N LYS A 520 0.62 -48.69 11.03
CA LYS A 520 -0.72 -48.86 11.57
C LYS A 520 -1.32 -47.49 11.92
N GLU A 521 -0.53 -46.71 12.67
CA GLU A 521 -0.88 -45.39 13.18
C GLU A 521 -1.35 -44.46 12.06
N TRP A 522 -0.74 -44.55 10.87
CA TRP A 522 -1.09 -43.73 9.71
C TRP A 522 -2.41 -44.19 9.07
N ASN A 523 -2.83 -45.44 9.36
CA ASN A 523 -3.83 -46.19 8.62
C ASN A 523 -3.21 -46.93 7.42
N ASP B 37 -1.44 15.15 29.07
CA ASP B 37 -2.34 15.04 30.23
C ASP B 37 -2.71 13.56 30.35
N THR B 38 -3.68 13.11 29.53
CA THR B 38 -3.97 11.74 29.12
C THR B 38 -4.41 11.79 27.65
N MET B 39 -3.47 11.50 26.73
CA MET B 39 -3.71 11.48 25.29
C MET B 39 -4.66 10.34 24.89
N LYS B 40 -5.67 10.65 24.07
CA LYS B 40 -6.48 9.63 23.42
C LYS B 40 -5.85 9.28 22.05
N VAL B 41 -5.75 7.98 21.78
CA VAL B 41 -5.14 7.43 20.58
C VAL B 41 -6.26 6.98 19.65
N ILE B 42 -6.21 7.42 18.38
CA ILE B 42 -7.18 7.02 17.36
C ILE B 42 -6.40 6.40 16.19
N ASN B 43 -6.89 5.25 15.69
CA ASN B 43 -6.25 4.58 14.56
C ASN B 43 -6.89 5.09 13.26
N ASP B 44 -6.17 5.93 12.49
CA ASP B 44 -6.68 6.43 11.21
C ASP B 44 -6.04 5.59 10.10
N PRO B 45 -6.74 5.14 9.02
CA PRO B 45 -6.09 4.37 7.96
C PRO B 45 -5.00 5.17 7.27
N ILE B 46 -5.20 6.47 7.07
CA ILE B 46 -4.24 7.26 6.32
C ILE B 46 -3.06 7.59 7.23
N HIS B 47 -3.32 8.03 8.47
CA HIS B 47 -2.28 8.58 9.32
C HIS B 47 -1.78 7.61 10.37
N GLY B 48 -2.41 6.44 10.54
CA GLY B 48 -1.99 5.51 11.58
C GLY B 48 -2.47 5.99 12.94
N HIS B 49 -1.66 5.77 13.99
CA HIS B 49 -2.04 6.12 15.33
C HIS B 49 -1.79 7.61 15.60
N ILE B 50 -2.87 8.41 15.66
CA ILE B 50 -2.91 9.81 16.04
C ILE B 50 -3.07 9.92 17.56
N GLU B 51 -2.45 10.92 18.20
CA GLU B 51 -2.77 11.31 19.56
C GLU B 51 -3.65 12.54 19.55
N LEU B 52 -4.69 12.55 20.38
CA LEU B 52 -5.56 13.71 20.58
C LEU B 52 -5.49 14.14 22.03
N HIS B 53 -5.07 15.39 22.23
CA HIS B 53 -5.17 16.15 23.46
C HIS B 53 -6.59 16.14 24.06
N PRO B 54 -6.74 16.09 25.41
CA PRO B 54 -8.06 16.08 26.04
C PRO B 54 -9.00 17.17 25.56
N LEU B 55 -8.45 18.34 25.20
CA LEU B 55 -9.24 19.50 24.82
C LEU B 55 -9.90 19.25 23.46
N LEU B 56 -9.13 18.59 22.59
CA LEU B 56 -9.60 18.26 21.26
C LEU B 56 -10.67 17.18 21.42
N VAL B 57 -10.48 16.25 22.37
CA VAL B 57 -11.50 15.23 22.58
C VAL B 57 -12.81 15.90 22.97
N ARG B 58 -12.72 16.94 23.79
CA ARG B 58 -13.94 17.56 24.28
C ARG B 58 -14.68 18.25 23.13
N ILE B 59 -13.93 18.81 22.19
CA ILE B 59 -14.53 19.50 21.06
C ILE B 59 -15.16 18.46 20.13
N ILE B 60 -14.53 17.30 20.02
CA ILE B 60 -14.95 16.28 19.06
C ILE B 60 -16.25 15.65 19.56
N ASP B 61 -16.36 15.49 20.89
CA ASP B 61 -17.43 14.70 21.48
C ASP B 61 -18.68 15.56 21.75
N THR B 62 -19.11 16.27 20.71
CA THR B 62 -20.23 17.18 20.75
C THR B 62 -21.11 16.92 19.54
N PRO B 63 -22.44 17.18 19.63
CA PRO B 63 -23.34 16.95 18.50
C PRO B 63 -22.92 17.69 17.23
N GLN B 64 -22.26 18.84 17.40
CA GLN B 64 -21.93 19.73 16.28
C GLN B 64 -20.78 19.13 15.48
N PHE B 65 -19.88 18.45 16.20
CA PHE B 65 -18.75 17.81 15.56
C PHE B 65 -19.15 16.44 15.03
N GLN B 66 -19.82 15.64 15.86
CA GLN B 66 -20.21 14.31 15.46
C GLN B 66 -21.14 14.34 14.25
N ARG B 67 -21.71 15.49 13.96
CA ARG B 67 -22.64 15.66 12.85
C ARG B 67 -21.91 15.28 11.57
N LEU B 68 -20.58 15.53 11.53
CA LEU B 68 -19.82 15.34 10.31
C LEU B 68 -19.70 13.86 9.93
N ARG B 69 -20.09 12.94 10.83
CA ARG B 69 -20.10 11.53 10.48
C ARG B 69 -21.17 11.24 9.44
N TYR B 70 -22.08 12.20 9.21
CA TYR B 70 -23.26 11.95 8.38
C TYR B 70 -23.21 12.78 7.10
N ILE B 71 -22.01 13.16 6.68
CA ILE B 71 -21.84 13.96 5.47
C ILE B 71 -20.66 13.38 4.68
N LYS B 72 -21.00 12.73 3.54
CA LYS B 72 -20.05 12.16 2.60
C LYS B 72 -19.09 13.25 2.12
N GLN B 73 -17.78 12.95 2.17
CA GLN B 73 -16.75 13.87 1.70
C GLN B 73 -17.01 14.20 0.22
N LEU B 74 -17.25 13.18 -0.62
CA LEU B 74 -17.27 13.50 -2.05
C LEU B 74 -18.70 13.60 -2.62
N GLY B 75 -19.71 13.65 -1.75
CA GLY B 75 -21.06 13.92 -2.23
C GLY B 75 -21.49 12.76 -3.13
N GLY B 76 -21.97 13.12 -4.33
CA GLY B 76 -22.40 12.17 -5.34
C GLY B 76 -21.27 11.25 -5.80
N GLY B 77 -20.03 11.62 -5.52
CA GLY B 77 -18.89 10.80 -5.90
C GLY B 77 -19.04 9.31 -5.53
N TYR B 78 -19.74 9.06 -4.41
CA TYR B 78 -19.79 7.70 -3.89
C TYR B 78 -20.69 6.86 -4.78
N TYR B 79 -21.56 7.53 -5.53
CA TYR B 79 -22.46 6.85 -6.45
C TYR B 79 -21.73 6.45 -7.74
N VAL B 80 -20.43 6.84 -7.86
CA VAL B 80 -19.62 6.48 -9.02
C VAL B 80 -18.40 5.68 -8.56
N PHE B 81 -17.82 6.10 -7.44
CA PHE B 81 -16.66 5.41 -6.90
C PHE B 81 -17.11 4.73 -5.61
N PRO B 82 -17.42 3.43 -5.65
CA PRO B 82 -18.03 2.76 -4.48
C PRO B 82 -17.11 2.78 -3.27
N GLY B 83 -15.85 3.17 -3.42
CA GLY B 83 -14.95 3.16 -2.28
C GLY B 83 -15.13 4.41 -1.42
N ALA B 84 -15.59 5.51 -2.06
CA ALA B 84 -15.71 6.84 -1.49
C ALA B 84 -16.91 6.95 -0.55
N SER B 85 -16.97 6.06 0.45
CA SER B 85 -17.92 6.11 1.55
C SER B 85 -17.50 7.09 2.67
N HIS B 86 -16.31 7.69 2.60
CA HIS B 86 -15.79 8.41 3.75
C HIS B 86 -16.54 9.73 3.93
N ASN B 87 -16.58 10.17 5.19
CA ASN B 87 -17.33 11.33 5.64
C ASN B 87 -16.40 12.42 6.15
N ARG B 88 -16.97 13.63 6.34
CA ARG B 88 -16.17 14.79 6.68
C ARG B 88 -15.51 14.60 8.04
N PHE B 89 -16.21 13.90 8.95
CA PHE B 89 -15.70 13.59 10.28
C PHE B 89 -14.25 13.10 10.22
N GLU B 90 -14.00 12.01 9.53
CA GLU B 90 -12.66 11.43 9.56
C GLU B 90 -11.64 12.36 8.89
N HIS B 91 -12.06 13.06 7.83
CA HIS B 91 -11.20 14.04 7.18
C HIS B 91 -10.75 15.07 8.22
N SER B 92 -11.70 15.44 9.08
CA SER B 92 -11.47 16.50 10.04
C SER B 92 -10.40 16.10 11.04
N LEU B 93 -10.43 14.86 11.51
CA LEU B 93 -9.42 14.36 12.43
C LEU B 93 -8.08 14.47 11.73
N GLY B 94 -8.03 14.08 10.44
CA GLY B 94 -6.77 14.07 9.71
C GLY B 94 -6.22 15.48 9.57
N VAL B 95 -7.13 16.45 9.30
CA VAL B 95 -6.65 17.80 9.05
C VAL B 95 -6.08 18.39 10.32
N GLY B 96 -6.79 18.11 11.41
CA GLY B 96 -6.37 18.49 12.75
C GLY B 96 -5.00 17.90 13.04
N TYR B 97 -4.85 16.60 12.72
CA TYR B 97 -3.61 15.92 13.04
C TYR B 97 -2.45 16.52 12.25
N LEU B 98 -2.65 16.72 10.94
CA LEU B 98 -1.61 17.29 10.08
C LEU B 98 -1.27 18.72 10.48
N ALA B 99 -2.28 19.54 10.82
CA ALA B 99 -2.00 20.88 11.33
C ALA B 99 -0.99 20.80 12.47
N GLY B 100 -1.27 19.94 13.45
CA GLY B 100 -0.40 19.69 14.58
C GLY B 100 1.01 19.29 14.16
N CYS B 101 1.10 18.42 13.16
CA CYS B 101 2.37 17.92 12.69
C CYS B 101 3.23 19.06 12.16
N LEU B 102 2.65 19.90 11.29
CA LEU B 102 3.45 20.94 10.66
C LEU B 102 3.89 21.96 11.72
N VAL B 103 2.98 22.31 12.64
CA VAL B 103 3.33 23.34 13.62
C VAL B 103 4.43 22.82 14.56
N HIS B 104 4.34 21.54 14.95
N HIS B 104 4.35 21.54 14.94
CA HIS B 104 5.34 20.92 15.80
CA HIS B 104 5.35 20.91 15.79
C HIS B 104 6.70 20.89 15.09
C HIS B 104 6.70 20.88 15.10
N ALA B 105 6.69 20.54 13.81
CA ALA B 105 7.92 20.43 13.05
C ALA B 105 8.61 21.79 12.95
N LEU B 106 7.81 22.85 12.70
CA LEU B 106 8.40 24.17 12.54
C LEU B 106 9.07 24.54 13.87
N GLY B 107 8.35 24.23 14.96
CA GLY B 107 8.79 24.37 16.34
C GLY B 107 10.16 23.74 16.60
N GLU B 108 10.35 22.49 16.15
CA GLU B 108 11.53 21.74 16.54
C GLU B 108 12.75 22.25 15.80
N LYS B 109 12.56 22.69 14.56
CA LYS B 109 13.64 23.22 13.75
C LYS B 109 14.02 24.61 14.25
N GLN B 110 13.04 25.44 14.61
CA GLN B 110 13.30 26.86 14.86
C GLN B 110 12.71 27.34 16.19
N PRO B 111 13.40 27.07 17.33
CA PRO B 111 12.90 27.47 18.64
C PRO B 111 12.73 28.99 18.73
N GLU B 112 13.47 29.71 17.87
CA GLU B 112 13.41 31.16 17.84
C GLU B 112 12.02 31.65 17.42
N LEU B 113 11.18 30.75 16.87
CA LEU B 113 9.85 31.16 16.46
C LEU B 113 8.99 31.40 17.68
N GLN B 114 9.39 30.79 18.82
CA GLN B 114 8.69 30.90 20.10
C GLN B 114 7.26 30.35 19.98
N ILE B 115 7.13 29.18 19.35
CA ILE B 115 5.81 28.58 19.21
C ILE B 115 5.49 27.91 20.56
N SER B 116 4.31 28.21 21.13
CA SER B 116 3.92 27.69 22.44
C SER B 116 2.90 26.58 22.31
N GLU B 117 2.71 25.82 23.41
CA GLU B 117 1.66 24.79 23.48
C GLU B 117 0.30 25.41 23.15
N ARG B 118 0.12 26.65 23.57
CA ARG B 118 -1.10 27.40 23.28
C ARG B 118 -1.29 27.54 21.77
N ASP B 119 -0.22 27.91 21.07
CA ASP B 119 -0.25 28.10 19.62
C ASP B 119 -0.59 26.77 18.94
N VAL B 120 0.09 25.70 19.36
CA VAL B 120 -0.08 24.38 18.78
C VAL B 120 -1.55 23.98 18.92
N LEU B 121 -2.12 24.18 20.12
CA LEU B 121 -3.47 23.72 20.34
C LEU B 121 -4.44 24.47 19.45
N CYS B 122 -4.20 25.77 19.23
CA CYS B 122 -5.10 26.57 18.41
C CYS B 122 -5.03 26.15 16.95
N VAL B 123 -3.83 25.83 16.46
CA VAL B 123 -3.68 25.38 15.09
C VAL B 123 -4.37 24.02 14.94
N GLN B 124 -4.18 23.15 15.95
CA GLN B 124 -4.87 21.86 15.94
C GLN B 124 -6.38 22.07 15.89
N ILE B 125 -6.90 23.01 16.71
CA ILE B 125 -8.34 23.19 16.85
C ILE B 125 -8.89 23.72 15.52
N ALA B 126 -8.17 24.68 14.94
CA ALA B 126 -8.62 25.22 13.66
C ALA B 126 -8.66 24.10 12.62
N GLY B 127 -7.59 23.28 12.55
CA GLY B 127 -7.55 22.18 11.61
C GLY B 127 -8.77 21.24 11.78
N LEU B 128 -9.04 20.87 13.03
CA LEU B 128 -10.14 19.99 13.41
C LEU B 128 -11.49 20.55 12.96
N CYS B 129 -11.60 21.89 13.01
CA CYS B 129 -12.93 22.50 12.92
C CYS B 129 -13.21 23.22 11.60
N ARG B 130 -12.30 23.17 10.62
CA ARG B 130 -12.53 23.97 9.43
C ARG B 130 -13.45 23.29 8.42
N ASN B 131 -14.07 22.16 8.80
CA ASN B 131 -15.10 21.52 7.97
C ASN B 131 -16.48 21.53 8.63
N LEU B 132 -16.64 22.24 9.75
CA LEU B 132 -17.87 22.19 10.53
C LEU B 132 -19.07 22.68 9.73
N GLY B 133 -18.84 23.54 8.73
CA GLY B 133 -19.89 24.24 7.99
C GLY B 133 -20.39 23.52 6.73
N HIS B 134 -19.87 22.30 6.46
CA HIS B 134 -20.29 21.56 5.30
C HIS B 134 -21.75 21.13 5.46
N GLY B 135 -22.46 21.11 4.33
CA GLY B 135 -23.86 20.71 4.32
C GLY B 135 -24.01 19.32 3.71
N PRO B 136 -25.26 18.83 3.56
CA PRO B 136 -25.50 17.49 3.01
C PRO B 136 -24.83 17.34 1.65
N PHE B 137 -24.10 16.24 1.47
CA PHE B 137 -23.34 15.90 0.26
C PHE B 137 -22.24 16.91 -0.04
N SER B 138 -21.72 17.58 0.99
CA SER B 138 -20.57 18.47 0.88
C SER B 138 -20.73 19.54 -0.19
N HIS B 139 -20.01 19.38 -1.32
CA HIS B 139 -19.92 20.43 -2.33
C HIS B 139 -21.29 20.68 -2.94
N MET B 140 -22.09 19.62 -3.08
CA MET B 140 -23.41 19.79 -3.66
C MET B 140 -24.17 20.95 -2.99
N PHE B 141 -24.12 20.99 -1.65
CA PHE B 141 -24.85 21.96 -0.87
C PHE B 141 -24.37 23.38 -1.12
N ASP B 142 -23.06 23.61 -1.00
CA ASP B 142 -22.56 24.97 -1.07
C ASP B 142 -22.30 25.36 -2.53
N GLY B 143 -22.11 24.35 -3.39
CA GLY B 143 -21.80 24.58 -4.79
C GLY B 143 -23.03 24.69 -5.69
N ARG B 144 -24.11 23.94 -5.39
CA ARG B 144 -25.25 23.90 -6.29
C ARG B 144 -26.52 24.39 -5.60
N PHE B 145 -26.82 23.84 -4.42
CA PHE B 145 -28.10 24.04 -3.78
C PHE B 145 -28.28 25.46 -3.24
N ILE B 146 -27.40 25.91 -2.36
CA ILE B 146 -27.62 27.21 -1.74
C ILE B 146 -27.57 28.34 -2.77
N PRO B 147 -26.66 28.36 -3.77
CA PRO B 147 -26.70 29.36 -4.84
C PRO B 147 -28.06 29.45 -5.53
N LEU B 148 -28.73 28.29 -5.73
CA LEU B 148 -30.02 28.27 -6.40
C LEU B 148 -31.16 28.62 -5.44
N ALA B 149 -31.12 28.08 -4.21
CA ALA B 149 -32.18 28.23 -3.22
C ALA B 149 -32.19 29.61 -2.59
N ARG B 150 -31.03 30.18 -2.32
CA ARG B 150 -30.93 31.45 -1.62
C ARG B 150 -29.93 32.35 -2.34
N PRO B 151 -30.21 32.76 -3.61
CA PRO B 151 -29.27 33.58 -4.37
C PRO B 151 -28.96 34.94 -3.77
N GLU B 152 -29.83 35.43 -2.87
CA GLU B 152 -29.63 36.74 -2.26
C GLU B 152 -28.47 36.67 -1.26
N VAL B 153 -28.35 35.57 -0.51
CA VAL B 153 -27.26 35.44 0.45
C VAL B 153 -26.02 34.96 -0.30
N LYS B 154 -24.84 35.34 0.22
CA LYS B 154 -23.58 34.74 -0.20
C LYS B 154 -23.07 33.82 0.92
N TRP B 155 -22.94 32.52 0.61
CA TRP B 155 -22.65 31.53 1.62
C TRP B 155 -21.45 30.68 1.22
N THR B 156 -20.54 30.46 2.18
CA THR B 156 -19.34 29.65 1.98
C THR B 156 -19.24 28.64 3.13
N HIS B 157 -18.60 27.50 2.87
CA HIS B 157 -18.41 26.54 3.94
C HIS B 157 -17.62 27.19 5.08
N GLU B 158 -16.75 28.13 4.70
CA GLU B 158 -15.92 28.82 5.68
C GLU B 158 -16.80 29.57 6.67
N GLN B 159 -17.76 30.33 6.17
CA GLN B 159 -18.69 31.07 7.02
C GLN B 159 -19.46 30.11 7.90
N GLY B 160 -19.96 29.04 7.29
CA GLY B 160 -20.65 28.02 8.06
C GLY B 160 -19.78 27.43 9.16
N SER B 161 -18.49 27.25 8.86
CA SER B 161 -17.59 26.60 9.81
C SER B 161 -17.41 27.52 11.01
N VAL B 162 -17.31 28.82 10.74
CA VAL B 162 -17.13 29.78 11.82
C VAL B 162 -18.35 29.75 12.73
N MET B 163 -19.54 29.78 12.12
CA MET B 163 -20.80 29.87 12.83
C MET B 163 -21.00 28.61 13.68
N MET B 164 -20.75 27.46 13.07
CA MET B 164 -20.93 26.18 13.74
C MET B 164 -19.90 26.03 14.86
N PHE B 165 -18.68 26.57 14.66
CA PHE B 165 -17.67 26.48 15.69
C PHE B 165 -18.15 27.25 16.93
N GLU B 166 -18.63 28.48 16.68
CA GLU B 166 -19.24 29.34 17.68
C GLU B 166 -20.35 28.60 18.42
N HIS B 167 -21.26 27.96 17.67
CA HIS B 167 -22.36 27.19 18.26
C HIS B 167 -21.83 26.04 19.11
N LEU B 168 -20.78 25.35 18.63
CA LEU B 168 -20.20 24.22 19.33
C LEU B 168 -19.64 24.70 20.67
N ILE B 169 -18.90 25.81 20.61
CA ILE B 169 -18.25 26.39 21.78
C ILE B 169 -19.30 26.73 22.83
N ASN B 170 -20.33 27.49 22.43
CA ASN B 170 -21.32 28.02 23.35
C ASN B 170 -22.25 26.92 23.89
N SER B 171 -22.63 25.94 23.06
CA SER B 171 -23.52 24.89 23.52
C SER B 171 -22.84 23.87 24.43
N ASN B 172 -21.52 23.85 24.52
CA ASN B 172 -20.89 22.72 25.19
C ASN B 172 -19.91 23.18 26.27
N GLY B 173 -19.94 24.48 26.61
CA GLY B 173 -19.14 25.01 27.71
C GLY B 173 -17.64 24.79 27.51
N ILE B 174 -17.17 25.06 26.30
CA ILE B 174 -15.80 24.77 25.91
C ILE B 174 -14.84 25.82 26.49
N LYS B 175 -15.31 27.06 26.63
CA LYS B 175 -14.43 28.17 26.99
C LYS B 175 -13.67 27.89 28.30
N PRO B 176 -14.33 27.42 29.39
CA PRO B 176 -13.58 27.04 30.60
C PRO B 176 -12.56 25.93 30.37
N VAL B 177 -12.89 24.96 29.49
CA VAL B 177 -11.94 23.89 29.22
C VAL B 177 -10.71 24.46 28.49
N MET B 178 -10.94 25.39 27.57
CA MET B 178 -9.85 26.05 26.90
C MET B 178 -8.94 26.73 27.91
N GLU B 179 -9.54 27.40 28.89
CA GLU B 179 -8.80 28.16 29.89
C GLU B 179 -7.99 27.20 30.76
N GLN B 180 -8.57 26.04 31.05
CA GLN B 180 -7.95 25.01 31.87
C GLN B 180 -6.63 24.56 31.27
N TYR B 181 -6.50 24.59 29.93
CA TYR B 181 -5.29 24.12 29.26
C TYR B 181 -4.46 25.32 28.78
N GLY B 182 -4.77 26.49 29.31
CA GLY B 182 -3.86 27.63 29.16
C GLY B 182 -4.20 28.48 27.96
N LEU B 183 -5.35 28.24 27.32
CA LEU B 183 -5.78 29.10 26.24
C LEU B 183 -6.45 30.34 26.82
N ILE B 184 -6.39 31.46 26.10
CA ILE B 184 -7.12 32.68 26.44
C ILE B 184 -8.28 32.83 25.46
N PRO B 185 -9.49 32.38 25.81
CA PRO B 185 -10.58 32.25 24.83
C PRO B 185 -10.84 33.46 23.94
N GLU B 186 -10.79 34.66 24.49
CA GLU B 186 -11.15 35.82 23.69
C GLU B 186 -10.26 35.89 22.44
N GLU B 187 -8.93 35.93 22.66
CA GLU B 187 -7.92 36.02 21.62
C GLU B 187 -7.87 34.75 20.75
N ASP B 188 -7.97 33.58 21.40
CA ASP B 188 -7.69 32.31 20.78
C ASP B 188 -8.83 31.93 19.85
N ILE B 189 -10.07 32.20 20.29
CA ILE B 189 -11.23 31.93 19.47
C ILE B 189 -11.17 32.82 18.22
N CYS B 190 -10.71 34.05 18.40
CA CYS B 190 -10.49 34.93 17.26
C CYS B 190 -9.48 34.27 16.28
N PHE B 191 -8.34 33.83 16.81
CA PHE B 191 -7.28 33.23 16.04
C PHE B 191 -7.82 32.03 15.25
N ILE B 192 -8.61 31.20 15.94
CA ILE B 192 -9.12 29.98 15.37
C ILE B 192 -10.06 30.28 14.20
N LYS B 193 -10.97 31.24 14.39
CA LYS B 193 -11.90 31.62 13.34
C LYS B 193 -11.14 32.25 12.17
N GLU B 194 -10.10 33.03 12.46
CA GLU B 194 -9.32 33.65 11.38
C GLU B 194 -8.64 32.61 10.51
N GLN B 195 -8.11 31.55 11.14
CA GLN B 195 -7.56 30.40 10.42
C GLN B 195 -8.60 29.77 9.50
N ILE B 196 -9.87 29.81 9.92
CA ILE B 196 -10.94 29.13 9.21
C ILE B 196 -11.42 29.95 8.01
N VAL B 197 -11.58 31.26 8.17
CA VAL B 197 -12.34 32.05 7.21
C VAL B 197 -11.48 33.14 6.58
N GLY B 198 -10.34 33.47 7.18
CA GLY B 198 -9.52 34.53 6.65
C GLY B 198 -9.64 35.77 7.52
N PRO B 199 -9.13 36.94 7.05
CA PRO B 199 -9.28 38.21 7.77
C PRO B 199 -10.74 38.54 8.05
N LEU B 200 -11.06 38.74 9.34
CA LEU B 200 -12.43 38.93 9.82
C LEU B 200 -12.98 40.29 9.39
N GLU B 201 -12.11 41.30 9.34
CA GLU B 201 -12.39 42.62 8.79
C GLU B 201 -13.86 43.04 9.03
N LEU B 208 -1.27 47.45 7.91
CA LEU B 208 -1.78 46.60 6.78
C LEU B 208 -1.88 45.13 7.20
N TRP B 209 -1.31 44.70 8.36
CA TRP B 209 -1.60 43.40 8.97
C TRP B 209 -3.08 43.30 9.34
N PRO B 210 -3.85 42.41 8.69
CA PRO B 210 -5.28 42.33 8.94
C PRO B 210 -5.79 41.45 10.08
N TYR B 211 -4.89 40.70 10.76
CA TYR B 211 -5.32 39.68 11.72
C TYR B 211 -5.20 40.19 13.16
N LYS B 212 -6.08 39.70 14.04
CA LYS B 212 -6.15 40.16 15.41
C LYS B 212 -5.90 39.02 16.40
N GLY B 213 -5.90 37.78 15.93
CA GLY B 213 -5.69 36.62 16.77
C GLY B 213 -4.21 36.42 17.13
N ARG B 214 -3.32 36.80 16.23
CA ARG B 214 -1.90 36.71 16.45
C ARG B 214 -1.24 37.86 15.68
N PRO B 215 -0.06 38.34 16.14
CA PRO B 215 0.69 39.38 15.43
C PRO B 215 1.56 38.85 14.29
N GLU B 216 2.23 39.77 13.56
CA GLU B 216 2.98 39.47 12.34
C GLU B 216 4.13 38.47 12.57
N ASN B 217 4.67 38.42 13.79
CA ASN B 217 5.84 37.60 14.09
C ASN B 217 5.44 36.13 14.13
N LYS B 218 4.13 35.90 14.09
CA LYS B 218 3.53 34.57 14.15
C LYS B 218 2.74 34.31 12.86
N SER B 219 2.95 35.16 11.84
CA SER B 219 2.17 35.15 10.61
C SER B 219 2.09 33.77 9.97
N PHE B 220 3.18 32.98 10.09
CA PHE B 220 3.29 31.68 9.49
C PHE B 220 2.21 30.73 10.00
N LEU B 221 1.67 30.99 11.19
CA LEU B 221 0.66 30.08 11.71
C LEU B 221 -0.60 30.11 10.84
N TYR B 222 -0.78 31.19 10.07
CA TYR B 222 -1.99 31.35 9.26
C TYR B 222 -1.86 30.60 7.94
N GLU B 223 -0.70 30.00 7.72
CA GLU B 223 -0.38 29.36 6.45
C GLU B 223 -0.58 27.85 6.54
N ILE B 224 -1.05 27.32 7.67
CA ILE B 224 -1.12 25.89 7.92
C ILE B 224 -2.51 25.33 7.57
N VAL B 225 -3.58 25.83 8.20
CA VAL B 225 -4.89 25.20 8.13
C VAL B 225 -5.61 25.61 6.84
N SER B 226 -5.63 26.90 6.56
CA SER B 226 -6.27 27.34 5.33
C SER B 226 -5.48 28.52 4.76
N ASN B 227 -4.57 28.18 3.83
CA ASN B 227 -3.51 29.05 3.34
C ASN B 227 -4.09 29.96 2.26
N LYS B 228 -4.41 31.20 2.65
CA LYS B 228 -5.00 32.11 1.68
C LYS B 228 -3.95 32.67 0.73
N ARG B 229 -2.66 32.47 1.05
CA ARG B 229 -1.58 33.11 0.30
C ARG B 229 -1.32 32.35 -1.00
N ASN B 230 -1.25 31.01 -0.93
CA ASN B 230 -0.95 30.21 -2.10
C ASN B 230 -1.72 28.88 -2.10
N GLY B 231 -2.32 28.50 -0.98
CA GLY B 231 -3.17 27.32 -0.97
C GLY B 231 -2.46 26.02 -0.58
N ILE B 232 -1.15 26.08 -0.32
CA ILE B 232 -0.46 24.90 0.19
C ILE B 232 -0.81 24.77 1.66
N ASP B 233 -1.82 23.96 1.99
CA ASP B 233 -2.29 23.81 3.38
C ASP B 233 -2.54 22.34 3.70
N VAL B 234 -2.59 22.01 5.00
CA VAL B 234 -2.70 20.62 5.44
C VAL B 234 -4.09 20.06 5.05
N ASP B 235 -5.06 20.94 4.78
CA ASP B 235 -6.38 20.47 4.46
C ASP B 235 -6.28 19.60 3.20
N LYS B 236 -5.59 20.15 2.18
CA LYS B 236 -5.41 19.52 0.88
C LYS B 236 -4.66 18.20 1.08
N TRP B 237 -3.63 18.24 1.93
CA TRP B 237 -2.78 17.09 2.16
C TRP B 237 -3.59 15.90 2.66
N ASP B 238 -4.55 16.18 3.57
CA ASP B 238 -5.35 15.08 4.10
C ASP B 238 -6.25 14.54 2.98
N TYR B 239 -6.92 15.44 2.26
CA TYR B 239 -7.89 14.97 1.29
C TYR B 239 -7.21 14.24 0.11
N PHE B 240 -6.05 14.72 -0.36
CA PHE B 240 -5.33 14.01 -1.41
C PHE B 240 -5.12 12.56 -0.98
N ALA B 241 -4.63 12.38 0.27
CA ALA B 241 -4.26 11.07 0.74
C ALA B 241 -5.51 10.23 0.95
N ARG B 242 -6.51 10.81 1.67
CA ARG B 242 -7.68 10.07 2.11
C ARG B 242 -8.57 9.77 0.91
N ASP B 243 -8.86 10.80 0.07
CA ASP B 243 -9.76 10.56 -1.03
C ASP B 243 -9.17 9.47 -1.93
N CYS B 244 -7.83 9.55 -2.17
CA CYS B 244 -7.21 8.56 -3.02
C CYS B 244 -7.34 7.14 -2.45
N HIS B 245 -7.07 7.04 -1.15
CA HIS B 245 -7.18 5.77 -0.46
C HIS B 245 -8.55 5.17 -0.71
N HIS B 246 -9.59 6.01 -0.81
CA HIS B 246 -10.97 5.52 -0.87
C HIS B 246 -11.42 5.31 -2.31
N LEU B 247 -11.01 6.27 -3.18
CA LEU B 247 -11.43 6.35 -4.55
C LEU B 247 -10.85 5.17 -5.33
N GLY B 248 -9.67 4.69 -4.90
CA GLY B 248 -8.93 3.66 -5.62
C GLY B 248 -8.10 4.26 -6.74
N ILE B 249 -7.63 5.50 -6.57
CA ILE B 249 -6.68 6.10 -7.50
C ILE B 249 -5.53 6.66 -6.70
N GLN B 250 -4.30 6.43 -7.12
CA GLN B 250 -3.17 6.60 -6.25
C GLN B 250 -2.57 7.98 -6.41
N ASN B 251 -1.99 8.46 -5.31
CA ASN B 251 -1.66 9.86 -5.14
C ASN B 251 -0.17 10.11 -5.44
N ASN B 252 0.17 11.15 -6.21
CA ASN B 252 1.56 11.39 -6.54
C ASN B 252 2.34 12.21 -5.48
N PHE B 253 1.64 12.89 -4.55
CA PHE B 253 2.25 13.95 -3.77
C PHE B 253 2.62 13.52 -2.35
N ASP B 254 3.81 13.93 -1.84
CA ASP B 254 4.30 13.49 -0.54
C ASP B 254 4.30 14.62 0.50
N TYR B 255 3.27 14.68 1.35
N TYR B 255 3.27 14.69 1.36
CA TYR B 255 3.19 15.77 2.32
CA TYR B 255 3.21 15.79 2.30
C TYR B 255 4.29 15.66 3.38
C TYR B 255 4.30 15.68 3.37
N LYS B 256 4.74 14.45 3.72
CA LYS B 256 5.73 14.27 4.76
C LYS B 256 7.06 14.91 4.35
N ARG B 257 7.39 14.76 3.05
CA ARG B 257 8.57 15.37 2.46
C ARG B 257 8.40 16.88 2.59
N PHE B 258 7.22 17.41 2.26
CA PHE B 258 7.09 18.85 2.26
C PHE B 258 7.44 19.42 3.65
N ILE B 259 6.91 18.72 4.66
CA ILE B 259 7.02 19.13 6.05
C ILE B 259 8.49 19.08 6.45
N LYS B 260 9.19 18.01 6.10
CA LYS B 260 10.59 17.91 6.47
C LYS B 260 11.40 19.08 5.89
N PHE B 261 10.99 19.60 4.72
CA PHE B 261 11.77 20.61 4.02
C PHE B 261 11.22 22.01 4.34
N ALA B 262 10.17 22.09 5.15
CA ALA B 262 9.60 23.37 5.48
C ALA B 262 10.43 24.08 6.56
N ARG B 263 10.58 25.40 6.37
CA ARG B 263 11.26 26.34 7.25
C ARG B 263 10.48 27.67 7.27
N VAL B 264 10.67 28.49 8.32
CA VAL B 264 10.05 29.81 8.40
C VAL B 264 11.14 30.85 8.18
N CYS B 265 10.90 31.81 7.28
CA CYS B 265 11.83 32.89 6.99
C CYS B 265 11.13 34.23 6.96
N GLU B 266 11.93 35.30 7.11
CA GLU B 266 11.41 36.65 6.97
C GLU B 266 11.18 36.95 5.48
N VAL B 267 9.93 37.30 5.15
CA VAL B 267 9.57 37.90 3.87
C VAL B 267 8.81 39.19 4.16
N ASP B 268 9.36 40.31 3.66
CA ASP B 268 8.85 41.67 3.85
C ASP B 268 8.33 41.84 5.28
N ASN B 269 9.18 41.52 6.27
CA ASN B 269 8.92 41.81 7.67
C ASN B 269 7.70 41.05 8.20
N GLU B 270 7.44 39.88 7.61
CA GLU B 270 6.53 38.87 8.13
C GLU B 270 7.29 37.55 8.13
N LEU B 271 7.09 36.72 9.15
CA LEU B 271 7.66 35.38 9.11
C LEU B 271 6.68 34.45 8.42
N ARG B 272 7.11 33.81 7.32
CA ARG B 272 6.31 32.93 6.49
C ARG B 272 6.98 31.58 6.26
N ILE B 273 6.16 30.59 5.89
CA ILE B 273 6.63 29.24 5.61
C ILE B 273 7.28 29.25 4.24
N CYS B 274 8.49 28.71 4.19
CA CYS B 274 9.25 28.62 2.95
C CYS B 274 9.56 27.16 2.65
N ALA B 275 9.50 26.86 1.35
CA ALA B 275 9.96 25.61 0.77
C ALA B 275 11.44 25.72 0.31
N ARG B 276 12.12 24.57 0.29
CA ARG B 276 13.48 24.45 -0.22
C ARG B 276 13.45 24.67 -1.72
N ASP B 277 14.40 25.45 -2.26
CA ASP B 277 14.43 25.85 -3.66
C ASP B 277 14.16 24.66 -4.57
N LYS B 278 14.95 23.60 -4.39
CA LYS B 278 14.99 22.47 -5.31
C LYS B 278 13.66 21.71 -5.26
N GLU B 279 12.77 22.04 -4.31
CA GLU B 279 11.52 21.31 -4.14
C GLU B 279 10.37 21.96 -4.92
N VAL B 280 10.64 23.02 -5.68
CA VAL B 280 9.59 23.75 -6.37
C VAL B 280 8.87 22.82 -7.36
N GLY B 281 9.62 21.92 -7.98
CA GLY B 281 9.03 20.97 -8.92
C GLY B 281 7.89 20.17 -8.29
N ASN B 282 8.06 19.83 -7.01
CA ASN B 282 7.12 19.07 -6.23
C ASN B 282 5.85 19.88 -6.01
N LEU B 283 5.99 21.21 -5.93
CA LEU B 283 4.83 22.07 -5.67
C LEU B 283 3.99 22.20 -6.92
N TYR B 284 4.66 22.38 -8.07
CA TYR B 284 3.96 22.37 -9.35
C TYR B 284 3.20 21.05 -9.46
N ASP B 285 3.87 19.97 -9.05
CA ASP B 285 3.28 18.64 -9.10
C ASP B 285 2.05 18.57 -8.21
N MET B 286 2.08 19.29 -7.09
CA MET B 286 1.00 19.22 -6.13
C MET B 286 -0.29 19.78 -6.72
N PHE B 287 -0.17 20.91 -7.41
CA PHE B 287 -1.32 21.51 -8.07
C PHE B 287 -1.79 20.66 -9.22
N HIS B 288 -0.87 20.04 -9.94
CA HIS B 288 -1.21 19.13 -11.01
C HIS B 288 -2.04 17.96 -10.44
N THR B 289 -1.65 17.50 -9.24
CA THR B 289 -2.31 16.37 -8.60
C THR B 289 -3.74 16.77 -8.29
N ARG B 290 -3.89 18.00 -7.75
CA ARG B 290 -5.19 18.55 -7.44
C ARG B 290 -6.05 18.55 -8.71
N ASN B 291 -5.48 19.05 -9.81
CA ASN B 291 -6.20 19.10 -11.06
C ASN B 291 -6.60 17.69 -11.52
N SER B 292 -5.70 16.69 -11.34
CA SER B 292 -5.99 15.33 -11.77
C SER B 292 -7.18 14.77 -11.04
N LEU B 293 -7.22 15.01 -9.71
CA LEU B 293 -8.26 14.45 -8.89
C LEU B 293 -9.59 15.10 -9.27
N HIS B 294 -9.54 16.36 -9.70
CA HIS B 294 -10.74 17.03 -10.17
C HIS B 294 -11.23 16.35 -11.46
N ARG B 295 -10.35 16.26 -12.46
CA ARG B 295 -10.72 15.71 -13.75
C ARG B 295 -11.17 14.26 -13.58
N ARG B 296 -10.46 13.48 -12.78
CA ARG B 296 -10.80 12.07 -12.63
C ARG B 296 -12.00 11.78 -11.71
N ALA B 297 -12.15 12.52 -10.60
CA ALA B 297 -13.06 12.07 -9.53
C ALA B 297 -14.05 13.16 -9.11
N TYR B 298 -13.56 14.34 -8.74
CA TYR B 298 -14.42 15.33 -8.12
C TYR B 298 -15.39 15.94 -9.14
N GLN B 299 -14.96 16.01 -10.42
CA GLN B 299 -15.80 16.55 -11.47
C GLN B 299 -16.23 15.45 -12.44
N HIS B 300 -16.18 14.19 -12.02
CA HIS B 300 -16.67 13.10 -12.87
C HIS B 300 -18.05 13.43 -13.39
N LYS B 301 -18.28 13.16 -14.70
CA LYS B 301 -19.49 13.57 -15.41
C LYS B 301 -20.74 12.97 -14.77
N VAL B 302 -20.66 11.72 -14.32
CA VAL B 302 -21.84 11.13 -13.71
C VAL B 302 -22.01 11.61 -12.27
N GLY B 303 -20.90 11.66 -11.54
CA GLY B 303 -20.98 12.16 -10.18
C GLY B 303 -21.62 13.56 -10.16
N ASN B 304 -21.25 14.40 -11.13
CA ASN B 304 -21.76 15.76 -11.13
C ASN B 304 -23.28 15.75 -11.36
N ILE B 305 -23.74 14.84 -12.25
CA ILE B 305 -25.14 14.80 -12.60
C ILE B 305 -25.91 14.31 -11.38
N ILE B 306 -25.30 13.38 -10.63
CA ILE B 306 -26.00 12.85 -9.47
C ILE B 306 -26.16 13.95 -8.42
N ASP B 307 -25.09 14.74 -8.24
CA ASP B 307 -25.12 15.91 -7.38
C ASP B 307 -26.26 16.83 -7.82
N THR B 308 -26.40 17.00 -9.15
CA THR B 308 -27.36 17.91 -9.76
C THR B 308 -28.78 17.41 -9.54
N MET B 309 -28.98 16.10 -9.67
CA MET B 309 -30.27 15.49 -9.46
C MET B 309 -30.67 15.57 -7.99
N ILE B 310 -29.71 15.33 -7.09
CA ILE B 310 -30.01 15.45 -5.68
C ILE B 310 -30.41 16.89 -5.38
N THR B 311 -29.71 17.86 -5.98
CA THR B 311 -30.02 19.27 -5.77
C THR B 311 -31.46 19.59 -6.19
N ASP B 312 -31.83 19.10 -7.38
CA ASP B 312 -33.14 19.29 -7.97
C ASP B 312 -34.19 18.76 -6.98
N ALA B 313 -33.92 17.57 -6.43
CA ALA B 313 -34.86 16.94 -5.50
C ALA B 313 -35.00 17.81 -4.25
N PHE B 314 -33.88 18.31 -3.74
CA PHE B 314 -33.91 19.10 -2.53
C PHE B 314 -34.73 20.36 -2.79
N LEU B 315 -34.50 21.02 -3.94
CA LEU B 315 -35.23 22.23 -4.27
C LEU B 315 -36.74 21.96 -4.27
N LYS B 316 -37.15 20.80 -4.80
CA LYS B 316 -38.55 20.43 -4.88
C LYS B 316 -39.07 20.02 -3.51
N ALA B 317 -38.19 19.60 -2.59
CA ALA B 317 -38.62 19.17 -1.27
C ALA B 317 -38.63 20.34 -0.30
N ASP B 318 -38.07 21.48 -0.72
CA ASP B 318 -37.63 22.53 0.22
C ASP B 318 -38.79 23.06 1.08
N ASP B 319 -39.98 23.20 0.45
CA ASP B 319 -41.15 23.79 1.10
C ASP B 319 -41.74 22.88 2.16
N TYR B 320 -41.53 21.56 2.04
CA TYR B 320 -42.30 20.59 2.83
C TYR B 320 -41.48 19.93 3.94
N ILE B 321 -40.15 19.98 3.85
CA ILE B 321 -39.35 19.40 4.90
C ILE B 321 -39.22 20.43 6.01
N GLU B 322 -39.39 19.98 7.25
CA GLU B 322 -39.19 20.83 8.41
C GLU B 322 -38.05 20.31 9.27
N ILE B 323 -37.18 21.24 9.67
CA ILE B 323 -36.17 21.01 10.69
C ILE B 323 -36.40 21.99 11.83
N THR B 324 -36.46 21.44 13.05
CA THR B 324 -36.68 22.24 14.24
C THR B 324 -35.36 22.81 14.75
N GLY B 325 -35.28 24.13 14.82
CA GLY B 325 -34.14 24.87 15.36
C GLY B 325 -34.41 25.46 16.75
N ALA B 326 -33.73 26.56 17.06
CA ALA B 326 -33.73 27.12 18.40
C ALA B 326 -35.14 27.60 18.75
N GLY B 327 -35.59 27.24 19.96
CA GLY B 327 -36.86 27.64 20.50
C GLY B 327 -38.02 26.93 19.79
N GLY B 328 -37.75 25.77 19.21
CA GLY B 328 -38.81 25.02 18.55
C GLY B 328 -39.27 25.62 17.22
N LYS B 329 -38.64 26.74 16.81
CA LYS B 329 -38.93 27.45 15.56
C LYS B 329 -38.52 26.56 14.38
N LYS B 330 -39.25 26.66 13.27
CA LYS B 330 -39.11 25.68 12.18
C LYS B 330 -38.35 26.27 10.99
N TYR B 331 -37.43 25.49 10.43
CA TYR B 331 -36.65 25.92 9.27
C TYR B 331 -36.78 24.92 8.13
N ARG B 332 -36.40 25.40 6.94
CA ARG B 332 -36.35 24.60 5.72
C ARG B 332 -34.89 24.25 5.39
N ILE B 333 -34.67 23.32 4.46
CA ILE B 333 -33.35 22.95 4.02
C ILE B 333 -32.57 24.23 3.68
N SER B 334 -33.26 25.17 3.04
CA SER B 334 -32.60 26.37 2.53
C SER B 334 -32.39 27.41 3.63
N THR B 335 -33.08 27.28 4.77
CA THR B 335 -33.02 28.30 5.81
C THR B 335 -32.31 27.78 7.06
N ALA B 336 -31.93 26.50 7.06
CA ALA B 336 -31.19 25.92 8.18
C ALA B 336 -29.86 26.65 8.37
N ILE B 337 -29.32 27.27 7.31
CA ILE B 337 -28.06 27.95 7.46
C ILE B 337 -28.22 29.18 8.37
N ASP B 338 -29.46 29.55 8.68
CA ASP B 338 -29.74 30.73 9.49
C ASP B 338 -29.78 30.41 10.99
N ASP B 339 -29.96 29.14 11.33
CA ASP B 339 -30.02 28.72 12.72
C ASP B 339 -29.14 27.49 12.93
N MET B 340 -28.07 27.66 13.72
CA MET B 340 -27.04 26.66 13.84
C MET B 340 -27.56 25.41 14.56
N GLU B 341 -28.54 25.60 15.43
CA GLU B 341 -29.19 24.49 16.10
C GLU B 341 -29.91 23.58 15.11
N ALA B 342 -30.58 24.21 14.13
CA ALA B 342 -31.23 23.51 13.03
C ALA B 342 -30.19 22.92 12.08
N TYR B 343 -29.20 23.72 11.69
CA TYR B 343 -28.14 23.25 10.81
C TYR B 343 -27.43 22.01 11.38
N THR B 344 -27.30 21.93 12.72
CA THR B 344 -26.71 20.75 13.35
C THR B 344 -27.42 19.47 12.87
N LYS B 345 -28.75 19.56 12.66
CA LYS B 345 -29.56 18.40 12.31
C LYS B 345 -29.78 18.28 10.80
N LEU B 346 -29.00 19.01 9.98
CA LEU B 346 -29.08 18.92 8.53
C LEU B 346 -27.88 18.17 7.93
N THR B 347 -28.08 16.91 7.54
CA THR B 347 -27.00 16.09 7.00
C THR B 347 -27.44 15.31 5.77
N ASP B 348 -26.74 14.25 5.39
CA ASP B 348 -27.08 13.45 4.22
C ASP B 348 -28.39 12.72 4.51
N ASN B 349 -28.79 12.78 5.77
CA ASN B 349 -30.00 12.10 6.19
C ASN B 349 -31.20 12.68 5.44
N ILE B 350 -31.13 13.95 5.03
CA ILE B 350 -32.21 14.61 4.30
C ILE B 350 -32.62 13.81 3.06
N PHE B 351 -31.62 13.23 2.39
CA PHE B 351 -31.83 12.41 1.22
C PHE B 351 -32.79 11.26 1.54
N LEU B 352 -32.50 10.53 2.63
CA LEU B 352 -33.29 9.35 2.98
C LEU B 352 -34.64 9.76 3.57
N GLU B 353 -34.70 10.95 4.21
CA GLU B 353 -35.96 11.44 4.73
C GLU B 353 -36.91 11.62 3.54
N ILE B 354 -36.42 12.22 2.45
CA ILE B 354 -37.19 12.37 1.23
C ILE B 354 -37.50 11.01 0.63
N LEU B 355 -36.47 10.17 0.46
CA LEU B 355 -36.65 8.91 -0.24
C LEU B 355 -37.71 8.06 0.45
N TYR B 356 -37.76 8.10 1.79
CA TYR B 356 -38.62 7.20 2.53
C TYR B 356 -39.96 7.86 2.86
N SER B 357 -40.14 9.12 2.46
CA SER B 357 -41.35 9.87 2.79
C SER B 357 -42.58 9.24 2.12
N THR B 358 -43.75 9.53 2.70
CA THR B 358 -45.03 9.16 2.12
C THR B 358 -45.93 10.37 1.93
N ASP B 359 -45.58 11.51 2.56
CA ASP B 359 -46.28 12.76 2.33
C ASP B 359 -46.45 13.01 0.83
N PRO B 360 -47.70 13.18 0.34
CA PRO B 360 -47.93 13.46 -1.09
C PRO B 360 -47.23 14.72 -1.59
N LYS B 361 -47.03 15.68 -0.69
CA LYS B 361 -46.44 16.97 -1.04
C LYS B 361 -44.99 16.77 -1.49
N LEU B 362 -44.36 15.67 -1.02
CA LEU B 362 -42.97 15.33 -1.24
C LEU B 362 -42.81 14.38 -2.42
N LYS B 363 -43.92 14.01 -3.09
CA LYS B 363 -43.93 13.05 -4.18
C LYS B 363 -42.90 13.42 -5.25
N ASP B 364 -42.87 14.69 -5.64
CA ASP B 364 -42.05 15.15 -6.74
C ASP B 364 -40.58 14.94 -6.42
N ALA B 365 -40.20 15.27 -5.18
CA ALA B 365 -38.81 15.15 -4.78
C ALA B 365 -38.43 13.68 -4.67
N ARG B 366 -39.29 12.91 -3.99
CA ARG B 366 -39.15 11.47 -3.83
C ARG B 366 -38.92 10.80 -5.19
N GLU B 367 -39.64 11.25 -6.23
CA GLU B 367 -39.55 10.63 -7.55
C GLU B 367 -38.14 10.78 -8.13
N ILE B 368 -37.59 11.97 -7.96
CA ILE B 368 -36.27 12.21 -8.54
C ILE B 368 -35.28 11.27 -7.87
N LEU B 369 -35.39 11.13 -6.54
CA LEU B 369 -34.43 10.27 -5.85
C LEU B 369 -34.62 8.83 -6.31
N LYS B 370 -35.87 8.43 -6.57
CA LYS B 370 -36.11 7.08 -7.05
C LYS B 370 -35.46 6.86 -8.41
N GLN B 371 -35.39 7.94 -9.20
CA GLN B 371 -34.83 7.87 -10.53
C GLN B 371 -33.33 7.61 -10.41
N ILE B 372 -32.74 8.24 -9.39
CA ILE B 372 -31.33 8.05 -9.09
C ILE B 372 -31.08 6.58 -8.78
N GLU B 373 -31.97 5.97 -7.97
CA GLU B 373 -31.81 4.59 -7.54
C GLU B 373 -31.89 3.63 -8.72
N TYR B 374 -32.74 3.92 -9.72
CA TYR B 374 -32.94 3.01 -10.83
C TYR B 374 -31.91 3.28 -11.93
N ARG B 375 -31.08 4.28 -11.67
CA ARG B 375 -30.04 4.73 -12.59
C ARG B 375 -30.67 5.31 -13.85
N ASN B 376 -31.86 5.88 -13.69
CA ASN B 376 -32.47 6.67 -14.75
C ASN B 376 -31.96 8.10 -14.65
N LEU B 377 -30.71 8.32 -15.05
CA LEU B 377 -30.03 9.59 -14.88
C LEU B 377 -30.19 10.40 -16.16
N PHE B 378 -29.99 11.73 -16.05
CA PHE B 378 -29.84 12.59 -17.21
C PHE B 378 -28.67 12.07 -18.02
N LYS B 379 -28.76 12.15 -19.36
CA LYS B 379 -27.78 11.51 -20.24
C LYS B 379 -26.71 12.53 -20.65
N TYR B 380 -25.44 12.12 -20.52
CA TYR B 380 -24.32 12.95 -20.92
C TYR B 380 -24.37 13.10 -22.43
N VAL B 381 -24.34 14.35 -22.89
CA VAL B 381 -24.33 14.66 -24.30
C VAL B 381 -22.87 14.86 -24.75
N GLY B 382 -22.12 15.70 -24.05
CA GLY B 382 -20.79 16.03 -24.50
C GLY B 382 -20.13 17.10 -23.63
N GLU B 383 -18.90 17.45 -24.04
CA GLU B 383 -18.01 18.29 -23.27
C GLU B 383 -17.25 19.19 -24.25
N THR B 384 -17.10 20.48 -23.90
CA THR B 384 -16.42 21.45 -24.75
C THR B 384 -15.75 22.52 -23.88
N GLN B 385 -14.89 23.36 -24.49
CA GLN B 385 -14.27 24.47 -23.77
C GLN B 385 -14.33 25.77 -24.56
N PRO B 386 -14.44 26.93 -23.89
CA PRO B 386 -14.19 28.24 -24.52
C PRO B 386 -12.80 28.38 -25.13
N THR B 387 -12.63 29.42 -25.97
CA THR B 387 -11.43 29.70 -26.74
C THR B 387 -10.94 31.11 -26.44
N GLY B 388 -9.65 31.32 -26.73
CA GLY B 388 -8.90 32.44 -26.18
C GLY B 388 -9.11 32.54 -24.67
N GLN B 389 -9.39 33.76 -24.22
CA GLN B 389 -9.69 34.03 -22.82
C GLN B 389 -11.13 34.49 -22.67
N ILE B 390 -12.02 34.10 -23.61
CA ILE B 390 -13.45 34.18 -23.37
C ILE B 390 -13.75 33.48 -22.04
N LYS B 391 -14.43 34.18 -21.11
CA LYS B 391 -14.84 33.55 -19.88
C LYS B 391 -16.33 33.70 -19.74
N ILE B 392 -16.94 32.70 -19.09
CA ILE B 392 -18.38 32.65 -18.95
C ILE B 392 -18.68 32.90 -17.48
N LYS B 393 -19.35 34.02 -17.17
CA LYS B 393 -19.53 34.43 -15.78
C LYS B 393 -20.74 33.70 -15.23
N ARG B 394 -20.81 33.63 -13.89
CA ARG B 394 -21.81 32.88 -13.15
C ARG B 394 -23.24 33.34 -13.49
N GLU B 395 -23.42 34.64 -13.75
CA GLU B 395 -24.72 35.22 -14.05
C GLU B 395 -25.29 34.72 -15.38
N ASP B 396 -24.45 34.14 -16.24
CA ASP B 396 -24.84 33.75 -17.61
C ASP B 396 -25.22 32.26 -17.69
N TYR B 397 -25.07 31.55 -16.56
CA TYR B 397 -25.25 30.10 -16.54
C TYR B 397 -26.63 29.72 -16.99
N GLU B 398 -27.63 30.48 -16.52
CA GLU B 398 -29.05 30.29 -16.79
C GLU B 398 -29.36 30.33 -18.28
N SER B 399 -28.67 31.23 -19.01
CA SER B 399 -28.97 31.50 -20.40
C SER B 399 -28.50 30.39 -21.35
N LEU B 400 -27.61 29.50 -20.86
CA LEU B 400 -26.90 28.56 -21.71
C LEU B 400 -27.80 27.42 -22.23
N PRO B 401 -28.67 26.79 -21.40
CA PRO B 401 -29.59 25.78 -21.94
C PRO B 401 -30.37 26.31 -23.14
N LYS B 402 -30.87 27.57 -23.05
CA LYS B 402 -31.63 28.20 -24.12
C LYS B 402 -30.80 28.24 -25.40
N GLU B 403 -29.50 28.57 -25.25
CA GLU B 403 -28.61 28.73 -26.39
C GLU B 403 -28.52 27.43 -27.18
N VAL B 404 -28.38 26.31 -26.45
CA VAL B 404 -28.21 25.01 -27.09
C VAL B 404 -29.47 24.63 -27.87
N ALA B 405 -30.64 24.86 -27.26
CA ALA B 405 -31.93 24.52 -27.83
C ALA B 405 -32.22 25.37 -29.07
N SER B 406 -31.58 26.54 -29.16
CA SER B 406 -31.82 27.53 -30.20
C SER B 406 -30.91 27.31 -31.41
N ALA B 407 -29.89 26.47 -31.28
CA ALA B 407 -29.01 26.20 -32.41
C ALA B 407 -29.78 25.47 -33.50
N LYS B 408 -29.43 25.75 -34.75
CA LYS B 408 -30.19 25.23 -35.88
C LYS B 408 -29.29 24.31 -36.70
N PRO B 409 -29.16 23.01 -36.32
CA PRO B 409 -28.38 22.07 -37.14
C PRO B 409 -29.18 21.70 -38.39
N LYS B 410 -28.48 21.58 -39.52
CA LYS B 410 -29.14 21.38 -40.81
C LYS B 410 -29.30 19.89 -41.11
N VAL B 411 -30.05 19.20 -40.24
CA VAL B 411 -30.43 17.80 -40.36
C VAL B 411 -31.90 17.68 -39.94
N LEU B 412 -32.60 16.68 -40.47
CA LEU B 412 -33.94 16.38 -39.99
C LEU B 412 -33.82 15.57 -38.69
N LEU B 413 -34.61 16.00 -37.70
CA LEU B 413 -34.65 15.41 -36.37
C LEU B 413 -36.09 15.01 -36.06
N ASP B 414 -36.26 13.80 -35.48
CA ASP B 414 -37.58 13.22 -35.22
C ASP B 414 -38.24 13.87 -34.01
N VAL B 415 -37.42 14.28 -33.02
CA VAL B 415 -37.85 15.05 -31.86
C VAL B 415 -37.25 16.46 -31.92
N LYS B 416 -38.02 17.44 -31.45
CA LYS B 416 -37.50 18.78 -31.21
C LYS B 416 -37.39 19.01 -29.71
N LEU B 417 -36.25 19.52 -29.26
CA LEU B 417 -36.00 19.66 -27.83
C LEU B 417 -36.04 21.13 -27.44
N LYS B 418 -36.33 21.37 -26.14
CA LYS B 418 -36.50 22.71 -25.56
C LYS B 418 -35.44 22.96 -24.50
N ALA B 419 -35.32 24.23 -24.07
CA ALA B 419 -34.33 24.67 -23.08
C ALA B 419 -34.34 23.79 -21.84
N GLU B 420 -35.55 23.43 -21.36
CA GLU B 420 -35.72 22.70 -20.12
C GLU B 420 -35.17 21.29 -20.22
N ASP B 421 -34.89 20.85 -21.45
CA ASP B 421 -34.45 19.49 -21.69
C ASP B 421 -32.94 19.36 -21.56
N PHE B 422 -32.26 20.53 -21.47
CA PHE B 422 -30.81 20.59 -21.47
C PHE B 422 -30.31 21.10 -20.12
N ILE B 423 -29.24 20.46 -19.60
CA ILE B 423 -28.43 20.99 -18.52
C ILE B 423 -27.05 21.36 -19.06
N VAL B 424 -26.59 22.58 -18.72
CA VAL B 424 -25.25 23.02 -19.05
C VAL B 424 -24.54 23.30 -17.73
N ASP B 425 -23.49 22.52 -17.47
CA ASP B 425 -22.71 22.59 -16.24
C ASP B 425 -21.38 23.24 -16.62
N VAL B 426 -21.08 24.38 -15.99
CA VAL B 426 -19.79 24.99 -16.23
C VAL B 426 -18.89 24.77 -15.03
N ILE B 427 -17.68 24.30 -15.29
CA ILE B 427 -16.74 23.92 -14.25
C ILE B 427 -15.52 24.80 -14.42
N ASN B 428 -15.10 25.49 -13.36
CA ASN B 428 -13.83 26.21 -13.39
C ASN B 428 -12.75 25.29 -12.87
N MET B 429 -11.76 25.00 -13.72
CA MET B 429 -10.58 24.23 -13.32
C MET B 429 -9.41 25.20 -13.26
N ASP B 430 -8.82 25.39 -12.07
CA ASP B 430 -7.68 26.28 -11.92
C ASP B 430 -6.77 25.79 -10.81
N TYR B 431 -5.62 26.46 -10.67
CA TYR B 431 -4.66 26.12 -9.64
C TYR B 431 -4.93 26.83 -8.31
N GLY B 432 -6.16 27.27 -8.08
CA GLY B 432 -6.64 27.68 -6.77
C GLY B 432 -6.57 29.19 -6.55
N MET B 433 -6.12 29.90 -7.58
CA MET B 433 -5.87 31.33 -7.51
C MET B 433 -6.28 31.98 -8.83
N GLN B 434 -7.47 31.58 -9.31
CA GLN B 434 -7.99 32.08 -10.57
C GLN B 434 -6.89 31.99 -11.64
N GLU B 435 -6.59 33.11 -12.31
N GLU B 435 -6.59 33.10 -12.32
CA GLU B 435 -5.74 33.10 -13.49
CA GLU B 435 -5.73 33.04 -13.50
C GLU B 435 -4.27 32.95 -13.10
C GLU B 435 -4.25 32.95 -13.09
N LYS B 436 -3.99 33.26 -11.82
CA LYS B 436 -2.63 33.36 -11.28
C LYS B 436 -1.99 32.00 -10.99
N ASN B 437 -0.67 31.99 -10.99
CA ASN B 437 0.16 30.84 -10.72
C ASN B 437 0.55 30.90 -9.25
N PRO B 438 0.07 29.96 -8.41
CA PRO B 438 0.29 30.04 -6.97
C PRO B 438 1.76 29.93 -6.60
N ILE B 439 2.59 29.40 -7.50
CA ILE B 439 3.98 29.21 -7.17
C ILE B 439 4.69 30.56 -7.10
N ASP B 440 4.12 31.58 -7.76
CA ASP B 440 4.65 32.94 -7.69
C ASP B 440 4.38 33.51 -6.31
N HIS B 441 3.58 32.82 -5.49
CA HIS B 441 3.20 33.25 -4.15
C HIS B 441 3.79 32.33 -3.08
N VAL B 442 4.85 31.60 -3.45
CA VAL B 442 5.59 30.74 -2.55
C VAL B 442 7.00 31.33 -2.38
N SER B 443 7.51 31.23 -1.16
CA SER B 443 8.87 31.65 -0.86
C SER B 443 9.76 30.44 -0.61
N PHE B 444 11.02 30.56 -1.04
CA PHE B 444 11.96 29.46 -1.03
C PHE B 444 13.24 29.86 -0.29
N TYR B 445 14.01 28.85 0.12
CA TYR B 445 15.31 29.05 0.75
C TYR B 445 16.29 28.08 0.12
N CYS B 446 17.59 28.43 0.22
CA CYS B 446 18.66 27.68 -0.40
C CYS B 446 19.47 26.93 0.64
N LYS B 447 19.97 25.75 0.25
CA LYS B 447 20.82 24.93 1.10
C LYS B 447 21.82 25.81 1.84
N THR B 448 22.46 26.72 1.09
CA THR B 448 23.64 27.48 1.51
C THR B 448 23.30 28.61 2.48
N ALA B 449 22.03 29.09 2.49
CA ALA B 449 21.55 30.21 3.29
C ALA B 449 20.06 30.00 3.66
N PRO B 450 19.84 29.11 4.67
CA PRO B 450 18.51 28.67 5.09
C PRO B 450 17.58 29.71 5.67
N ASN B 451 18.12 30.88 6.03
CA ASN B 451 17.32 31.90 6.68
C ASN B 451 16.92 32.96 5.66
N ARG B 452 17.38 32.80 4.42
CA ARG B 452 17.19 33.82 3.40
C ARG B 452 16.15 33.39 2.36
N ALA B 453 14.98 34.06 2.38
CA ALA B 453 13.89 33.74 1.47
C ALA B 453 14.22 34.28 0.09
N ILE B 454 13.90 33.50 -0.96
CA ILE B 454 14.00 33.97 -2.34
C ILE B 454 12.74 33.62 -3.09
N ARG B 455 12.65 34.06 -4.35
CA ARG B 455 11.53 33.73 -5.22
C ARG B 455 12.06 32.95 -6.40
N ILE B 456 11.21 32.12 -7.00
CA ILE B 456 11.55 31.38 -8.22
C ILE B 456 10.40 31.61 -9.20
N THR B 457 10.75 32.02 -10.43
CA THR B 457 9.82 32.30 -11.51
C THR B 457 9.63 31.00 -12.30
N LYS B 458 8.61 30.94 -13.17
CA LYS B 458 8.21 29.74 -13.91
C LYS B 458 9.31 29.32 -14.90
N ASN B 459 9.89 30.30 -15.59
CA ASN B 459 10.96 30.09 -16.56
C ASN B 459 12.20 29.47 -15.89
N GLN B 460 12.35 29.70 -14.58
CA GLN B 460 13.48 29.18 -13.84
C GLN B 460 13.27 27.69 -13.52
N VAL B 461 12.08 27.13 -13.78
CA VAL B 461 11.82 25.75 -13.35
C VAL B 461 11.80 24.77 -14.51
N SER B 462 10.90 25.00 -15.47
CA SER B 462 10.74 24.05 -16.58
C SER B 462 9.90 24.68 -17.69
N GLN B 463 10.20 24.32 -18.93
CA GLN B 463 9.40 24.79 -20.06
C GLN B 463 8.21 23.86 -20.26
N LEU B 464 8.21 22.73 -19.54
CA LEU B 464 7.20 21.69 -19.72
C LEU B 464 6.00 21.93 -18.81
N LEU B 465 5.99 23.07 -18.12
CA LEU B 465 4.94 23.40 -17.17
C LEU B 465 3.81 24.05 -17.94
N PRO B 466 2.58 24.12 -17.36
CA PRO B 466 1.44 24.78 -17.99
C PRO B 466 1.65 26.24 -18.38
N GLU B 467 1.03 26.69 -19.50
CA GLU B 467 1.14 28.06 -19.94
C GLU B 467 0.16 28.95 -19.20
N LYS B 468 -1.04 28.41 -18.91
CA LYS B 468 -2.12 29.11 -18.21
C LYS B 468 -2.51 28.28 -16.99
N PHE B 469 -3.29 28.85 -16.07
CA PHE B 469 -3.51 28.20 -14.79
C PHE B 469 -4.98 28.14 -14.43
N ALA B 470 -5.85 28.42 -15.42
CA ALA B 470 -7.30 28.40 -15.26
C ALA B 470 -7.95 28.15 -16.62
N GLU B 471 -9.03 27.35 -16.62
CA GLU B 471 -9.79 27.11 -17.83
C GLU B 471 -11.22 26.76 -17.42
N GLN B 472 -12.09 26.56 -18.42
CA GLN B 472 -13.46 26.15 -18.13
C GLN B 472 -13.82 24.89 -18.91
N LEU B 473 -14.51 23.96 -18.26
CA LEU B 473 -15.21 22.86 -18.92
C LEU B 473 -16.70 23.15 -18.95
N ILE B 474 -17.32 22.91 -20.13
CA ILE B 474 -18.77 22.92 -20.29
C ILE B 474 -19.23 21.49 -20.57
N ARG B 475 -20.04 20.92 -19.67
CA ARG B 475 -20.65 19.63 -19.93
C ARG B 475 -22.12 19.87 -20.24
N VAL B 476 -22.65 19.11 -21.21
CA VAL B 476 -24.07 19.24 -21.51
C VAL B 476 -24.72 17.88 -21.27
N TYR B 477 -25.82 17.86 -20.52
CA TYR B 477 -26.61 16.65 -20.44
C TYR B 477 -28.02 16.94 -20.99
N CYS B 478 -28.79 15.87 -21.24
CA CYS B 478 -30.15 15.97 -21.73
C CYS B 478 -31.05 15.23 -20.75
N LYS B 479 -32.20 15.84 -20.37
CA LYS B 479 -33.12 15.25 -19.40
C LYS B 479 -33.99 14.19 -20.06
N LYS B 480 -34.14 14.25 -21.39
CA LYS B 480 -34.83 13.23 -22.17
C LYS B 480 -33.86 12.09 -22.44
N VAL B 481 -34.26 10.87 -22.07
CA VAL B 481 -33.33 9.76 -21.88
C VAL B 481 -33.32 8.82 -23.07
N ASP B 482 -34.37 8.87 -23.91
CA ASP B 482 -34.59 7.93 -25.00
C ASP B 482 -33.55 8.13 -26.10
N ARG B 483 -33.45 7.12 -26.97
CA ARG B 483 -32.36 7.06 -27.94
C ARG B 483 -32.52 8.18 -28.97
N LYS B 484 -33.77 8.46 -29.36
CA LYS B 484 -34.05 9.46 -30.37
C LYS B 484 -33.72 10.85 -29.88
N SER B 485 -34.08 11.14 -28.62
CA SER B 485 -33.78 12.41 -27.98
C SER B 485 -32.27 12.63 -27.82
N LEU B 486 -31.55 11.56 -27.40
CA LEU B 486 -30.11 11.63 -27.20
C LEU B 486 -29.44 12.04 -28.50
N TYR B 487 -29.80 11.38 -29.60
CA TYR B 487 -29.20 11.70 -30.88
C TYR B 487 -29.44 13.17 -31.23
N ALA B 488 -30.68 13.64 -31.03
CA ALA B 488 -31.03 15.00 -31.38
C ALA B 488 -30.20 16.00 -30.57
N ALA B 489 -30.14 15.76 -29.25
CA ALA B 489 -29.39 16.58 -28.30
C ALA B 489 -27.94 16.76 -28.76
N ARG B 490 -27.34 15.68 -29.28
CA ARG B 490 -25.97 15.72 -29.75
C ARG B 490 -25.84 16.67 -30.93
N GLN B 491 -26.82 16.67 -31.83
CA GLN B 491 -26.77 17.52 -33.01
C GLN B 491 -26.87 18.98 -32.62
N TYR B 492 -27.82 19.31 -31.74
CA TYR B 492 -27.92 20.66 -31.20
C TYR B 492 -26.59 21.07 -30.58
N PHE B 493 -26.05 20.17 -29.74
CA PHE B 493 -24.86 20.46 -28.94
C PHE B 493 -23.67 20.79 -29.83
N VAL B 494 -23.35 19.90 -30.78
CA VAL B 494 -22.17 20.08 -31.62
C VAL B 494 -22.33 21.35 -32.47
N GLN B 495 -23.57 21.64 -32.88
CA GLN B 495 -23.88 22.85 -33.63
C GLN B 495 -23.59 24.08 -32.79
N TRP B 496 -24.04 24.04 -31.53
CA TRP B 496 -23.87 25.13 -30.59
C TRP B 496 -22.38 25.40 -30.41
N CYS B 497 -21.58 24.32 -30.27
CA CYS B 497 -20.14 24.39 -30.14
C CYS B 497 -19.53 25.17 -31.31
N ALA B 498 -19.85 24.74 -32.54
CA ALA B 498 -19.47 25.44 -33.77
C ALA B 498 -19.87 26.91 -33.72
N ASP B 499 -21.16 27.17 -33.45
CA ASP B 499 -21.72 28.51 -33.38
C ASP B 499 -20.86 29.42 -32.49
N ARG B 500 -20.45 28.93 -31.31
CA ARG B 500 -19.80 29.80 -30.32
C ARG B 500 -18.28 29.75 -30.42
N ASN B 501 -17.76 28.96 -31.37
CA ASN B 501 -16.34 28.77 -31.57
C ASN B 501 -15.69 28.14 -30.34
N PHE B 502 -16.41 27.22 -29.71
CA PHE B 502 -15.89 26.33 -28.68
C PHE B 502 -15.06 25.21 -29.33
N THR B 503 -14.34 24.45 -28.50
CA THR B 503 -13.49 23.37 -28.99
C THR B 503 -14.35 22.23 -29.51
N LYS B 504 -13.85 21.53 -30.54
CA LYS B 504 -14.47 20.36 -31.12
C LYS B 504 -14.67 19.25 -30.07
N PRO B 505 -15.91 18.82 -29.73
CA PRO B 505 -16.08 17.67 -28.85
C PRO B 505 -15.18 16.50 -29.27
N GLN B 506 -14.63 15.77 -28.31
CA GLN B 506 -13.63 14.74 -28.65
C GLN B 506 -14.26 13.72 -29.59
N ASP B 507 -15.55 13.42 -29.39
CA ASP B 507 -16.22 12.36 -30.13
C ASP B 507 -17.08 12.95 -31.25
N GLY B 508 -16.77 14.20 -31.64
CA GLY B 508 -17.59 14.98 -32.54
C GLY B 508 -17.91 14.29 -33.87
N ASP B 509 -16.87 13.70 -34.50
CA ASP B 509 -16.98 13.06 -35.80
C ASP B 509 -17.86 11.82 -35.74
N VAL B 510 -18.00 11.24 -34.55
CA VAL B 510 -18.76 10.01 -34.36
C VAL B 510 -20.22 10.35 -34.06
N ILE B 511 -20.46 11.27 -33.11
CA ILE B 511 -21.81 11.53 -32.61
C ILE B 511 -22.58 12.42 -33.57
N ALA B 512 -21.85 13.29 -34.30
CA ALA B 512 -22.43 14.32 -35.15
C ALA B 512 -21.69 14.41 -36.48
N PRO B 513 -21.63 13.33 -37.29
CA PRO B 513 -20.81 13.35 -38.51
C PRO B 513 -21.27 14.40 -39.53
N LEU B 514 -22.53 14.84 -39.41
CA LEU B 514 -23.10 15.75 -40.39
C LEU B 514 -22.76 17.20 -40.06
N ILE B 515 -22.41 17.44 -38.80
CA ILE B 515 -22.25 18.79 -38.28
C ILE B 515 -20.77 19.21 -38.29
N THR B 516 -19.86 18.26 -38.02
CA THR B 516 -18.44 18.53 -37.86
C THR B 516 -17.77 19.08 -39.13
N PRO B 517 -18.11 18.62 -40.35
CA PRO B 517 -17.51 19.19 -41.56
C PRO B 517 -17.71 20.68 -41.80
N GLN B 518 -18.78 21.26 -41.23
CA GLN B 518 -19.10 22.68 -41.38
C GLN B 518 -17.94 23.56 -40.92
N LYS B 519 -17.36 23.21 -39.77
CA LYS B 519 -16.35 24.06 -39.14
C LYS B 519 -14.98 23.77 -39.75
N LYS B 520 -14.38 24.83 -40.32
CA LYS B 520 -13.10 24.82 -41.02
C LYS B 520 -11.97 24.39 -40.07
N GLU B 521 -11.91 25.07 -38.91
CA GLU B 521 -10.89 24.90 -37.88
C GLU B 521 -10.74 23.44 -37.46
N TRP B 522 -11.87 22.72 -37.39
CA TRP B 522 -11.92 21.31 -36.98
C TRP B 522 -11.39 20.38 -38.08
N ASN B 523 -11.28 20.90 -39.32
CA ASN B 523 -10.68 20.18 -40.43
C ASN B 523 -9.38 20.88 -40.84
N ASP C 37 -27.45 -2.74 -23.63
CA ASP C 37 -26.47 -2.53 -22.49
C ASP C 37 -25.35 -3.57 -22.64
N THR C 38 -24.07 -3.16 -22.47
CA THR C 38 -22.92 -4.06 -22.30
C THR C 38 -22.21 -3.84 -20.95
N MET C 39 -20.93 -4.27 -20.84
CA MET C 39 -20.27 -4.48 -19.54
C MET C 39 -19.91 -3.16 -18.86
N LYS C 40 -20.29 -3.00 -17.58
CA LYS C 40 -19.88 -1.85 -16.81
C LYS C 40 -18.58 -2.13 -16.03
N VAL C 41 -17.62 -1.21 -16.11
CA VAL C 41 -16.35 -1.27 -15.41
C VAL C 41 -16.42 -0.32 -14.23
N ILE C 42 -16.09 -0.81 -13.05
CA ILE C 42 -16.22 -0.05 -11.81
C ILE C 42 -14.91 -0.18 -11.05
N ASN C 43 -14.36 0.97 -10.58
CA ASN C 43 -13.09 1.03 -9.86
C ASN C 43 -13.34 0.82 -8.37
N ASP C 44 -12.94 -0.35 -7.84
CA ASP C 44 -13.07 -0.63 -6.41
C ASP C 44 -11.69 -0.40 -5.77
N PRO C 45 -11.57 0.24 -4.56
CA PRO C 45 -10.26 0.43 -3.93
C PRO C 45 -9.58 -0.88 -3.63
N ILE C 46 -10.32 -1.91 -3.25
CA ILE C 46 -9.67 -3.17 -2.87
C ILE C 46 -9.30 -3.93 -4.13
N HIS C 47 -10.24 -4.05 -5.08
CA HIS C 47 -10.07 -4.97 -6.19
C HIS C 47 -9.61 -4.28 -7.49
N GLY C 48 -9.60 -2.95 -7.55
CA GLY C 48 -9.26 -2.31 -8.80
C GLY C 48 -10.43 -2.31 -9.76
N HIS C 49 -10.17 -2.41 -11.06
CA HIS C 49 -11.23 -2.35 -12.06
C HIS C 49 -11.92 -3.70 -12.22
N ILE C 50 -13.16 -3.81 -11.72
CA ILE C 50 -14.06 -4.95 -11.84
C ILE C 50 -14.90 -4.77 -13.11
N GLU C 51 -15.26 -5.87 -13.82
CA GLU C 51 -16.30 -5.79 -14.84
C GLU C 51 -17.60 -6.36 -14.28
N LEU C 52 -18.72 -5.69 -14.56
CA LEU C 52 -20.04 -6.21 -14.23
C LEU C 52 -20.85 -6.40 -15.50
N HIS C 53 -21.25 -7.67 -15.73
CA HIS C 53 -22.21 -8.07 -16.75
C HIS C 53 -23.52 -7.27 -16.69
N PRO C 54 -24.16 -6.97 -17.84
CA PRO C 54 -25.41 -6.20 -17.86
C PRO C 54 -26.48 -6.69 -16.89
N LEU C 55 -26.53 -8.02 -16.66
CA LEU C 55 -27.59 -8.62 -15.85
C LEU C 55 -27.37 -8.25 -14.38
N LEU C 56 -26.09 -8.24 -13.99
CA LEU C 56 -25.73 -7.88 -12.64
C LEU C 56 -26.01 -6.40 -12.46
N VAL C 57 -25.77 -5.58 -13.50
CA VAL C 57 -26.07 -4.15 -13.38
C VAL C 57 -27.57 -3.97 -13.10
N ARG C 58 -28.40 -4.80 -13.73
CA ARG C 58 -29.83 -4.63 -13.59
C ARG C 58 -30.25 -4.96 -12.17
N ILE C 59 -29.59 -5.95 -11.57
CA ILE C 59 -29.89 -6.36 -10.20
C ILE C 59 -29.41 -5.26 -9.24
N ILE C 60 -28.28 -4.61 -9.57
CA ILE C 60 -27.64 -3.64 -8.68
C ILE C 60 -28.49 -2.38 -8.65
N ASP C 61 -29.07 -2.02 -9.80
CA ASP C 61 -29.70 -0.72 -9.98
C ASP C 61 -31.17 -0.75 -9.55
N THR C 62 -31.41 -1.25 -8.33
CA THR C 62 -32.72 -1.44 -7.78
C THR C 62 -32.75 -0.91 -6.35
N PRO C 63 -33.92 -0.46 -5.83
CA PRO C 63 -33.99 0.03 -4.45
C PRO C 63 -33.49 -0.98 -3.42
N GLN C 64 -33.65 -2.28 -3.71
CA GLN C 64 -33.39 -3.34 -2.75
C GLN C 64 -31.88 -3.53 -2.61
N PHE C 65 -31.18 -3.31 -3.72
CA PHE C 65 -29.73 -3.46 -3.72
C PHE C 65 -29.09 -2.16 -3.24
N GLN C 66 -29.53 -1.04 -3.80
CA GLN C 66 -28.97 0.25 -3.43
C GLN C 66 -29.15 0.54 -1.93
N ARG C 67 -30.05 -0.19 -1.29
CA ARG C 67 -30.38 0.02 0.11
C ARG C 67 -29.12 -0.22 0.93
N LEU C 68 -28.23 -1.09 0.42
CA LEU C 68 -27.04 -1.50 1.16
C LEU C 68 -26.03 -0.36 1.24
N ARG C 69 -26.22 0.72 0.48
CA ARG C 69 -25.36 1.88 0.63
C ARG C 69 -25.58 2.55 1.97
N TYR C 70 -26.66 2.20 2.69
CA TYR C 70 -27.04 2.92 3.90
C TYR C 70 -26.90 2.02 5.13
N ILE C 71 -26.04 1.00 5.04
CA ILE C 71 -25.79 0.12 6.16
C ILE C 71 -24.28 -0.11 6.33
N LYS C 72 -23.72 0.46 7.40
CA LYS C 72 -22.33 0.35 7.79
C LYS C 72 -21.96 -1.13 7.96
N GLN C 73 -20.84 -1.53 7.33
CA GLN C 73 -20.34 -2.91 7.42
C GLN C 73 -20.08 -3.25 8.88
N LEU C 74 -19.35 -2.38 9.61
CA LEU C 74 -18.91 -2.80 10.92
C LEU C 74 -19.77 -2.22 12.06
N GLY C 75 -20.92 -1.62 11.71
CA GLY C 75 -21.87 -1.22 12.73
C GLY C 75 -21.22 -0.14 13.59
N GLY C 76 -21.28 -0.34 14.91
CA GLY C 76 -20.72 0.59 15.87
C GLY C 76 -19.22 0.73 15.73
N GLY C 77 -18.57 -0.23 15.04
CA GLY C 77 -17.15 -0.17 14.77
C GLY C 77 -16.69 1.21 14.29
N TYR C 78 -17.53 1.93 13.56
CA TYR C 78 -17.10 3.19 12.97
C TYR C 78 -16.94 4.26 14.06
N TYR C 79 -17.62 4.05 15.18
CA TYR C 79 -17.52 4.98 16.30
C TYR C 79 -16.25 4.69 17.13
N VAL C 80 -15.43 3.71 16.68
CA VAL C 80 -14.15 3.40 17.31
C VAL C 80 -13.03 3.51 16.26
N PHE C 81 -13.31 3.00 15.06
CA PHE C 81 -12.36 3.04 13.96
C PHE C 81 -12.85 4.05 12.94
N PRO C 82 -12.35 5.30 12.96
CA PRO C 82 -12.92 6.32 12.09
C PRO C 82 -12.76 6.02 10.61
N GLY C 83 -11.93 5.03 10.27
CA GLY C 83 -11.78 4.65 8.87
C GLY C 83 -12.95 3.81 8.34
N ALA C 84 -13.60 3.06 9.25
CA ALA C 84 -14.66 2.09 8.98
C ALA C 84 -16.00 2.75 8.67
N SER C 85 -16.01 3.66 7.69
CA SER C 85 -17.20 4.25 7.08
C SER C 85 -17.88 3.34 6.05
N HIS C 86 -17.29 2.20 5.69
CA HIS C 86 -17.75 1.48 4.51
C HIS C 86 -19.06 0.77 4.81
N ASN C 87 -19.84 0.61 3.75
CA ASN C 87 -21.17 0.06 3.79
C ASN C 87 -21.24 -1.29 3.07
N ARG C 88 -22.35 -2.01 3.29
CA ARG C 88 -22.51 -3.36 2.81
C ARG C 88 -22.50 -3.39 1.28
N PHE C 89 -23.03 -2.32 0.65
CA PHE C 89 -23.07 -2.15 -0.78
C PHE C 89 -21.72 -2.51 -1.41
N GLU C 90 -20.66 -1.80 -1.03
CA GLU C 90 -19.39 -1.98 -1.68
C GLU C 90 -18.84 -3.38 -1.41
N HIS C 91 -19.06 -3.89 -0.20
CA HIS C 91 -18.62 -5.24 0.13
C HIS C 91 -19.25 -6.20 -0.86
N SER C 92 -20.53 -5.94 -1.16
CA SER C 92 -21.31 -6.86 -1.97
C SER C 92 -20.72 -6.95 -3.38
N LEU C 93 -20.33 -5.79 -3.95
CA LEU C 93 -19.74 -5.81 -5.28
C LEU C 93 -18.47 -6.65 -5.22
N GLY C 94 -17.69 -6.50 -4.16
CA GLY C 94 -16.45 -7.24 -4.02
C GLY C 94 -16.69 -8.73 -3.94
N VAL C 95 -17.71 -9.13 -3.20
CA VAL C 95 -17.96 -10.55 -2.99
C VAL C 95 -18.39 -11.18 -4.31
N GLY C 96 -19.24 -10.46 -5.04
CA GLY C 96 -19.70 -10.84 -6.36
C GLY C 96 -18.49 -10.96 -7.30
N TYR C 97 -17.57 -9.99 -7.25
CA TYR C 97 -16.42 -9.98 -8.14
C TYR C 97 -15.54 -11.19 -7.85
N LEU C 98 -15.25 -11.43 -6.56
CA LEU C 98 -14.44 -12.56 -6.15
C LEU C 98 -15.09 -13.89 -6.49
N ALA C 99 -16.40 -14.02 -6.27
CA ALA C 99 -17.11 -15.24 -6.65
C ALA C 99 -16.82 -15.56 -8.12
N GLY C 100 -17.00 -14.55 -8.98
CA GLY C 100 -16.74 -14.66 -10.40
C GLY C 100 -15.30 -15.11 -10.67
N CYS C 101 -14.34 -14.52 -9.95
CA CYS C 101 -12.94 -14.83 -10.14
C CYS C 101 -12.69 -16.31 -9.90
N LEU C 102 -13.15 -16.82 -8.75
CA LEU C 102 -12.81 -18.20 -8.40
C LEU C 102 -13.47 -19.16 -9.41
N VAL C 103 -14.74 -18.89 -9.78
CA VAL C 103 -15.44 -19.82 -10.66
C VAL C 103 -14.81 -19.81 -12.05
N HIS C 104 -14.40 -18.64 -12.53
N HIS C 104 -14.40 -18.64 -12.53
CA HIS C 104 -13.72 -18.51 -13.82
CA HIS C 104 -13.74 -18.51 -13.82
C HIS C 104 -12.39 -19.26 -13.79
C HIS C 104 -12.40 -19.26 -13.79
N ALA C 105 -11.64 -19.11 -12.69
CA ALA C 105 -10.34 -19.73 -12.57
C ALA C 105 -10.48 -21.25 -12.60
N LEU C 106 -11.49 -21.77 -11.89
CA LEU C 106 -11.66 -23.21 -11.82
C LEU C 106 -11.94 -23.72 -13.23
N GLY C 107 -12.80 -22.97 -13.93
CA GLY C 107 -13.17 -23.18 -15.32
C GLY C 107 -11.95 -23.29 -16.25
N GLU C 108 -10.99 -22.36 -16.13
CA GLU C 108 -9.92 -22.28 -17.11
C GLU C 108 -8.92 -23.41 -16.89
N LYS C 109 -8.71 -23.82 -15.64
CA LYS C 109 -7.79 -24.90 -15.32
C LYS C 109 -8.43 -26.24 -15.68
N GLN C 110 -9.73 -26.40 -15.45
CA GLN C 110 -10.37 -27.71 -15.57
C GLN C 110 -11.63 -27.67 -16.43
N PRO C 111 -11.48 -27.66 -17.79
CA PRO C 111 -12.64 -27.61 -18.67
C PRO C 111 -13.52 -28.84 -18.50
N GLU C 112 -12.95 -29.90 -17.93
CA GLU C 112 -13.69 -31.13 -17.65
C GLU C 112 -14.81 -30.88 -16.64
N LEU C 113 -14.77 -29.76 -15.93
CA LEU C 113 -15.79 -29.47 -14.95
C LEU C 113 -17.08 -29.07 -15.68
N GLN C 114 -16.94 -28.64 -16.94
CA GLN C 114 -18.06 -28.21 -17.79
C GLN C 114 -18.75 -26.99 -17.17
N ILE C 115 -17.96 -26.01 -16.71
CA ILE C 115 -18.55 -24.83 -16.11
C ILE C 115 -19.01 -23.91 -17.24
N SER C 116 -20.28 -23.47 -17.21
CA SER C 116 -20.88 -22.67 -18.29
C SER C 116 -21.01 -21.21 -17.89
N GLU C 117 -21.25 -20.34 -18.89
CA GLU C 117 -21.51 -18.92 -18.64
C GLU C 117 -22.69 -18.76 -17.69
N ARG C 118 -23.65 -19.68 -17.81
CA ARG C 118 -24.81 -19.70 -16.95
C ARG C 118 -24.40 -19.92 -15.50
N ASP C 119 -23.47 -20.87 -15.29
CA ASP C 119 -22.99 -21.20 -13.96
C ASP C 119 -22.29 -19.99 -13.35
N VAL C 120 -21.42 -19.36 -14.16
CA VAL C 120 -20.64 -18.22 -13.74
C VAL C 120 -21.59 -17.12 -13.29
N LEU C 121 -22.63 -16.86 -14.09
CA LEU C 121 -23.50 -15.76 -13.77
C LEU C 121 -24.22 -16.00 -12.46
N CYS C 122 -24.60 -17.26 -12.20
CA CYS C 122 -25.33 -17.58 -10.98
C CYS C 122 -24.44 -17.43 -9.75
N VAL C 123 -23.18 -17.83 -9.87
CA VAL C 123 -22.24 -17.70 -8.77
C VAL C 123 -22.01 -16.21 -8.52
N GLN C 124 -21.86 -15.44 -9.59
CA GLN C 124 -21.72 -14.00 -9.46
C GLN C 124 -22.94 -13.41 -8.73
N ILE C 125 -24.14 -13.84 -9.12
CA ILE C 125 -25.37 -13.26 -8.59
C ILE C 125 -25.49 -13.59 -7.11
N ALA C 126 -25.19 -14.84 -6.76
CA ALA C 126 -25.24 -15.25 -5.38
C ALA C 126 -24.26 -14.38 -4.58
N GLY C 127 -23.02 -14.24 -5.07
CA GLY C 127 -22.02 -13.45 -4.38
C GLY C 127 -22.50 -12.02 -4.14
N LEU C 128 -23.06 -11.40 -5.18
CA LEU C 128 -23.58 -10.04 -5.18
C LEU C 128 -24.66 -9.89 -4.13
N CYS C 129 -25.46 -10.95 -3.93
CA CYS C 129 -26.73 -10.79 -3.22
C CYS C 129 -26.73 -11.42 -1.83
N ARG C 130 -25.62 -11.97 -1.34
CA ARG C 130 -25.69 -12.68 -0.07
C ARG C 130 -25.59 -11.75 1.13
N ASN C 131 -25.64 -10.41 0.90
CA ASN C 131 -25.72 -9.44 1.99
C ASN C 131 -27.03 -8.64 2.00
N LEU C 132 -28.01 -9.02 1.16
CA LEU C 132 -29.21 -8.23 0.97
C LEU C 132 -30.04 -8.11 2.25
N GLY C 133 -29.87 -9.08 3.18
CA GLY C 133 -30.70 -9.23 4.37
C GLY C 133 -30.16 -8.52 5.61
N HIS C 134 -29.05 -7.78 5.45
CA HIS C 134 -28.47 -7.08 6.58
C HIS C 134 -29.38 -5.96 7.06
N GLY C 135 -29.36 -5.75 8.36
CA GLY C 135 -30.21 -4.71 8.93
C GLY C 135 -29.38 -3.51 9.37
N PRO C 136 -30.00 -2.45 9.93
CA PRO C 136 -29.27 -1.25 10.37
C PRO C 136 -28.11 -1.66 11.27
N PHE C 137 -26.90 -1.14 10.97
CA PHE C 137 -25.66 -1.37 11.71
C PHE C 137 -25.26 -2.85 11.67
N SER C 138 -25.67 -3.56 10.61
CA SER C 138 -25.26 -4.93 10.36
C SER C 138 -25.48 -5.86 11.55
N HIS C 139 -24.38 -6.25 12.20
CA HIS C 139 -24.43 -7.31 13.20
C HIS C 139 -25.29 -6.90 14.39
N MET C 140 -25.28 -5.61 14.72
CA MET C 140 -26.11 -5.11 15.79
C MET C 140 -27.54 -5.62 15.64
N PHE C 141 -28.06 -5.52 14.41
CA PHE C 141 -29.45 -5.84 14.15
C PHE C 141 -29.75 -7.31 14.36
N ASP C 142 -28.95 -8.18 13.74
CA ASP C 142 -29.28 -9.59 13.78
C ASP C 142 -28.62 -10.25 15.00
N GLY C 143 -27.61 -9.59 15.56
CA GLY C 143 -26.88 -10.09 16.71
C GLY C 143 -27.50 -9.68 18.06
N ARG C 144 -28.04 -8.46 18.15
CA ARG C 144 -28.46 -7.93 19.44
C ARG C 144 -29.95 -7.57 19.44
N PHE C 145 -30.39 -6.80 18.44
CA PHE C 145 -31.71 -6.19 18.44
C PHE C 145 -32.81 -7.21 18.24
N ILE C 146 -32.78 -7.95 17.13
CA ILE C 146 -33.88 -8.85 16.83
C ILE C 146 -34.01 -9.94 17.89
N PRO C 147 -32.91 -10.56 18.38
CA PRO C 147 -33.01 -11.51 19.48
C PRO C 147 -33.76 -10.95 20.70
N LEU C 148 -33.55 -9.67 21.01
CA LEU C 148 -34.18 -9.06 22.17
C LEU C 148 -35.62 -8.61 21.86
N ALA C 149 -35.84 -8.02 20.67
CA ALA C 149 -37.13 -7.45 20.27
C ALA C 149 -38.16 -8.53 19.91
N ARG C 150 -37.72 -9.59 19.23
CA ARG C 150 -38.63 -10.62 18.75
C ARG C 150 -38.02 -11.98 19.05
N PRO C 151 -37.88 -12.35 20.36
CA PRO C 151 -37.25 -13.62 20.73
C PRO C 151 -37.95 -14.87 20.19
N GLU C 152 -39.24 -14.75 19.83
CA GLU C 152 -39.99 -15.90 19.35
C GLU C 152 -39.52 -16.29 17.95
N VAL C 153 -39.22 -15.28 17.10
CA VAL C 153 -38.82 -15.57 15.73
C VAL C 153 -37.32 -15.83 15.72
N LYS C 154 -36.91 -16.68 14.77
CA LYS C 154 -35.50 -17.06 14.66
C LYS C 154 -34.98 -16.54 13.32
N TRP C 155 -34.07 -15.57 13.35
CA TRP C 155 -33.81 -14.73 12.18
C TRP C 155 -32.30 -14.67 11.87
N THR C 156 -31.96 -14.84 10.59
CA THR C 156 -30.58 -14.80 10.15
C THR C 156 -30.45 -13.85 8.97
N HIS C 157 -29.26 -13.25 8.81
CA HIS C 157 -29.04 -12.41 7.65
C HIS C 157 -29.27 -13.23 6.38
N GLU C 158 -28.95 -14.53 6.46
CA GLU C 158 -29.09 -15.41 5.30
C GLU C 158 -30.56 -15.47 4.86
N GLN C 159 -31.46 -15.69 5.82
CA GLN C 159 -32.88 -15.76 5.55
C GLN C 159 -33.35 -14.43 4.97
N GLY C 160 -32.92 -13.33 5.60
CA GLY C 160 -33.25 -12.01 5.09
C GLY C 160 -32.75 -11.84 3.65
N SER C 161 -31.57 -12.39 3.34
CA SER C 161 -30.97 -12.18 2.04
C SER C 161 -31.82 -12.89 0.99
N VAL C 162 -32.29 -14.09 1.34
CA VAL C 162 -33.10 -14.85 0.41
C VAL C 162 -34.40 -14.11 0.12
N MET C 163 -35.04 -13.60 1.18
CA MET C 163 -36.32 -12.91 1.09
C MET C 163 -36.19 -11.64 0.27
N MET C 164 -35.14 -10.87 0.57
CA MET C 164 -34.91 -9.61 -0.12
C MET C 164 -34.54 -9.87 -1.57
N PHE C 165 -33.84 -10.97 -1.84
CA PHE C 165 -33.49 -11.32 -3.22
C PHE C 165 -34.76 -11.56 -4.02
N GLU C 166 -35.65 -12.36 -3.43
CA GLU C 166 -36.98 -12.66 -3.96
C GLU C 166 -37.72 -11.35 -4.26
N HIS C 167 -37.76 -10.44 -3.27
CA HIS C 167 -38.42 -9.16 -3.42
C HIS C 167 -37.77 -8.33 -4.54
N LEU C 168 -36.44 -8.36 -4.64
CA LEU C 168 -35.70 -7.62 -5.65
C LEU C 168 -36.11 -8.13 -7.03
N ILE C 169 -36.11 -9.46 -7.17
CA ILE C 169 -36.46 -10.13 -8.42
C ILE C 169 -37.87 -9.69 -8.85
N ASN C 170 -38.84 -9.86 -7.96
CA ASN C 170 -40.25 -9.66 -8.27
C ASN C 170 -40.59 -8.20 -8.49
N SER C 171 -39.99 -7.28 -7.72
CA SER C 171 -40.30 -5.86 -7.88
C SER C 171 -39.68 -5.25 -9.13
N ASN C 172 -38.72 -5.93 -9.77
CA ASN C 172 -37.94 -5.22 -10.78
C ASN C 172 -37.95 -5.94 -12.11
N GLY C 173 -38.77 -6.99 -12.26
CA GLY C 173 -38.90 -7.70 -13.52
C GLY C 173 -37.57 -8.28 -14.00
N ILE C 174 -36.86 -8.91 -13.07
CA ILE C 174 -35.54 -9.46 -13.34
C ILE C 174 -35.64 -10.74 -14.17
N LYS C 175 -36.71 -11.53 -13.94
CA LYS C 175 -36.82 -12.85 -14.54
C LYS C 175 -36.65 -12.82 -16.06
N PRO C 176 -37.34 -11.93 -16.81
CA PRO C 176 -37.09 -11.82 -18.26
C PRO C 176 -35.65 -11.46 -18.61
N VAL C 177 -34.99 -10.61 -17.80
CA VAL C 177 -33.62 -10.25 -18.09
C VAL C 177 -32.73 -11.47 -17.88
N MET C 178 -33.01 -12.26 -16.84
CA MET C 178 -32.25 -13.49 -16.61
C MET C 178 -32.37 -14.40 -17.82
N GLU C 179 -33.58 -14.52 -18.36
CA GLU C 179 -33.86 -15.40 -19.47
C GLU C 179 -33.11 -14.91 -20.71
N GLN C 180 -33.06 -13.59 -20.87
CA GLN C 180 -32.42 -12.95 -22.01
C GLN C 180 -30.94 -13.33 -22.09
N TYR C 181 -30.31 -13.59 -20.94
CA TYR C 181 -28.89 -13.92 -20.88
C TYR C 181 -28.69 -15.41 -20.64
N GLY C 182 -29.76 -16.17 -20.89
CA GLY C 182 -29.62 -17.61 -21.03
C GLY C 182 -29.79 -18.34 -19.70
N LEU C 183 -30.24 -17.64 -18.66
CA LEU C 183 -30.54 -18.30 -17.40
C LEU C 183 -31.94 -18.92 -17.51
N ILE C 184 -32.15 -20.00 -16.76
CA ILE C 184 -33.45 -20.61 -16.62
C ILE C 184 -33.96 -20.27 -15.23
N PRO C 185 -34.84 -19.25 -15.10
CA PRO C 185 -35.18 -18.68 -13.79
C PRO C 185 -35.57 -19.68 -12.71
N GLU C 186 -36.37 -20.68 -13.05
CA GLU C 186 -36.88 -21.52 -11.98
C GLU C 186 -35.72 -22.20 -11.27
N GLU C 187 -34.85 -22.91 -12.04
CA GLU C 187 -33.70 -23.64 -11.52
C GLU C 187 -32.64 -22.69 -10.93
N ASP C 188 -32.40 -21.56 -11.62
CA ASP C 188 -31.25 -20.72 -11.33
C ASP C 188 -31.50 -19.91 -10.07
N ILE C 189 -32.76 -19.46 -9.90
CA ILE C 189 -33.13 -18.73 -8.70
C ILE C 189 -33.00 -19.66 -7.50
N CYS C 190 -33.37 -20.93 -7.69
CA CYS C 190 -33.18 -21.92 -6.65
C CYS C 190 -31.69 -22.03 -6.29
N PHE C 191 -30.83 -22.18 -7.32
CA PHE C 191 -29.41 -22.34 -7.15
C PHE C 191 -28.85 -21.17 -6.36
N ILE C 192 -29.29 -19.96 -6.74
CA ILE C 192 -28.78 -18.73 -6.14
C ILE C 192 -29.12 -18.69 -4.65
N LYS C 193 -30.37 -18.98 -4.31
CA LYS C 193 -30.80 -18.96 -2.92
C LYS C 193 -30.08 -20.06 -2.14
N GLU C 194 -29.85 -21.21 -2.76
CA GLU C 194 -29.17 -22.30 -2.07
C GLU C 194 -27.74 -21.93 -1.72
N GLN C 195 -27.06 -21.23 -2.63
CA GLN C 195 -25.73 -20.69 -2.35
C GLN C 195 -25.77 -19.75 -1.14
N ILE C 196 -26.88 -19.03 -0.95
CA ILE C 196 -26.98 -18.02 0.08
C ILE C 196 -27.26 -18.63 1.45
N VAL C 197 -28.14 -19.64 1.50
CA VAL C 197 -28.68 -20.06 2.79
C VAL C 197 -28.34 -21.52 3.12
N GLY C 198 -28.00 -22.29 2.11
CA GLY C 198 -27.77 -23.70 2.33
C GLY C 198 -28.93 -24.50 1.74
N PRO C 199 -29.03 -25.82 2.01
CA PRO C 199 -30.10 -26.65 1.46
C PRO C 199 -31.48 -26.10 1.86
N LEU C 200 -32.33 -25.83 0.86
CA LEU C 200 -33.62 -25.15 0.99
C LEU C 200 -34.65 -25.97 1.78
N GLU C 201 -34.46 -27.29 1.89
CA GLU C 201 -35.31 -28.16 2.70
C GLU C 201 -34.46 -29.10 3.58
N LEU C 208 -26.87 -38.60 0.50
CA LEU C 208 -28.12 -38.19 -0.20
C LEU C 208 -28.05 -36.68 -0.54
N TRP C 209 -28.02 -36.39 -1.85
CA TRP C 209 -27.75 -35.04 -2.37
C TRP C 209 -28.92 -34.12 -2.03
N PRO C 210 -28.70 -33.09 -1.19
CA PRO C 210 -29.81 -32.22 -0.76
C PRO C 210 -30.18 -31.02 -1.62
N TYR C 211 -29.41 -30.71 -2.68
CA TYR C 211 -29.60 -29.47 -3.43
C TYR C 211 -30.38 -29.72 -4.72
N LYS C 212 -31.13 -28.70 -5.16
CA LYS C 212 -31.99 -28.82 -6.32
C LYS C 212 -31.59 -27.85 -7.44
N GLY C 213 -30.71 -26.91 -7.13
CA GLY C 213 -30.29 -25.91 -8.09
C GLY C 213 -29.27 -26.45 -9.09
N ARG C 214 -28.46 -27.41 -8.63
CA ARG C 214 -27.44 -28.03 -9.47
C ARG C 214 -27.25 -29.45 -8.97
N PRO C 215 -26.83 -30.40 -9.84
CA PRO C 215 -26.56 -31.78 -9.42
C PRO C 215 -25.18 -32.01 -8.83
N GLU C 216 -24.89 -33.23 -8.37
CA GLU C 216 -23.69 -33.59 -7.62
C GLU C 216 -22.38 -33.25 -8.33
N ASN C 217 -22.40 -33.30 -9.67
CA ASN C 217 -21.21 -33.19 -10.51
C ASN C 217 -20.75 -31.73 -10.52
N LYS C 218 -21.59 -30.86 -9.93
CA LYS C 218 -21.37 -29.42 -9.85
C LYS C 218 -21.31 -28.98 -8.38
N SER C 219 -21.14 -29.95 -7.47
CA SER C 219 -21.18 -29.74 -6.03
C SER C 219 -20.29 -28.57 -5.58
N PHE C 220 -19.12 -28.44 -6.20
CA PHE C 220 -18.10 -27.47 -5.84
C PHE C 220 -18.63 -26.05 -5.99
N LEU C 221 -19.64 -25.83 -6.82
CA LEU C 221 -20.13 -24.47 -6.98
C LEU C 221 -20.70 -23.93 -5.67
N TYR C 222 -21.09 -24.84 -4.76
CA TYR C 222 -21.72 -24.45 -3.51
C TYR C 222 -20.69 -24.01 -2.47
N GLU C 223 -19.41 -24.15 -2.83
CA GLU C 223 -18.33 -23.91 -1.90
C GLU C 223 -17.70 -22.54 -2.12
N ILE C 224 -18.23 -21.71 -3.03
CA ILE C 224 -17.61 -20.44 -3.40
C ILE C 224 -18.16 -19.27 -2.57
N VAL C 225 -19.50 -19.04 -2.63
CA VAL C 225 -20.09 -17.85 -2.04
C VAL C 225 -20.29 -18.03 -0.54
N SER C 226 -20.86 -19.15 -0.12
CA SER C 226 -21.05 -19.33 1.31
C SER C 226 -20.84 -20.79 1.70
N ASN C 227 -19.61 -21.08 2.15
CA ASN C 227 -19.06 -22.42 2.23
C ASN C 227 -19.50 -23.06 3.53
N LYS C 228 -20.53 -23.90 3.48
CA LYS C 228 -21.02 -24.51 4.70
C LYS C 228 -20.12 -25.67 5.11
N ARG C 229 -19.21 -26.10 4.24
CA ARG C 229 -18.36 -27.26 4.53
C ARG C 229 -17.24 -26.91 5.51
N ASN C 230 -16.54 -25.79 5.27
CA ASN C 230 -15.41 -25.41 6.10
C ASN C 230 -15.27 -23.88 6.26
N GLY C 231 -16.01 -23.10 5.46
CA GLY C 231 -16.02 -21.66 5.65
C GLY C 231 -14.98 -20.89 4.82
N ILE C 232 -14.15 -21.60 4.06
CA ILE C 232 -13.27 -20.90 3.13
C ILE C 232 -14.10 -20.43 1.93
N ASP C 233 -14.57 -19.17 1.97
CA ASP C 233 -15.43 -18.63 0.92
C ASP C 233 -15.01 -17.20 0.56
N VAL C 234 -15.45 -16.71 -0.60
CA VAL C 234 -15.01 -15.43 -1.12
C VAL C 234 -15.57 -14.30 -0.25
N ASP C 235 -16.62 -14.58 0.52
CA ASP C 235 -17.23 -13.53 1.30
C ASP C 235 -16.17 -13.02 2.29
N LYS C 236 -15.48 -13.98 2.94
CA LYS C 236 -14.45 -13.72 3.93
C LYS C 236 -13.34 -12.91 3.28
N TRP C 237 -12.94 -13.36 2.10
CA TRP C 237 -11.81 -12.78 1.39
C TRP C 237 -12.07 -11.30 1.14
N ASP C 238 -13.32 -10.93 0.80
CA ASP C 238 -13.57 -9.53 0.54
C ASP C 238 -13.47 -8.75 1.86
N TYR C 239 -14.10 -9.28 2.90
CA TYR C 239 -14.16 -8.51 4.14
C TYR C 239 -12.78 -8.38 4.82
N PHE C 240 -11.97 -9.45 4.77
CA PHE C 240 -10.60 -9.35 5.28
C PHE C 240 -9.88 -8.17 4.62
N ALA C 241 -9.99 -8.09 3.29
CA ALA C 241 -9.26 -7.08 2.53
C ALA C 241 -9.86 -5.71 2.78
N ARG C 242 -11.19 -5.60 2.67
CA ARG C 242 -11.86 -4.31 2.72
C ARG C 242 -11.86 -3.78 4.15
N ASP C 243 -12.23 -4.61 5.13
CA ASP C 243 -12.26 -4.11 6.48
C ASP C 243 -10.86 -3.62 6.86
N CYS C 244 -9.83 -4.38 6.50
CA CYS C 244 -8.46 -3.98 6.81
C CYS C 244 -8.09 -2.65 6.17
N HIS C 245 -8.45 -2.50 4.89
CA HIS C 245 -8.19 -1.26 4.17
C HIS C 245 -8.76 -0.08 4.96
N HIS C 246 -9.92 -0.28 5.63
CA HIS C 246 -10.67 0.81 6.23
C HIS C 246 -10.25 1.01 7.69
N LEU C 247 -10.05 -0.12 8.38
CA LEU C 247 -9.77 -0.18 9.80
C LEU C 247 -8.40 0.41 10.06
N GLY C 248 -7.48 0.29 9.07
CA GLY C 248 -6.08 0.62 9.24
C GLY C 248 -5.29 -0.49 9.93
N ILE C 249 -5.71 -1.73 9.74
CA ILE C 249 -5.00 -2.94 10.14
C ILE C 249 -4.55 -3.59 8.85
N GLN C 250 -3.56 -4.44 8.94
CA GLN C 250 -2.94 -4.91 7.72
C GLN C 250 -3.36 -6.37 7.62
N ASN C 251 -3.65 -6.77 6.36
CA ASN C 251 -4.16 -8.10 6.12
C ASN C 251 -3.02 -9.06 5.73
N ASN C 252 -2.90 -10.21 6.38
CA ASN C 252 -1.76 -11.09 6.19
C ASN C 252 -2.16 -12.31 5.37
N PHE C 253 -3.41 -12.35 4.83
CA PHE C 253 -3.89 -13.52 4.10
C PHE C 253 -4.01 -13.19 2.61
N ASP C 254 -3.57 -14.10 1.72
CA ASP C 254 -3.54 -13.85 0.28
C ASP C 254 -4.60 -14.67 -0.48
N TYR C 255 -5.75 -14.07 -0.79
N TYR C 255 -5.77 -14.07 -0.74
CA TYR C 255 -6.79 -14.84 -1.45
CA TYR C 255 -6.78 -14.84 -1.44
C TYR C 255 -6.37 -15.19 -2.89
C TYR C 255 -6.35 -15.19 -2.87
N LYS C 256 -5.57 -14.32 -3.53
CA LYS C 256 -5.25 -14.54 -4.94
C LYS C 256 -4.37 -15.77 -5.07
N ARG C 257 -3.46 -15.96 -4.09
CA ARG C 257 -2.63 -17.17 -4.00
C ARG C 257 -3.55 -18.38 -3.85
N PHE C 258 -4.55 -18.29 -2.98
CA PHE C 258 -5.38 -19.45 -2.72
C PHE C 258 -6.04 -19.90 -4.03
N ILE C 259 -6.53 -18.92 -4.78
CA ILE C 259 -7.27 -19.14 -6.02
C ILE C 259 -6.34 -19.77 -7.03
N LYS C 260 -5.11 -19.26 -7.17
CA LYS C 260 -4.18 -19.84 -8.11
C LYS C 260 -3.95 -21.31 -7.81
N PHE C 261 -3.99 -21.72 -6.53
CA PHE C 261 -3.62 -23.06 -6.13
C PHE C 261 -4.87 -23.92 -5.99
N ALA C 262 -6.05 -23.34 -6.22
CA ALA C 262 -7.27 -24.11 -6.04
C ALA C 262 -7.52 -25.00 -7.26
N ARG C 263 -7.99 -26.23 -6.98
CA ARG C 263 -8.40 -27.25 -7.94
C ARG C 263 -9.68 -27.94 -7.43
N VAL C 264 -10.44 -28.58 -8.34
CA VAL C 264 -11.60 -29.40 -7.98
C VAL C 264 -11.20 -30.86 -8.10
N CYS C 265 -11.45 -31.65 -7.05
CA CYS C 265 -11.16 -33.07 -7.04
C CYS C 265 -12.37 -33.87 -6.55
N GLU C 266 -12.37 -35.15 -6.91
CA GLU C 266 -13.35 -36.09 -6.40
C GLU C 266 -12.98 -36.44 -4.97
N VAL C 267 -13.91 -36.19 -4.05
CA VAL C 267 -13.86 -36.66 -2.67
C VAL C 267 -15.19 -37.34 -2.36
N ASP C 268 -15.10 -38.65 -2.03
CA ASP C 268 -16.23 -39.53 -1.76
C ASP C 268 -17.33 -39.25 -2.77
N ASN C 269 -16.99 -39.28 -4.08
CA ASN C 269 -17.96 -39.23 -5.16
C ASN C 269 -18.75 -37.91 -5.18
N GLU C 270 -18.12 -36.83 -4.67
CA GLU C 270 -18.55 -35.45 -4.88
C GLU C 270 -17.35 -34.68 -5.40
N LEU C 271 -17.60 -33.74 -6.32
CA LEU C 271 -16.53 -32.86 -6.75
C LEU C 271 -16.48 -31.64 -5.82
N ARG C 272 -15.33 -31.45 -5.15
CA ARG C 272 -15.12 -30.38 -4.18
C ARG C 272 -13.84 -29.58 -4.49
N ILE C 273 -13.79 -28.35 -3.97
CA ILE C 273 -12.64 -27.47 -4.09
C ILE C 273 -11.56 -27.96 -3.13
N CYS C 274 -10.37 -28.15 -3.67
CA CYS C 274 -9.24 -28.62 -2.90
C CYS C 274 -8.08 -27.63 -3.01
N ALA C 275 -7.35 -27.53 -1.90
CA ALA C 275 -6.13 -26.75 -1.80
C ALA C 275 -4.90 -27.64 -2.00
N ARG C 276 -3.80 -27.01 -2.43
CA ARG C 276 -2.50 -27.66 -2.56
C ARG C 276 -1.99 -27.98 -1.17
N ASP C 277 -1.45 -29.19 -0.99
CA ASP C 277 -1.04 -29.71 0.31
C ASP C 277 -0.24 -28.65 1.07
N LYS C 278 0.83 -28.15 0.43
CA LYS C 278 1.83 -27.20 0.94
C LYS C 278 1.17 -25.98 1.56
N GLU C 279 -0.07 -25.69 1.14
CA GLU C 279 -0.70 -24.41 1.43
C GLU C 279 -1.59 -24.46 2.68
N VAL C 280 -1.58 -25.61 3.38
CA VAL C 280 -2.43 -25.82 4.54
C VAL C 280 -2.07 -24.78 5.62
N GLY C 281 -0.77 -24.49 5.74
CA GLY C 281 -0.35 -23.54 6.75
C GLY C 281 -1.02 -22.18 6.56
N ASN C 282 -1.27 -21.82 5.31
CA ASN C 282 -1.89 -20.56 4.95
C ASN C 282 -3.35 -20.55 5.40
N LEU C 283 -3.99 -21.73 5.43
CA LEU C 283 -5.38 -21.83 5.81
C LEU C 283 -5.54 -21.69 7.32
N TYR C 284 -4.62 -22.32 8.07
CA TYR C 284 -4.58 -22.14 9.51
C TYR C 284 -4.41 -20.65 9.78
N ASP C 285 -3.54 -20.02 8.98
CA ASP C 285 -3.29 -18.60 9.12
C ASP C 285 -4.58 -17.80 8.87
N MET C 286 -5.40 -18.27 7.94
CA MET C 286 -6.57 -17.52 7.54
C MET C 286 -7.57 -17.44 8.70
N PHE C 287 -7.77 -18.56 9.40
CA PHE C 287 -8.66 -18.58 10.54
C PHE C 287 -8.08 -17.77 11.69
N HIS C 288 -6.74 -17.82 11.86
CA HIS C 288 -6.07 -17.02 12.85
C HIS C 288 -6.36 -15.54 12.59
N THR C 289 -6.33 -15.17 11.30
CA THR C 289 -6.54 -13.79 10.87
C THR C 289 -7.95 -13.37 11.26
N ARG C 290 -8.92 -14.25 11.00
CA ARG C 290 -10.30 -13.99 11.35
C ARG C 290 -10.41 -13.76 12.86
N ASN C 291 -9.76 -14.62 13.65
CA ASN C 291 -9.74 -14.45 15.10
C ASN C 291 -9.16 -13.09 15.49
N SER C 292 -8.07 -12.68 14.82
CA SER C 292 -7.39 -11.43 15.15
C SER C 292 -8.30 -10.25 14.89
N LEU C 293 -9.02 -10.29 13.76
CA LEU C 293 -9.90 -9.20 13.39
C LEU C 293 -11.03 -9.08 14.39
N HIS C 294 -11.44 -10.22 14.95
CA HIS C 294 -12.48 -10.20 15.96
C HIS C 294 -11.95 -9.54 17.24
N ARG C 295 -10.79 -10.06 17.72
CA ARG C 295 -10.17 -9.55 18.93
C ARG C 295 -9.90 -8.05 18.79
N ARG C 296 -9.34 -7.65 17.65
CA ARG C 296 -8.88 -6.28 17.51
C ARG C 296 -10.00 -5.31 17.14
N ALA C 297 -10.98 -5.74 16.31
CA ALA C 297 -11.89 -4.77 15.70
C ALA C 297 -13.36 -5.12 15.94
N TYR C 298 -13.79 -6.31 15.55
CA TYR C 298 -15.21 -6.59 15.46
C TYR C 298 -15.82 -6.73 16.85
N GLN C 299 -15.03 -7.20 17.83
CA GLN C 299 -15.52 -7.33 19.21
C GLN C 299 -14.83 -6.34 20.13
N HIS C 300 -14.26 -5.26 19.60
CA HIS C 300 -13.67 -4.21 20.41
C HIS C 300 -14.69 -3.80 21.48
N LYS C 301 -14.18 -3.60 22.71
CA LYS C 301 -14.99 -3.41 23.90
C LYS C 301 -15.87 -2.18 23.77
N VAL C 302 -15.35 -1.12 23.16
CA VAL C 302 -16.17 0.07 23.06
C VAL C 302 -17.15 -0.03 21.90
N GLY C 303 -16.67 -0.57 20.78
CA GLY C 303 -17.56 -0.79 19.65
C GLY C 303 -18.77 -1.61 20.06
N ASN C 304 -18.53 -2.63 20.89
CA ASN C 304 -19.63 -3.50 21.30
C ASN C 304 -20.62 -2.70 22.16
N ILE C 305 -20.10 -1.79 23.02
CA ILE C 305 -20.97 -1.07 23.91
C ILE C 305 -21.79 -0.10 23.08
N ILE C 306 -21.18 0.46 22.04
CA ILE C 306 -21.91 1.41 21.23
C ILE C 306 -23.05 0.69 20.50
N ASP C 307 -22.75 -0.52 19.99
CA ASP C 307 -23.75 -1.38 19.41
C ASP C 307 -24.88 -1.61 20.42
N THR C 308 -24.49 -1.84 21.69
CA THR C 308 -25.42 -2.19 22.76
C THR C 308 -26.31 -1.00 23.10
N MET C 309 -25.72 0.19 23.12
CA MET C 309 -26.46 1.40 23.40
C MET C 309 -27.41 1.71 22.25
N ILE C 310 -26.96 1.53 21.01
CA ILE C 310 -27.83 1.75 19.87
C ILE C 310 -29.02 0.79 19.96
N THR C 311 -28.76 -0.47 20.33
CA THR C 311 -29.81 -1.46 20.46
C THR C 311 -30.86 -1.02 21.49
N ASP C 312 -30.37 -0.56 22.65
CA ASP C 312 -31.19 -0.07 23.75
C ASP C 312 -32.10 1.04 23.24
N ALA C 313 -31.52 1.96 22.46
CA ALA C 313 -32.25 3.10 21.94
C ALA C 313 -33.35 2.62 20.99
N PHE C 314 -33.01 1.67 20.13
CA PHE C 314 -33.96 1.17 19.17
C PHE C 314 -35.11 0.51 19.91
N LEU C 315 -34.80 -0.29 20.92
CA LEU C 315 -35.81 -0.98 21.72
C LEU C 315 -36.80 0.04 22.31
N LYS C 316 -36.29 1.17 22.80
CA LYS C 316 -37.09 2.22 23.42
C LYS C 316 -37.84 3.00 22.35
N ALA C 317 -37.36 3.00 21.11
CA ALA C 317 -38.00 3.73 20.04
C ALA C 317 -39.04 2.86 19.35
N ASP C 318 -39.04 1.55 19.63
CA ASP C 318 -39.67 0.56 18.77
C ASP C 318 -41.17 0.81 18.56
N ASP C 319 -41.85 1.27 19.63
CA ASP C 319 -43.28 1.48 19.67
C ASP C 319 -43.70 2.69 18.84
N TYR C 320 -42.80 3.66 18.63
CA TYR C 320 -43.21 4.94 18.05
C TYR C 320 -42.69 5.16 16.63
N ILE C 321 -41.66 4.43 16.20
CA ILE C 321 -41.17 4.67 14.85
C ILE C 321 -41.97 3.81 13.89
N GLU C 322 -42.43 4.43 12.81
CA GLU C 322 -43.34 3.75 11.89
C GLU C 322 -42.77 3.79 10.49
N ILE C 323 -42.74 2.60 9.87
CA ILE C 323 -42.22 2.40 8.55
C ILE C 323 -43.35 1.78 7.73
N THR C 324 -43.58 2.40 6.58
CA THR C 324 -44.67 2.04 5.69
C THR C 324 -44.18 0.94 4.76
N GLY C 325 -44.87 -0.22 4.82
CA GLY C 325 -44.65 -1.37 3.95
C GLY C 325 -45.73 -1.53 2.88
N ALA C 326 -45.93 -2.77 2.41
CA ALA C 326 -46.76 -3.04 1.26
C ALA C 326 -48.21 -2.69 1.62
N GLY C 327 -48.86 -1.99 0.68
CA GLY C 327 -50.25 -1.61 0.81
C GLY C 327 -50.46 -0.52 1.85
N GLY C 328 -49.41 0.25 2.13
CA GLY C 328 -49.52 1.35 3.09
C GLY C 328 -49.61 0.88 4.54
N LYS C 329 -49.57 -0.46 4.78
CA LYS C 329 -49.57 -1.08 6.09
C LYS C 329 -48.34 -0.62 6.90
N LYS C 330 -48.49 -0.45 8.22
CA LYS C 330 -47.43 0.13 9.02
C LYS C 330 -46.70 -0.91 9.85
N TYR C 331 -45.36 -0.81 9.85
CA TYR C 331 -44.52 -1.71 10.63
C TYR C 331 -43.64 -0.92 11.59
N ARG C 332 -43.10 -1.67 12.57
CA ARG C 332 -42.14 -1.17 13.53
C ARG C 332 -40.74 -1.67 13.16
N ILE C 333 -39.71 -1.12 13.81
CA ILE C 333 -38.33 -1.55 13.56
C ILE C 333 -38.27 -3.07 13.69
N SER C 334 -39.01 -3.60 14.69
CA SER C 334 -38.92 -5.00 15.03
C SER C 334 -39.76 -5.87 14.07
N THR C 335 -40.68 -5.26 13.32
CA THR C 335 -41.61 -6.02 12.49
C THR C 335 -41.33 -5.81 11.00
N ALA C 336 -40.40 -4.90 10.67
CA ALA C 336 -40.03 -4.67 9.29
C ALA C 336 -39.50 -5.95 8.63
N ILE C 337 -38.95 -6.88 9.41
CA ILE C 337 -38.44 -8.11 8.83
C ILE C 337 -39.58 -8.94 8.24
N ASP C 338 -40.84 -8.58 8.56
CA ASP C 338 -42.00 -9.33 8.11
C ASP C 338 -42.50 -8.86 6.76
N ASP C 339 -42.14 -7.63 6.37
CA ASP C 339 -42.54 -7.12 5.06
C ASP C 339 -41.32 -6.54 4.33
N MET C 340 -40.95 -7.14 3.20
CA MET C 340 -39.71 -6.82 2.51
C MET C 340 -39.75 -5.41 1.93
N GLU C 341 -40.96 -4.94 1.60
CA GLU C 341 -41.14 -3.59 1.12
C GLU C 341 -40.78 -2.57 2.22
N ALA C 342 -41.20 -2.88 3.46
CA ALA C 342 -40.84 -2.08 4.62
C ALA C 342 -39.37 -2.24 4.96
N TYR C 343 -38.88 -3.48 4.99
CA TYR C 343 -37.48 -3.75 5.25
C TYR C 343 -36.57 -2.99 4.29
N THR C 344 -36.98 -2.84 3.02
CA THR C 344 -36.23 -2.04 2.07
C THR C 344 -35.88 -0.66 2.63
N LYS C 345 -36.78 -0.07 3.41
CA LYS C 345 -36.61 1.29 3.91
C LYS C 345 -36.08 1.30 5.35
N LEU C 346 -35.54 0.16 5.83
CA LEU C 346 -34.99 0.08 7.17
C LEU C 346 -33.46 -0.01 7.14
N THR C 347 -32.79 1.11 7.45
CA THR C 347 -31.33 1.19 7.33
C THR C 347 -30.77 1.95 8.51
N ASP C 348 -29.52 2.40 8.41
CA ASP C 348 -28.86 3.12 9.50
C ASP C 348 -29.58 4.44 9.72
N ASN C 349 -30.44 4.77 8.77
CA ASN C 349 -31.14 6.03 8.83
C ASN C 349 -32.04 6.10 10.07
N ILE C 350 -32.48 4.95 10.58
CA ILE C 350 -33.28 4.89 11.79
C ILE C 350 -32.61 5.61 12.96
N PHE C 351 -31.30 5.48 13.06
CA PHE C 351 -30.51 6.15 14.09
C PHE C 351 -30.74 7.66 14.03
N LEU C 352 -30.63 8.26 12.83
CA LEU C 352 -30.75 9.70 12.70
C LEU C 352 -32.22 10.13 12.80
N GLU C 353 -33.14 9.24 12.43
CA GLU C 353 -34.56 9.55 12.60
C GLU C 353 -34.86 9.76 14.08
N ILE C 354 -34.31 8.87 14.92
CA ILE C 354 -34.41 8.99 16.36
C ILE C 354 -33.70 10.25 16.82
N LEU C 355 -32.43 10.41 16.42
CA LEU C 355 -31.62 11.49 16.93
C LEU C 355 -32.28 12.85 16.66
N TYR C 356 -32.92 12.99 15.49
CA TYR C 356 -33.44 14.28 15.05
C TYR C 356 -34.90 14.44 15.44
N SER C 357 -35.51 13.40 16.04
CA SER C 357 -36.92 13.46 16.43
C SER C 357 -37.18 14.55 17.46
N THR C 358 -38.43 15.02 17.49
CA THR C 358 -38.90 15.95 18.51
C THR C 358 -40.13 15.38 19.24
N ASP C 359 -40.72 14.31 18.70
CA ASP C 359 -41.79 13.60 19.37
C ASP C 359 -41.44 13.33 20.84
N PRO C 360 -42.24 13.80 21.82
CA PRO C 360 -41.98 13.52 23.24
C PRO C 360 -41.90 12.03 23.57
N LYS C 361 -42.65 11.21 22.80
CA LYS C 361 -42.74 9.78 23.05
C LYS C 361 -41.36 9.13 22.85
N LEU C 362 -40.53 9.76 22.00
CA LEU C 362 -39.23 9.27 21.55
C LEU C 362 -38.10 9.84 22.38
N LYS C 363 -38.43 10.66 23.40
CA LYS C 363 -37.44 11.34 24.23
C LYS C 363 -36.44 10.33 24.81
N ASP C 364 -36.94 9.21 25.34
CA ASP C 364 -36.10 8.21 25.98
C ASP C 364 -35.04 7.66 25.02
N ALA C 365 -35.47 7.35 23.80
CA ALA C 365 -34.56 6.76 22.83
C ALA C 365 -33.56 7.80 22.37
N ARG C 366 -34.07 8.98 22.03
CA ARG C 366 -33.28 10.14 21.62
C ARG C 366 -32.19 10.42 22.65
N GLU C 367 -32.50 10.29 23.94
CA GLU C 367 -31.55 10.62 25.00
C GLU C 367 -30.35 9.67 24.95
N ILE C 368 -30.62 8.39 24.71
CA ILE C 368 -29.54 7.43 24.70
C ILE C 368 -28.60 7.78 23.54
N LEU C 369 -29.16 8.13 22.38
CA LEU C 369 -28.31 8.45 21.26
C LEU C 369 -27.52 9.71 21.56
N LYS C 370 -28.12 10.66 22.29
CA LYS C 370 -27.41 11.87 22.64
C LYS C 370 -26.22 11.54 23.55
N GLN C 371 -26.40 10.51 24.37
CA GLN C 371 -25.38 10.13 25.33
C GLN C 371 -24.22 9.57 24.54
N ILE C 372 -24.54 8.83 23.47
CA ILE C 372 -23.50 8.29 22.61
C ILE C 372 -22.70 9.44 22.02
N GLU C 373 -23.37 10.52 21.57
CA GLU C 373 -22.71 11.66 20.97
C GLU C 373 -21.79 12.39 21.96
N TYR C 374 -22.15 12.47 23.25
CA TYR C 374 -21.36 13.18 24.25
C TYR C 374 -20.27 12.27 24.81
N ARG C 375 -20.26 11.03 24.32
CA ARG C 375 -19.33 10.00 24.71
C ARG C 375 -19.57 9.60 26.17
N ASN C 376 -20.83 9.74 26.61
CA ASN C 376 -21.24 9.22 27.91
C ASN C 376 -21.67 7.78 27.73
N LEU C 377 -20.68 6.89 27.62
CA LEU C 377 -20.91 5.48 27.36
C LEU C 377 -20.98 4.73 28.68
N PHE C 378 -21.57 3.52 28.66
CA PHE C 378 -21.43 2.58 29.76
C PHE C 378 -19.96 2.32 29.96
N LYS C 379 -19.50 2.14 31.21
CA LYS C 379 -18.06 2.07 31.50
C LYS C 379 -17.60 0.61 31.56
N TYR C 380 -16.49 0.30 30.83
CA TYR C 380 -15.94 -1.04 30.83
C TYR C 380 -15.42 -1.32 32.24
N VAL C 381 -15.83 -2.46 32.79
CA VAL C 381 -15.37 -2.92 34.09
C VAL C 381 -14.20 -3.88 33.88
N GLY C 382 -14.39 -4.91 33.06
CA GLY C 382 -13.38 -5.96 32.94
C GLY C 382 -13.83 -7.09 32.01
N GLU C 383 -12.93 -8.07 31.89
CA GLU C 383 -13.02 -9.13 30.88
C GLU C 383 -12.45 -10.39 31.53
N THR C 384 -13.11 -11.53 31.31
CA THR C 384 -12.70 -12.80 31.88
C THR C 384 -13.15 -13.94 30.97
N GLN C 385 -12.71 -15.17 31.24
CA GLN C 385 -13.16 -16.35 30.49
C GLN C 385 -13.53 -17.49 31.42
N PRO C 386 -14.42 -18.44 31.02
CA PRO C 386 -14.52 -19.74 31.71
C PRO C 386 -13.23 -20.56 31.70
N THR C 387 -13.19 -21.63 32.52
CA THR C 387 -12.05 -22.54 32.64
C THR C 387 -12.50 -23.97 32.38
N GLY C 388 -11.54 -24.84 32.00
CA GLY C 388 -11.83 -26.24 31.76
C GLY C 388 -12.83 -26.40 30.63
N GLN C 389 -13.92 -27.15 30.86
CA GLN C 389 -14.94 -27.33 29.84
C GLN C 389 -16.23 -26.60 30.23
N ILE C 390 -16.21 -25.82 31.31
CA ILE C 390 -17.36 -25.01 31.69
C ILE C 390 -17.71 -24.11 30.50
N LYS C 391 -18.99 -24.11 30.09
CA LYS C 391 -19.46 -23.24 29.01
C LYS C 391 -20.69 -22.49 29.52
N ILE C 392 -20.98 -21.35 28.90
CA ILE C 392 -22.06 -20.49 29.39
C ILE C 392 -23.17 -20.50 28.35
N LYS C 393 -24.33 -21.05 28.70
CA LYS C 393 -25.37 -21.31 27.73
C LYS C 393 -26.15 -20.02 27.48
N ARG C 394 -26.78 -19.94 26.31
CA ARG C 394 -27.47 -18.73 25.84
C ARG C 394 -28.62 -18.35 26.77
N GLU C 395 -29.29 -19.34 27.35
CA GLU C 395 -30.44 -19.12 28.23
C GLU C 395 -30.02 -18.47 29.55
N ASP C 396 -28.71 -18.48 29.85
CA ASP C 396 -28.20 -18.00 31.14
C ASP C 396 -27.74 -16.55 31.06
N TYR C 397 -27.79 -15.95 29.86
CA TYR C 397 -27.20 -14.63 29.62
C TYR C 397 -27.88 -13.60 30.52
N GLU C 398 -29.21 -13.68 30.60
CA GLU C 398 -30.06 -12.77 31.37
C GLU C 398 -29.70 -12.80 32.86
N SER C 399 -29.38 -13.99 33.38
CA SER C 399 -29.19 -14.19 34.80
C SER C 399 -27.86 -13.62 35.30
N LEU C 400 -26.94 -13.29 34.39
CA LEU C 400 -25.56 -12.96 34.72
C LEU C 400 -25.41 -11.60 35.39
N PRO C 401 -26.08 -10.51 34.93
CA PRO C 401 -26.02 -9.25 35.66
C PRO C 401 -26.35 -9.43 37.15
N LYS C 402 -27.42 -10.21 37.44
CA LYS C 402 -27.86 -10.48 38.79
C LYS C 402 -26.73 -11.13 39.58
N GLU C 403 -26.01 -12.06 38.95
CA GLU C 403 -24.97 -12.81 39.62
C GLU C 403 -23.87 -11.88 40.11
N VAL C 404 -23.50 -10.91 39.26
CA VAL C 404 -22.42 -9.99 39.58
C VAL C 404 -22.83 -9.13 40.78
N ALA C 405 -24.07 -8.63 40.76
CA ALA C 405 -24.61 -7.74 41.78
C ALA C 405 -24.73 -8.47 43.12
N SER C 406 -24.83 -9.81 43.07
CA SER C 406 -25.06 -10.69 44.20
C SER C 406 -23.75 -11.14 44.86
N ALA C 407 -22.61 -10.91 44.22
CA ALA C 407 -21.34 -11.28 44.82
C ALA C 407 -21.10 -10.42 46.07
N LYS C 408 -20.44 -11.02 47.06
CA LYS C 408 -20.20 -10.40 48.35
C LYS C 408 -18.70 -10.14 48.50
N PRO C 409 -18.26 -8.93 48.08
CA PRO C 409 -16.83 -8.61 47.97
C PRO C 409 -16.00 -8.67 49.24
N LYS C 410 -16.64 -8.61 50.42
CA LYS C 410 -15.95 -8.62 51.70
C LYS C 410 -15.12 -7.35 51.87
N VAL C 411 -15.62 -6.23 51.33
CA VAL C 411 -15.03 -4.90 51.39
C VAL C 411 -16.17 -3.89 51.58
N LEU C 412 -15.85 -2.76 52.22
CA LEU C 412 -16.88 -1.75 52.47
C LEU C 412 -17.05 -0.89 51.21
N LEU C 413 -18.33 -0.67 50.86
CA LEU C 413 -18.70 0.09 49.66
C LEU C 413 -19.64 1.23 50.05
N ASP C 414 -19.37 2.43 49.53
CA ASP C 414 -20.19 3.62 49.81
C ASP C 414 -21.48 3.57 48.97
N VAL C 415 -21.37 3.00 47.75
CA VAL C 415 -22.49 2.79 46.82
C VAL C 415 -22.73 1.29 46.68
N LYS C 416 -24.01 0.90 46.63
CA LYS C 416 -24.41 -0.47 46.33
C LYS C 416 -25.07 -0.47 44.96
N LEU C 417 -24.73 -1.47 44.13
CA LEU C 417 -25.26 -1.53 42.77
C LEU C 417 -26.31 -2.62 42.67
N LYS C 418 -27.15 -2.51 41.63
CA LYS C 418 -28.19 -3.49 41.32
C LYS C 418 -27.91 -4.19 39.97
N ALA C 419 -28.62 -5.29 39.72
CA ALA C 419 -28.51 -6.07 38.50
C ALA C 419 -28.53 -5.19 37.24
N GLU C 420 -29.45 -4.23 37.19
CA GLU C 420 -29.71 -3.45 35.99
C GLU C 420 -28.58 -2.45 35.75
N ASP C 421 -27.66 -2.35 36.71
CA ASP C 421 -26.53 -1.46 36.59
C ASP C 421 -25.37 -2.10 35.82
N PHE C 422 -25.49 -3.42 35.61
CA PHE C 422 -24.44 -4.21 35.01
C PHE C 422 -24.91 -4.72 33.64
N ILE C 423 -24.00 -4.64 32.63
CA ILE C 423 -24.15 -5.37 31.38
C ILE C 423 -23.10 -6.48 31.33
N VAL C 424 -23.54 -7.70 31.01
CA VAL C 424 -22.63 -8.82 30.81
C VAL C 424 -22.83 -9.28 29.38
N ASP C 425 -21.75 -9.16 28.60
CA ASP C 425 -21.71 -9.49 27.18
C ASP C 425 -20.92 -10.79 27.07
N VAL C 426 -21.55 -11.82 26.54
CA VAL C 426 -20.82 -13.06 26.30
C VAL C 426 -20.58 -13.21 24.80
N ILE C 427 -19.32 -13.41 24.44
CA ILE C 427 -18.89 -13.40 23.05
C ILE C 427 -18.30 -14.76 22.75
N ASN C 428 -18.80 -15.42 21.69
CA ASN C 428 -18.24 -16.68 21.25
C ASN C 428 -17.18 -16.41 20.20
N MET C 429 -15.94 -16.81 20.48
CA MET C 429 -14.85 -16.71 19.52
C MET C 429 -14.51 -18.14 19.07
N ASP C 430 -14.72 -18.46 17.79
CA ASP C 430 -14.39 -19.79 17.29
C ASP C 430 -13.92 -19.73 15.84
N TYR C 431 -13.48 -20.86 15.29
CA TYR C 431 -12.99 -20.92 13.93
C TYR C 431 -14.10 -21.18 12.91
N GLY C 432 -15.35 -20.90 13.30
CA GLY C 432 -16.46 -20.83 12.36
C GLY C 432 -17.28 -22.12 12.33
N MET C 433 -16.86 -23.10 13.14
CA MET C 433 -17.46 -24.41 13.14
C MET C 433 -17.54 -24.94 14.56
N GLN C 434 -18.02 -24.07 15.46
CA GLN C 434 -18.14 -24.40 16.88
C GLN C 434 -16.81 -25.00 17.34
N GLU C 435 -16.87 -26.20 17.94
N GLU C 435 -16.88 -26.21 17.93
CA GLU C 435 -15.71 -26.74 18.65
CA GLU C 435 -15.77 -26.82 18.64
C GLU C 435 -14.69 -27.30 17.65
C GLU C 435 -14.71 -27.32 17.65
N LYS C 436 -15.16 -27.55 16.41
CA LYS C 436 -14.42 -28.27 15.39
C LYS C 436 -13.36 -27.41 14.70
N ASN C 437 -12.34 -28.11 14.18
CA ASN C 437 -11.23 -27.54 13.43
C ASN C 437 -11.59 -27.58 11.95
N PRO C 438 -11.84 -26.44 11.29
CA PRO C 438 -12.36 -26.46 9.92
C PRO C 438 -11.34 -27.04 8.93
N ILE C 439 -10.06 -27.11 9.32
CA ILE C 439 -9.07 -27.63 8.40
C ILE C 439 -9.26 -29.14 8.22
N ASP C 440 -9.92 -29.79 9.19
CA ASP C 440 -10.24 -31.20 9.09
C ASP C 440 -11.31 -31.42 8.03
N HIS C 441 -11.91 -30.34 7.56
CA HIS C 441 -12.99 -30.39 6.56
C HIS C 441 -12.53 -29.80 5.22
N VAL C 442 -11.20 -29.75 5.03
CA VAL C 442 -10.58 -29.29 3.80
C VAL C 442 -9.88 -30.47 3.13
N SER C 443 -9.98 -30.51 1.80
CA SER C 443 -9.30 -31.53 1.02
C SER C 443 -8.13 -30.91 0.26
N PHE C 444 -7.05 -31.69 0.14
CA PHE C 444 -5.80 -31.22 -0.44
C PHE C 444 -5.37 -32.13 -1.59
N TYR C 445 -4.46 -31.63 -2.44
CA TYR C 445 -3.89 -32.38 -3.54
C TYR C 445 -2.39 -32.13 -3.57
N CYS C 446 -1.64 -33.07 -4.18
CA CYS C 446 -0.19 -33.03 -4.19
C CYS C 446 0.35 -32.68 -5.57
N LYS C 447 1.51 -32.03 -5.58
CA LYS C 447 2.24 -31.69 -6.79
C LYS C 447 2.22 -32.88 -7.75
N THR C 448 2.50 -34.07 -7.20
CA THR C 448 2.79 -35.29 -7.93
C THR C 448 1.54 -35.97 -8.50
N ALA C 449 0.35 -35.68 -7.96
CA ALA C 449 -0.91 -36.27 -8.37
C ALA C 449 -2.07 -35.28 -8.12
N PRO C 450 -2.20 -34.31 -9.05
CA PRO C 450 -3.14 -33.18 -8.89
C PRO C 450 -4.62 -33.50 -8.85
N ASN C 451 -5.00 -34.72 -9.25
CA ASN C 451 -6.42 -35.06 -9.32
C ASN C 451 -6.81 -35.84 -8.08
N ARG C 452 -5.82 -36.14 -7.23
CA ARG C 452 -6.05 -37.06 -6.12
C ARG C 452 -6.09 -36.32 -4.78
N ALA C 453 -7.29 -36.28 -4.19
CA ALA C 453 -7.54 -35.56 -2.96
C ALA C 453 -6.96 -36.37 -1.81
N ILE C 454 -6.39 -35.66 -0.82
CA ILE C 454 -6.00 -36.28 0.44
C ILE C 454 -6.53 -35.44 1.61
N ARG C 455 -6.30 -35.96 2.83
CA ARG C 455 -6.59 -35.24 4.05
C ARG C 455 -5.28 -34.96 4.76
N ILE C 456 -5.22 -33.84 5.49
CA ILE C 456 -4.07 -33.53 6.32
C ILE C 456 -4.60 -33.21 7.72
N THR C 457 -4.02 -33.89 8.73
CA THR C 457 -4.39 -33.76 10.12
C THR C 457 -3.52 -32.65 10.72
N LYS C 458 -3.89 -32.17 11.94
CA LYS C 458 -3.23 -31.05 12.62
C LYS C 458 -1.77 -31.36 12.97
N ASN C 459 -1.53 -32.57 13.48
CA ASN C 459 -0.22 -33.06 13.86
C ASN C 459 0.71 -33.12 12.64
N GLN C 460 0.12 -33.24 11.43
CA GLN C 460 0.91 -33.30 10.22
C GLN C 460 1.36 -31.90 9.78
N VAL C 461 0.88 -30.83 10.44
CA VAL C 461 1.19 -29.48 9.97
C VAL C 461 2.20 -28.77 10.86
N SER C 462 1.85 -28.61 12.14
CA SER C 462 2.69 -27.89 13.09
C SER C 462 2.24 -28.19 14.52
N GLN C 463 3.19 -28.20 15.45
CA GLN C 463 2.86 -28.40 16.86
C GLN C 463 2.47 -27.07 17.49
N LEU C 464 2.71 -25.97 16.76
CA LEU C 464 2.54 -24.63 17.30
C LEU C 464 1.13 -24.10 17.05
N LEU C 465 0.24 -24.97 16.57
CA LEU C 465 -1.11 -24.56 16.21
C LEU C 465 -1.98 -24.64 17.46
N PRO C 466 -3.19 -24.03 17.43
CA PRO C 466 -4.11 -24.03 18.59
C PRO C 466 -4.54 -25.41 19.09
N GLU C 467 -4.78 -25.55 20.40
CA GLU C 467 -5.24 -26.81 20.98
C GLU C 467 -6.74 -26.98 20.81
N LYS C 468 -7.47 -25.86 20.97
CA LYS C 468 -8.92 -25.80 20.91
C LYS C 468 -9.31 -24.74 19.88
N PHE C 469 -10.58 -24.72 19.46
CA PHE C 469 -10.96 -23.90 18.31
C PHE C 469 -12.17 -23.04 18.57
N ALA C 470 -12.48 -22.88 19.86
CA ALA C 470 -13.65 -22.16 20.36
C ALA C 470 -13.36 -21.74 21.80
N GLU C 471 -13.76 -20.53 22.17
CA GLU C 471 -13.72 -20.09 23.56
C GLU C 471 -14.80 -19.03 23.79
N GLN C 472 -14.93 -18.57 25.03
CA GLN C 472 -15.87 -17.49 25.32
C GLN C 472 -15.16 -16.33 26.03
N LEU C 473 -15.48 -15.08 25.63
CA LEU C 473 -15.16 -13.88 26.40
C LEU C 473 -16.39 -13.38 27.13
N ILE C 474 -16.19 -13.00 28.41
CA ILE C 474 -17.20 -12.32 29.21
C ILE C 474 -16.72 -10.90 29.49
N ARG C 475 -17.43 -9.90 28.96
CA ARG C 475 -17.09 -8.51 29.24
C ARG C 475 -18.17 -7.96 30.14
N VAL C 476 -17.79 -7.16 31.14
CA VAL C 476 -18.76 -6.57 32.03
C VAL C 476 -18.63 -5.05 31.93
N TYR C 477 -19.73 -4.36 31.70
CA TYR C 477 -19.73 -2.91 31.84
C TYR C 477 -20.67 -2.51 32.96
N CYS C 478 -20.60 -1.25 33.41
CA CYS C 478 -21.48 -0.69 34.41
C CYS C 478 -22.18 0.53 33.78
N LYS C 479 -23.51 0.63 33.96
CA LYS C 479 -24.31 1.73 33.41
C LYS C 479 -24.16 2.99 34.25
N LYS C 480 -23.76 2.85 35.52
CA LYS C 480 -23.43 3.99 36.36
C LYS C 480 -21.99 4.40 36.09
N VAL C 481 -21.80 5.70 35.77
CA VAL C 481 -20.60 6.17 35.10
C VAL C 481 -19.59 6.78 36.07
N ASP C 482 -20.07 7.17 37.27
CA ASP C 482 -19.32 7.95 38.25
C ASP C 482 -18.20 7.12 38.85
N ARG C 483 -17.26 7.82 39.49
CA ARG C 483 -16.01 7.26 39.97
C ARG C 483 -16.30 6.21 41.03
N LYS C 484 -17.22 6.55 41.95
CA LYS C 484 -17.52 5.71 43.09
C LYS C 484 -18.18 4.41 42.64
N SER C 485 -19.12 4.51 41.69
CA SER C 485 -19.80 3.36 41.13
C SER C 485 -18.83 2.43 40.39
N LEU C 486 -17.92 3.04 39.59
CA LEU C 486 -16.97 2.27 38.81
C LEU C 486 -16.12 1.41 39.74
N TYR C 487 -15.59 2.02 40.80
CA TYR C 487 -14.78 1.29 41.77
C TYR C 487 -15.58 0.10 42.30
N ALA C 488 -16.84 0.35 42.70
CA ALA C 488 -17.64 -0.68 43.32
C ALA C 488 -17.84 -1.85 42.36
N ALA C 489 -18.23 -1.51 41.12
CA ALA C 489 -18.46 -2.47 40.05
C ALA C 489 -17.28 -3.41 39.87
N ARG C 490 -16.06 -2.86 39.95
CA ARG C 490 -14.85 -3.64 39.79
C ARG C 490 -14.72 -4.67 40.93
N GLN C 491 -15.08 -4.26 42.16
CA GLN C 491 -14.96 -5.16 43.30
C GLN C 491 -15.95 -6.32 43.15
N TYR C 492 -17.21 -6.01 42.83
CA TYR C 492 -18.20 -7.04 42.56
C TYR C 492 -17.66 -7.98 41.48
N PHE C 493 -17.17 -7.41 40.38
CA PHE C 493 -16.79 -8.16 39.21
C PHE C 493 -15.69 -9.17 39.51
N VAL C 494 -14.60 -8.70 40.12
CA VAL C 494 -13.46 -9.57 40.39
C VAL C 494 -13.86 -10.68 41.35
N GLN C 495 -14.75 -10.34 42.31
CA GLN C 495 -15.27 -11.30 43.27
C GLN C 495 -16.04 -12.39 42.54
N TRP C 496 -16.90 -11.95 41.61
CA TRP C 496 -17.73 -12.84 40.81
C TRP C 496 -16.87 -13.82 40.05
N CYS C 497 -15.77 -13.30 39.45
CA CYS C 497 -14.80 -14.09 38.71
C CYS C 497 -14.26 -15.23 39.60
N ALA C 498 -13.75 -14.86 40.78
CA ALA C 498 -13.29 -15.80 41.79
C ALA C 498 -14.38 -16.84 42.11
N ASP C 499 -15.58 -16.34 42.47
CA ASP C 499 -16.72 -17.18 42.81
C ASP C 499 -16.92 -18.28 41.78
N ARG C 500 -16.88 -17.93 40.48
CA ARG C 500 -17.30 -18.86 39.43
C ARG C 500 -16.13 -19.61 38.81
N ASN C 501 -14.92 -19.37 39.34
CA ASN C 501 -13.71 -20.01 38.82
C ASN C 501 -13.46 -19.62 37.37
N PHE C 502 -13.74 -18.35 37.05
CA PHE C 502 -13.29 -17.72 35.81
C PHE C 502 -11.81 -17.36 35.89
N THR C 503 -11.21 -16.95 34.76
CA THR C 503 -9.80 -16.57 34.73
C THR C 503 -9.65 -15.21 35.43
N LYS C 504 -8.48 -14.98 36.01
CA LYS C 504 -8.15 -13.71 36.65
C LYS C 504 -8.18 -12.56 35.64
N PRO C 505 -9.05 -11.52 35.80
CA PRO C 505 -8.95 -10.32 34.95
C PRO C 505 -7.51 -9.85 34.82
N GLN C 506 -7.14 -9.34 33.64
CA GLN C 506 -5.73 -9.04 33.41
C GLN C 506 -5.23 -8.01 34.41
N ASP C 507 -6.11 -7.07 34.76
CA ASP C 507 -5.75 -5.94 35.59
C ASP C 507 -6.23 -6.15 37.03
N GLY C 508 -6.48 -7.42 37.39
CA GLY C 508 -7.12 -7.79 38.64
C GLY C 508 -6.45 -7.22 39.89
N ASP C 509 -5.12 -7.32 39.95
CA ASP C 509 -4.30 -6.89 41.07
C ASP C 509 -4.36 -5.37 41.26
N VAL C 510 -4.67 -4.66 40.18
CA VAL C 510 -4.68 -3.21 40.18
C VAL C 510 -6.08 -2.72 40.59
N ILE C 511 -7.13 -3.26 39.95
CA ILE C 511 -8.48 -2.75 40.10
C ILE C 511 -9.12 -3.24 41.40
N ALA C 512 -8.70 -4.43 41.85
CA ALA C 512 -9.29 -5.09 43.02
C ALA C 512 -8.20 -5.74 43.88
N PRO C 513 -7.26 -4.95 44.46
CA PRO C 513 -6.13 -5.52 45.19
C PRO C 513 -6.56 -6.33 46.42
N LEU C 514 -7.77 -6.06 46.93
CA LEU C 514 -8.22 -6.69 48.16
C LEU C 514 -8.80 -8.08 47.88
N ILE C 515 -9.22 -8.31 46.63
CA ILE C 515 -10.01 -9.48 46.27
C ILE C 515 -9.10 -10.57 45.69
N THR C 516 -8.07 -10.17 44.93
CA THR C 516 -7.22 -11.09 44.17
C THR C 516 -6.43 -12.05 45.06
N PRO C 517 -5.90 -11.66 46.24
CA PRO C 517 -5.17 -12.60 47.09
C PRO C 517 -5.97 -13.82 47.57
N GLN C 518 -7.30 -13.70 47.65
CA GLN C 518 -8.19 -14.77 48.11
C GLN C 518 -8.00 -16.04 47.27
N LYS C 519 -7.93 -15.86 45.95
CA LYS C 519 -7.92 -17.00 45.04
C LYS C 519 -6.50 -17.54 44.89
N LYS C 520 -6.34 -18.82 45.25
CA LYS C 520 -5.05 -19.49 45.30
C LYS C 520 -4.45 -19.64 43.91
N GLU C 521 -5.26 -20.10 42.96
CA GLU C 521 -4.84 -20.35 41.58
C GLU C 521 -4.19 -19.12 40.94
N TRP C 522 -4.70 -17.92 41.28
CA TRP C 522 -4.21 -16.65 40.77
C TRP C 522 -2.85 -16.26 41.37
N ASN C 523 -2.38 -17.03 42.38
CA ASN C 523 -1.00 -16.96 42.88
C ASN C 523 -0.88 -15.86 43.93
N ASP D 37 8.33 -29.23 -15.38
CA ASP D 37 7.61 -29.79 -16.59
C ASP D 37 6.36 -28.99 -16.95
N THR D 38 5.66 -28.39 -15.95
CA THR D 38 4.43 -27.60 -16.11
C THR D 38 4.63 -26.13 -15.68
N MET D 39 3.53 -25.44 -15.33
CA MET D 39 3.51 -24.01 -15.03
C MET D 39 4.23 -23.68 -13.72
N LYS D 40 5.10 -22.68 -13.75
CA LYS D 40 5.62 -22.09 -12.52
C LYS D 40 4.74 -20.90 -12.11
N VAL D 41 4.40 -20.84 -10.81
CA VAL D 41 3.87 -19.64 -10.16
C VAL D 41 5.01 -18.93 -9.45
N ILE D 42 5.14 -17.62 -9.67
CA ILE D 42 6.15 -16.81 -9.02
C ILE D 42 5.49 -15.60 -8.38
N ASN D 43 5.84 -15.31 -7.11
CA ASN D 43 5.21 -14.21 -6.37
C ASN D 43 6.03 -12.94 -6.56
N ASP D 44 5.51 -11.96 -7.32
CA ASP D 44 6.19 -10.68 -7.54
C ASP D 44 5.54 -9.63 -6.61
N PRO D 45 6.29 -8.72 -5.93
CA PRO D 45 5.67 -7.72 -5.07
C PRO D 45 4.74 -6.79 -5.82
N ILE D 46 5.08 -6.45 -7.07
CA ILE D 46 4.26 -5.48 -7.78
C ILE D 46 3.04 -6.20 -8.34
N HIS D 47 3.25 -7.37 -8.97
CA HIS D 47 2.16 -8.00 -9.74
C HIS D 47 1.48 -9.13 -8.97
N GLY D 48 2.06 -9.63 -7.90
CA GLY D 48 1.42 -10.70 -7.18
C GLY D 48 1.80 -12.01 -7.79
N HIS D 49 0.88 -12.98 -7.80
CA HIS D 49 1.22 -14.30 -8.32
C HIS D 49 1.10 -14.35 -9.85
N ILE D 50 2.24 -14.38 -10.56
CA ILE D 50 2.37 -14.53 -12.01
C ILE D 50 2.41 -16.03 -12.33
N GLU D 51 1.83 -16.45 -13.46
CA GLU D 51 2.05 -17.79 -14.02
C GLU D 51 3.09 -17.70 -15.13
N LEU D 52 4.04 -18.64 -15.14
CA LEU D 52 5.03 -18.74 -16.22
C LEU D 52 4.91 -20.10 -16.88
N HIS D 53 4.59 -20.06 -18.18
CA HIS D 53 4.63 -21.21 -19.09
C HIS D 53 5.97 -21.93 -19.07
N PRO D 54 6.01 -23.28 -19.20
CA PRO D 54 7.26 -24.03 -19.19
C PRO D 54 8.34 -23.49 -20.11
N LEU D 55 7.94 -22.90 -21.24
CA LEU D 55 8.86 -22.42 -22.26
C LEU D 55 9.61 -21.19 -21.76
N LEU D 56 8.84 -20.35 -21.04
CA LEU D 56 9.39 -19.14 -20.46
C LEU D 56 10.35 -19.54 -19.34
N VAL D 57 10.01 -20.62 -18.61
CA VAL D 57 10.90 -21.05 -17.54
C VAL D 57 12.24 -21.45 -18.18
N ARG D 58 12.19 -22.09 -19.35
CA ARG D 58 13.41 -22.60 -19.93
C ARG D 58 14.32 -21.44 -20.34
N ILE D 59 13.68 -20.35 -20.80
CA ILE D 59 14.44 -19.18 -21.24
C ILE D 59 15.05 -18.50 -20.02
N ILE D 60 14.32 -18.48 -18.91
CA ILE D 60 14.72 -17.77 -17.72
C ILE D 60 15.91 -18.49 -17.10
N ASP D 61 15.91 -19.82 -17.16
CA ASP D 61 16.82 -20.64 -16.38
C ASP D 61 18.14 -20.86 -17.11
N THR D 62 18.74 -19.77 -17.58
CA THR D 62 19.94 -19.79 -18.38
C THR D 62 20.90 -18.73 -17.86
N PRO D 63 22.23 -18.90 -18.02
CA PRO D 63 23.18 -17.90 -17.55
C PRO D 63 22.93 -16.51 -18.12
N GLN D 64 22.35 -16.43 -19.33
CA GLN D 64 22.20 -15.18 -20.06
C GLN D 64 21.07 -14.36 -19.44
N PHE D 65 20.07 -15.10 -18.96
CA PHE D 65 18.93 -14.45 -18.34
C PHE D 65 19.24 -14.18 -16.88
N GLN D 66 19.75 -15.20 -16.17
CA GLN D 66 20.04 -15.05 -14.75
C GLN D 66 21.03 -13.91 -14.50
N ARG D 67 21.76 -13.52 -15.55
CA ARG D 67 22.79 -12.49 -15.45
C ARG D 67 22.14 -11.22 -14.95
N LEU D 68 20.84 -11.01 -15.29
CA LEU D 68 20.15 -9.77 -14.99
C LEU D 68 19.88 -9.63 -13.49
N ARG D 69 20.07 -10.67 -12.70
CA ARG D 69 20.02 -10.53 -11.25
C ARG D 69 21.15 -9.66 -10.72
N TYR D 70 22.17 -9.39 -11.54
CA TYR D 70 23.39 -8.72 -11.09
C TYR D 70 23.54 -7.36 -11.78
N ILE D 71 22.41 -6.76 -12.16
CA ILE D 71 22.44 -5.43 -12.73
C ILE D 71 21.29 -4.61 -12.12
N LYS D 72 21.66 -3.63 -11.26
CA LYS D 72 20.74 -2.69 -10.64
C LYS D 72 19.93 -1.95 -11.72
N GLN D 73 18.59 -1.93 -11.58
CA GLN D 73 17.70 -1.23 -12.50
C GLN D 73 18.11 0.25 -12.55
N LEU D 74 18.32 0.91 -11.40
CA LEU D 74 18.48 2.35 -11.48
C LEU D 74 19.95 2.82 -11.39
N GLY D 75 20.90 1.87 -11.52
CA GLY D 75 22.30 2.23 -11.57
C GLY D 75 22.70 2.87 -10.25
N GLY D 76 23.31 4.05 -10.35
CA GLY D 76 23.78 4.81 -9.22
C GLY D 76 22.63 5.26 -8.34
N GLY D 77 21.40 5.22 -8.86
CA GLY D 77 20.22 5.60 -8.10
C GLY D 77 20.18 4.98 -6.71
N TYR D 78 20.70 3.75 -6.57
CA TYR D 78 20.62 3.05 -5.30
C TYR D 78 21.47 3.73 -4.24
N TYR D 79 22.49 4.47 -4.70
CA TYR D 79 23.39 5.16 -3.80
C TYR D 79 22.76 6.49 -3.34
N VAL D 80 21.50 6.77 -3.78
CA VAL D 80 20.74 7.93 -3.33
C VAL D 80 19.42 7.49 -2.72
N PHE D 81 18.79 6.51 -3.37
CA PHE D 81 17.55 5.95 -2.93
C PHE D 81 17.82 4.56 -2.37
N PRO D 82 17.95 4.40 -1.05
CA PRO D 82 18.36 3.11 -0.49
C PRO D 82 17.37 2.00 -0.78
N GLY D 83 16.15 2.34 -1.25
CA GLY D 83 15.16 1.31 -1.50
C GLY D 83 15.40 0.62 -2.83
N ALA D 84 16.03 1.36 -3.77
CA ALA D 84 16.25 1.00 -5.15
C ALA D 84 17.42 0.00 -5.27
N SER D 85 17.25 -1.15 -4.60
CA SER D 85 18.11 -2.32 -4.72
C SER D 85 17.74 -3.21 -5.91
N HIS D 86 16.61 -2.94 -6.58
CA HIS D 86 16.06 -3.92 -7.51
C HIS D 86 16.92 -3.98 -8.77
N ASN D 87 16.94 -5.18 -9.37
CA ASN D 87 17.73 -5.53 -10.53
C ASN D 87 16.87 -5.79 -11.76
N ARG D 88 17.50 -5.83 -12.94
CA ARG D 88 16.80 -5.91 -14.21
C ARG D 88 16.00 -7.21 -14.30
N PHE D 89 16.53 -8.28 -13.69
CA PHE D 89 15.89 -9.58 -13.63
C PHE D 89 14.41 -9.45 -13.25
N GLU D 90 14.12 -8.89 -12.09
CA GLU D 90 12.75 -8.84 -11.63
C GLU D 90 11.90 -7.97 -12.55
N HIS D 91 12.47 -6.87 -13.04
CA HIS D 91 11.75 -6.01 -13.96
C HIS D 91 11.33 -6.82 -15.17
N SER D 92 12.23 -7.71 -15.60
CA SER D 92 12.03 -8.50 -16.80
C SER D 92 10.81 -9.42 -16.66
N LEU D 93 10.69 -10.07 -15.48
CA LEU D 93 9.55 -10.94 -15.26
C LEU D 93 8.29 -10.10 -15.37
N GLY D 94 8.33 -8.89 -14.81
CA GLY D 94 7.14 -8.05 -14.81
C GLY D 94 6.76 -7.65 -16.23
N VAL D 95 7.78 -7.32 -17.04
CA VAL D 95 7.47 -6.82 -18.38
C VAL D 95 6.87 -7.94 -19.22
N GLY D 96 7.45 -9.13 -19.05
CA GLY D 96 6.94 -10.35 -19.66
C GLY D 96 5.50 -10.61 -19.23
N TYR D 97 5.24 -10.47 -17.92
CA TYR D 97 3.91 -10.76 -17.40
C TYR D 97 2.91 -9.76 -17.96
N LEU D 98 3.23 -8.47 -17.95
CA LEU D 98 2.34 -7.44 -18.45
C LEU D 98 2.11 -7.57 -19.96
N ALA D 99 3.17 -7.88 -20.73
CA ALA D 99 3.00 -8.15 -22.16
C ALA D 99 1.89 -9.19 -22.35
N GLY D 100 2.00 -10.30 -21.61
CA GLY D 100 1.02 -11.37 -21.65
C GLY D 100 -0.38 -10.85 -21.34
N CYS D 101 -0.48 -9.98 -20.32
CA CYS D 101 -1.78 -9.47 -19.88
C CYS D 101 -2.43 -8.69 -21.01
N LEU D 102 -1.69 -7.76 -21.64
CA LEU D 102 -2.32 -6.91 -22.65
C LEU D 102 -2.76 -7.78 -23.85
N VAL D 103 -1.90 -8.73 -24.26
CA VAL D 103 -2.22 -9.50 -25.44
C VAL D 103 -3.41 -10.42 -25.18
N HIS D 104 -3.48 -11.00 -23.97
N HIS D 104 -3.50 -11.04 -23.99
CA HIS D 104 -4.60 -11.84 -23.57
CA HIS D 104 -4.66 -11.87 -23.67
C HIS D 104 -5.88 -11.01 -23.54
C HIS D 104 -5.93 -11.02 -23.52
N ALA D 105 -5.82 -9.80 -22.98
CA ALA D 105 -6.99 -8.94 -22.86
C ALA D 105 -7.54 -8.58 -24.24
N LEU D 106 -6.62 -8.26 -25.19
CA LEU D 106 -7.07 -7.85 -26.51
C LEU D 106 -7.79 -9.04 -27.14
N GLY D 107 -7.19 -10.23 -26.95
CA GLY D 107 -7.70 -11.53 -27.35
C GLY D 107 -9.13 -11.75 -26.87
N GLU D 108 -9.41 -11.51 -25.59
CA GLU D 108 -10.69 -11.91 -25.01
C GLU D 108 -11.79 -10.98 -25.50
N LYS D 109 -11.48 -9.69 -25.69
CA LYS D 109 -12.45 -8.72 -26.15
C LYS D 109 -12.72 -8.94 -27.65
N GLN D 110 -11.68 -9.25 -28.45
CA GLN D 110 -11.82 -9.23 -29.91
C GLN D 110 -11.29 -10.52 -30.53
N PRO D 111 -12.05 -11.64 -30.48
CA PRO D 111 -11.59 -12.92 -31.04
C PRO D 111 -11.35 -12.79 -32.55
N GLU D 112 -11.97 -11.78 -33.16
CA GLU D 112 -11.81 -11.49 -34.58
C GLU D 112 -10.36 -11.07 -34.88
N LEU D 113 -9.56 -10.75 -33.88
CA LEU D 113 -8.17 -10.41 -34.11
C LEU D 113 -7.37 -11.67 -34.46
N GLN D 114 -7.93 -12.84 -34.11
CA GLN D 114 -7.32 -14.15 -34.39
C GLN D 114 -5.97 -14.27 -33.65
N ILE D 115 -5.92 -13.84 -32.39
CA ILE D 115 -4.67 -13.93 -31.64
C ILE D 115 -4.57 -15.37 -31.15
N SER D 116 -3.43 -16.02 -31.39
CA SER D 116 -3.23 -17.43 -31.04
C SER D 116 -2.37 -17.56 -29.79
N GLU D 117 -2.37 -18.76 -29.19
CA GLU D 117 -1.47 -19.10 -28.10
C GLU D 117 -0.02 -18.88 -28.50
N ARG D 118 0.26 -19.14 -29.78
CA ARG D 118 1.57 -18.90 -30.34
C ARG D 118 1.94 -17.42 -30.24
N ASP D 119 0.98 -16.55 -30.59
CA ASP D 119 1.19 -15.12 -30.56
C ASP D 119 1.48 -14.67 -29.12
N VAL D 120 0.65 -15.17 -28.18
CA VAL D 120 0.77 -14.83 -26.78
C VAL D 120 2.16 -15.17 -26.30
N LEU D 121 2.61 -16.39 -26.62
CA LEU D 121 3.90 -16.82 -26.12
C LEU D 121 5.04 -15.92 -26.64
N CYS D 122 4.95 -15.49 -27.91
CA CYS D 122 6.01 -14.69 -28.49
C CYS D 122 6.03 -13.28 -27.88
N VAL D 123 4.85 -12.73 -27.58
CA VAL D 123 4.79 -11.42 -26.96
C VAL D 123 5.35 -11.54 -25.54
N GLN D 124 5.00 -12.63 -24.84
CA GLN D 124 5.56 -12.88 -23.53
C GLN D 124 7.09 -12.93 -23.62
N ILE D 125 7.62 -13.66 -24.60
CA ILE D 125 9.06 -13.90 -24.71
C ILE D 125 9.76 -12.57 -24.99
N ALA D 126 9.19 -11.78 -25.90
CA ALA D 126 9.78 -10.49 -26.20
C ALA D 126 9.81 -9.62 -24.93
N GLY D 127 8.67 -9.58 -24.20
CA GLY D 127 8.60 -8.80 -22.98
C GLY D 127 9.69 -9.23 -22.00
N LEU D 128 9.81 -10.55 -21.80
CA LEU D 128 10.76 -11.16 -20.88
C LEU D 128 12.20 -10.77 -21.26
N CYS D 129 12.47 -10.62 -22.57
CA CYS D 129 13.84 -10.57 -23.03
C CYS D 129 14.30 -9.18 -23.49
N ARG D 130 13.49 -8.14 -23.36
CA ARG D 130 13.91 -6.87 -23.94
C ARG D 130 14.83 -6.07 -23.02
N ASN D 131 15.31 -6.68 -21.91
CA ASN D 131 16.32 -6.06 -21.06
C ASN D 131 17.64 -6.84 -21.07
N LEU D 132 17.78 -7.84 -21.95
CA LEU D 132 18.93 -8.74 -21.92
C LEU D 132 20.23 -7.99 -22.18
N GLY D 133 20.16 -6.84 -22.88
CA GLY D 133 21.32 -6.12 -23.37
C GLY D 133 21.86 -5.02 -22.43
N HIS D 134 21.23 -4.91 -21.25
CA HIS D 134 21.69 -3.93 -20.27
C HIS D 134 23.07 -4.31 -19.76
N GLY D 135 23.85 -3.26 -19.50
CA GLY D 135 25.20 -3.47 -19.00
C GLY D 135 25.29 -3.10 -17.53
N PRO D 136 26.48 -3.18 -16.90
CA PRO D 136 26.64 -2.86 -15.48
C PRO D 136 26.03 -1.50 -15.17
N PHE D 137 25.21 -1.44 -14.10
CA PHE D 137 24.54 -0.22 -13.62
C PHE D 137 23.61 0.37 -14.68
N SER D 138 23.07 -0.48 -15.56
CA SER D 138 22.08 -0.08 -16.54
C SER D 138 22.48 1.14 -17.37
N HIS D 139 21.83 2.28 -17.11
CA HIS D 139 21.93 3.44 -17.98
C HIS D 139 23.34 4.01 -17.96
N MET D 140 24.04 3.89 -16.83
CA MET D 140 25.44 4.28 -16.78
C MET D 140 26.20 3.74 -18.00
N PHE D 141 26.01 2.43 -18.27
CA PHE D 141 26.76 1.73 -19.29
C PHE D 141 26.45 2.28 -20.69
N ASP D 142 25.16 2.34 -21.03
CA ASP D 142 24.79 2.71 -22.38
C ASP D 142 24.74 4.23 -22.54
N GLY D 143 24.54 4.93 -21.42
CA GLY D 143 24.39 6.38 -21.43
C GLY D 143 25.71 7.13 -21.29
N ARG D 144 26.68 6.60 -20.51
CA ARG D 144 27.89 7.35 -20.21
C ARG D 144 29.14 6.61 -20.66
N PHE D 145 29.27 5.33 -20.30
CA PHE D 145 30.51 4.60 -20.46
C PHE D 145 30.80 4.30 -21.92
N ILE D 146 29.90 3.59 -22.60
CA ILE D 146 30.20 3.17 -23.96
C ILE D 146 30.35 4.37 -24.89
N PRO D 147 29.53 5.45 -24.79
CA PRO D 147 29.77 6.65 -25.58
C PRO D 147 31.19 7.19 -25.45
N LEU D 148 31.76 7.12 -24.25
CA LEU D 148 33.09 7.65 -23.99
C LEU D 148 34.16 6.64 -24.40
N ALA D 149 33.94 5.35 -24.10
CA ALA D 149 34.93 4.29 -24.34
C ALA D 149 35.02 3.91 -25.81
N ARG D 150 33.90 3.88 -26.50
CA ARG D 150 33.84 3.43 -27.88
C ARG D 150 32.98 4.40 -28.69
N PRO D 151 33.41 5.68 -28.84
CA PRO D 151 32.61 6.66 -29.57
C PRO D 151 32.39 6.33 -31.06
N GLU D 152 33.22 5.45 -31.63
CA GLU D 152 33.09 5.09 -33.03
C GLU D 152 31.85 4.22 -33.24
N VAL D 153 31.59 3.32 -32.30
CA VAL D 153 30.45 2.42 -32.45
C VAL D 153 29.22 3.12 -31.92
N LYS D 154 28.05 2.79 -32.49
CA LYS D 154 26.77 3.19 -31.95
C LYS D 154 26.10 1.98 -31.29
N TRP D 155 25.84 2.10 -29.99
CA TRP D 155 25.37 0.97 -29.21
C TRP D 155 24.11 1.34 -28.41
N THR D 156 23.12 0.44 -28.42
CA THR D 156 21.86 0.64 -27.71
C THR D 156 21.55 -0.62 -26.91
N HIS D 157 20.79 -0.46 -25.82
CA HIS D 157 20.37 -1.64 -25.06
C HIS D 157 19.57 -2.57 -25.96
N GLU D 158 18.85 -1.97 -26.90
CA GLU D 158 18.02 -2.76 -27.80
C GLU D 158 18.88 -3.72 -28.62
N GLN D 159 19.97 -3.19 -29.21
CA GLN D 159 20.88 -4.00 -30.01
C GLN D 159 21.49 -5.09 -29.13
N GLY D 160 21.91 -4.71 -27.92
CA GLY D 160 22.44 -5.68 -27.00
C GLY D 160 21.43 -6.77 -26.67
N SER D 161 20.15 -6.39 -26.57
CA SER D 161 19.12 -7.33 -26.15
C SER D 161 18.94 -8.36 -27.25
N VAL D 162 18.98 -7.88 -28.49
CA VAL D 162 18.79 -8.78 -29.62
C VAL D 162 19.92 -9.80 -29.66
N MET D 163 21.15 -9.30 -29.49
CA MET D 163 22.35 -10.11 -29.60
C MET D 163 22.36 -11.17 -28.49
N MET D 164 22.06 -10.72 -27.27
CA MET D 164 22.07 -11.59 -26.12
C MET D 164 20.94 -12.62 -26.23
N PHE D 165 19.81 -12.23 -26.82
CA PHE D 165 18.69 -13.15 -26.98
C PHE D 165 19.14 -14.30 -27.89
N GLU D 166 19.76 -13.92 -29.02
CA GLU D 166 20.35 -14.85 -29.96
C GLU D 166 21.31 -15.80 -29.25
N HIS D 167 22.24 -15.25 -28.44
CA HIS D 167 23.21 -16.04 -27.68
C HIS D 167 22.51 -16.98 -26.71
N LEU D 168 21.45 -16.50 -26.04
CA LEU D 168 20.70 -17.29 -25.07
C LEU D 168 20.08 -18.50 -25.78
N ILE D 169 19.45 -18.21 -26.92
CA ILE D 169 18.77 -19.23 -27.71
C ILE D 169 19.77 -20.32 -28.12
N ASN D 170 20.89 -19.91 -28.71
CA ASN D 170 21.85 -20.84 -29.31
C ASN D 170 22.61 -21.61 -28.23
N SER D 171 22.96 -20.97 -27.09
CA SER D 171 23.71 -21.67 -26.07
C SER D 171 22.86 -22.67 -25.27
N ASN D 172 21.53 -22.62 -25.38
CA ASN D 172 20.74 -23.36 -24.42
C ASN D 172 19.72 -24.27 -25.10
N GLY D 173 19.85 -24.43 -26.42
CA GLY D 173 19.03 -25.36 -27.17
C GLY D 173 17.54 -25.03 -27.05
N ILE D 174 17.21 -23.75 -27.16
CA ILE D 174 15.84 -23.29 -26.96
C ILE D 174 14.99 -23.61 -28.18
N LYS D 175 15.59 -23.60 -29.39
CA LYS D 175 14.81 -23.76 -30.62
C LYS D 175 13.93 -25.02 -30.59
N PRO D 176 14.46 -26.21 -30.24
CA PRO D 176 13.62 -27.41 -30.08
C PRO D 176 12.50 -27.25 -29.06
N VAL D 177 12.78 -26.53 -27.96
CA VAL D 177 11.75 -26.35 -26.94
C VAL D 177 10.64 -25.46 -27.52
N MET D 178 11.02 -24.42 -28.25
CA MET D 178 10.03 -23.56 -28.87
C MET D 178 9.14 -24.37 -29.79
N GLU D 179 9.75 -25.28 -30.56
CA GLU D 179 9.02 -26.10 -31.53
C GLU D 179 8.04 -27.01 -30.80
N GLN D 180 8.49 -27.53 -29.66
CA GLN D 180 7.71 -28.45 -28.85
C GLN D 180 6.41 -27.82 -28.41
N TYR D 181 6.39 -26.48 -28.22
CA TYR D 181 5.21 -25.78 -27.74
C TYR D 181 4.53 -25.03 -28.88
N GLY D 182 4.89 -25.41 -30.11
CA GLY D 182 4.09 -25.01 -31.25
C GLY D 182 4.57 -23.70 -31.87
N LEU D 183 5.73 -23.23 -31.45
CA LEU D 183 6.31 -22.06 -32.10
C LEU D 183 7.03 -22.53 -33.35
N ILE D 184 7.15 -21.65 -34.35
CA ILE D 184 7.97 -21.89 -35.54
C ILE D 184 9.21 -21.01 -35.44
N PRO D 185 10.34 -21.54 -34.93
CA PRO D 185 11.48 -20.70 -34.55
C PRO D 185 11.96 -19.69 -35.58
N GLU D 186 11.98 -20.06 -36.85
CA GLU D 186 12.52 -19.12 -37.82
C GLU D 186 11.72 -17.82 -37.80
N GLU D 187 10.40 -17.93 -38.01
CA GLU D 187 9.47 -16.79 -38.02
C GLU D 187 9.36 -16.11 -36.65
N ASP D 188 9.30 -16.91 -35.58
CA ASP D 188 8.94 -16.43 -34.25
C ASP D 188 10.13 -15.69 -33.63
N ILE D 189 11.35 -16.19 -33.86
CA ILE D 189 12.53 -15.53 -33.37
C ILE D 189 12.65 -14.19 -34.07
N CYS D 190 12.31 -14.16 -35.36
CA CYS D 190 12.27 -12.90 -36.09
C CYS D 190 11.30 -11.92 -35.40
N PHE D 191 10.08 -12.40 -35.14
CA PHE D 191 9.03 -11.60 -34.51
C PHE D 191 9.52 -11.02 -33.19
N ILE D 192 10.16 -11.89 -32.38
CA ILE D 192 10.61 -11.54 -31.06
C ILE D 192 11.66 -10.43 -31.12
N LYS D 193 12.65 -10.58 -32.00
CA LYS D 193 13.69 -9.58 -32.13
C LYS D 193 13.10 -8.28 -32.66
N GLU D 194 12.13 -8.36 -33.57
CA GLU D 194 11.53 -7.16 -34.13
C GLU D 194 10.78 -6.37 -33.05
N GLN D 195 10.11 -7.07 -32.13
CA GLN D 195 9.49 -6.45 -30.98
C GLN D 195 10.53 -5.68 -30.15
N ILE D 196 11.76 -6.21 -30.10
CA ILE D 196 12.77 -5.66 -29.23
C ILE D 196 13.43 -4.43 -29.86
N VAL D 197 13.73 -4.48 -31.16
CA VAL D 197 14.65 -3.51 -31.76
C VAL D 197 14.00 -2.69 -32.87
N GLY D 198 12.86 -3.14 -33.38
CA GLY D 198 12.24 -2.44 -34.48
C GLY D 198 12.45 -3.25 -35.77
N PRO D 199 12.11 -2.71 -36.97
CA PRO D 199 12.24 -3.46 -38.21
C PRO D 199 13.66 -3.94 -38.45
N LEU D 200 13.84 -5.28 -38.56
CA LEU D 200 15.13 -5.90 -38.81
C LEU D 200 15.58 -5.61 -40.25
N GLU D 201 14.60 -5.58 -41.16
CA GLU D 201 14.77 -5.03 -42.50
C GLU D 201 14.02 -3.69 -42.53
N LEU D 208 4.46 0.94 -46.75
CA LEU D 208 5.07 -0.38 -47.07
C LEU D 208 5.49 -1.09 -45.77
N TRP D 209 4.87 -2.27 -45.54
CA TRP D 209 5.02 -3.03 -44.30
C TRP D 209 6.47 -3.50 -44.10
N PRO D 210 7.17 -3.00 -43.07
CA PRO D 210 8.56 -3.35 -42.87
C PRO D 210 8.92 -4.60 -42.07
N TYR D 211 7.93 -5.28 -41.47
CA TYR D 211 8.21 -6.38 -40.55
C TYR D 211 8.02 -7.73 -41.22
N LYS D 212 8.75 -8.75 -40.76
CA LYS D 212 8.74 -10.06 -41.38
C LYS D 212 8.25 -11.14 -40.41
N GLY D 213 8.18 -10.79 -39.12
CA GLY D 213 7.78 -11.74 -38.10
C GLY D 213 6.28 -11.98 -38.04
N ARG D 214 5.51 -10.94 -38.39
CA ARG D 214 4.07 -11.06 -38.47
C ARG D 214 3.60 -10.14 -39.57
N PRO D 215 2.45 -10.43 -40.23
CA PRO D 215 1.88 -9.52 -41.24
C PRO D 215 1.06 -8.36 -40.66
N GLU D 216 0.56 -7.49 -41.54
CA GLU D 216 -0.07 -6.22 -41.20
C GLU D 216 -1.28 -6.37 -40.29
N ASN D 217 -1.98 -7.51 -40.42
CA ASN D 217 -3.24 -7.75 -39.76
C ASN D 217 -3.01 -7.96 -38.27
N LYS D 218 -1.72 -8.09 -37.91
CA LYS D 218 -1.26 -8.36 -36.56
C LYS D 218 -0.36 -7.22 -36.09
N SER D 219 -0.37 -6.08 -36.82
CA SER D 219 0.46 -4.93 -36.54
C SER D 219 0.47 -4.50 -35.07
N PHE D 220 -0.70 -4.60 -34.43
CA PHE D 220 -0.89 -4.18 -33.04
C PHE D 220 0.01 -4.95 -32.09
N LEU D 221 0.46 -6.15 -32.46
CA LEU D 221 1.31 -6.91 -31.56
C LEU D 221 2.63 -6.19 -31.33
N TYR D 222 3.01 -5.30 -32.25
CA TYR D 222 4.29 -4.62 -32.18
C TYR D 222 4.24 -3.45 -31.21
N GLU D 223 3.03 -3.16 -30.71
CA GLU D 223 2.78 -1.97 -29.92
C GLU D 223 2.77 -2.27 -28.42
N ILE D 224 3.05 -3.53 -28.02
CA ILE D 224 2.95 -3.97 -26.64
C ILE D 224 4.28 -3.85 -25.89
N VAL D 225 5.35 -4.50 -26.37
CA VAL D 225 6.60 -4.63 -25.63
C VAL D 225 7.47 -3.38 -25.80
N SER D 226 7.63 -2.91 -27.03
CA SER D 226 8.44 -1.73 -27.22
C SER D 226 7.85 -0.86 -28.33
N ASN D 227 7.04 0.12 -27.91
CA ASN D 227 6.11 0.83 -28.79
C ASN D 227 6.84 1.97 -29.49
N LYS D 228 7.23 1.74 -30.75
CA LYS D 228 7.98 2.76 -31.46
C LYS D 228 7.05 3.89 -31.93
N ARG D 229 5.74 3.70 -31.87
CA ARG D 229 4.79 4.65 -32.41
C ARG D 229 4.61 5.83 -31.47
N ASN D 230 4.40 5.56 -30.17
CA ASN D 230 4.10 6.60 -29.20
C ASN D 230 4.72 6.31 -27.83
N GLY D 231 5.19 5.08 -27.61
CA GLY D 231 5.90 4.79 -26.38
C GLY D 231 5.00 4.25 -25.27
N ILE D 232 3.69 4.16 -25.49
CA ILE D 232 2.83 3.53 -24.50
C ILE D 232 3.05 2.03 -24.61
N ASP D 233 3.91 1.48 -23.74
CA ASP D 233 4.26 0.07 -23.77
C ASP D 233 4.31 -0.48 -22.34
N VAL D 234 4.23 -1.82 -22.22
CA VAL D 234 4.17 -2.48 -20.92
C VAL D 234 5.49 -2.29 -20.18
N ASP D 235 6.56 -1.98 -20.90
CA ASP D 235 7.87 -1.88 -20.27
C ASP D 235 7.78 -0.75 -19.24
N LYS D 236 7.22 0.39 -19.67
CA LYS D 236 7.07 1.59 -18.86
C LYS D 236 6.18 1.26 -17.65
N TRP D 237 5.09 0.54 -17.93
CA TRP D 237 4.12 0.22 -16.91
C TRP D 237 4.77 -0.54 -15.77
N ASP D 238 5.67 -1.49 -16.09
CA ASP D 238 6.30 -2.24 -15.02
C ASP D 238 7.23 -1.34 -14.24
N TYR D 239 8.05 -0.54 -14.95
CA TYR D 239 9.04 0.24 -14.24
C TYR D 239 8.42 1.35 -13.40
N PHE D 240 7.34 2.01 -13.88
CA PHE D 240 6.64 3.00 -13.08
C PHE D 240 6.23 2.36 -11.75
N ALA D 241 5.66 1.15 -11.83
CA ALA D 241 5.16 0.49 -10.64
C ALA D 241 6.30 0.03 -9.73
N ARG D 242 7.28 -0.64 -10.33
CA ARG D 242 8.34 -1.27 -9.58
C ARG D 242 9.31 -0.20 -9.04
N ASP D 243 9.71 0.76 -9.89
CA ASP D 243 10.65 1.74 -9.40
C ASP D 243 10.03 2.48 -8.24
N CYS D 244 8.76 2.85 -8.39
CA CYS D 244 8.07 3.59 -7.33
C CYS D 244 8.03 2.78 -6.04
N HIS D 245 7.66 1.51 -6.17
CA HIS D 245 7.58 0.63 -5.03
C HIS D 245 8.88 0.68 -4.24
N HIS D 246 10.02 0.80 -4.96
CA HIS D 246 11.36 0.66 -4.36
C HIS D 246 11.90 2.01 -3.93
N LEU D 247 11.66 3.03 -4.76
CA LEU D 247 12.18 4.38 -4.60
C LEU D 247 11.53 5.02 -3.38
N GLY D 248 10.27 4.62 -3.06
CA GLY D 248 9.48 5.28 -2.03
C GLY D 248 8.78 6.55 -2.51
N ILE D 249 8.27 6.48 -3.74
CA ILE D 249 7.42 7.50 -4.32
C ILE D 249 6.22 6.75 -4.84
N GLN D 250 5.03 7.33 -4.77
CA GLN D 250 3.86 6.58 -5.11
C GLN D 250 3.53 6.93 -6.56
N ASN D 251 2.96 5.92 -7.25
CA ASN D 251 2.76 6.01 -8.69
C ASN D 251 1.32 6.47 -8.99
N ASN D 252 1.14 7.47 -9.85
CA ASN D 252 -0.20 8.00 -10.04
C ASN D 252 -0.86 7.51 -11.33
N PHE D 253 -0.21 6.58 -12.05
CA PHE D 253 -0.75 6.06 -13.29
C PHE D 253 -1.29 4.65 -13.13
N ASP D 254 -2.44 4.31 -13.76
CA ASP D 254 -3.05 3.00 -13.58
C ASP D 254 -3.00 2.14 -14.86
N TYR D 255 -2.03 1.23 -14.96
N TYR D 255 -2.05 1.20 -14.96
CA TYR D 255 -1.94 0.43 -16.17
CA TYR D 255 -1.94 0.40 -16.18
C TYR D 255 -3.11 -0.53 -16.31
C TYR D 255 -3.10 -0.58 -16.32
N LYS D 256 -3.68 -1.02 -15.20
CA LYS D 256 -4.75 -2.02 -15.29
C LYS D 256 -5.99 -1.40 -15.94
N ARG D 257 -6.24 -0.10 -15.59
CA ARG D 257 -7.32 0.65 -16.20
C ARG D 257 -7.03 0.76 -17.70
N PHE D 258 -5.79 1.05 -18.07
CA PHE D 258 -5.53 1.29 -19.47
C PHE D 258 -5.91 0.04 -20.28
N ILE D 259 -5.53 -1.11 -19.74
CA ILE D 259 -5.71 -2.40 -20.39
C ILE D 259 -7.19 -2.68 -20.52
N LYS D 260 -7.96 -2.44 -19.45
CA LYS D 260 -9.40 -2.66 -19.55
C LYS D 260 -10.02 -1.85 -20.66
N PHE D 261 -9.48 -0.65 -20.96
CA PHE D 261 -10.11 0.26 -21.92
C PHE D 261 -9.46 0.11 -23.29
N ALA D 262 -8.47 -0.79 -23.42
CA ALA D 262 -7.78 -0.93 -24.69
C ALA D 262 -8.60 -1.76 -25.68
N ARG D 263 -8.59 -1.34 -26.96
CA ARG D 263 -9.17 -2.03 -28.12
C ARG D 263 -8.22 -1.90 -29.33
N VAL D 264 -8.35 -2.80 -30.34
CA VAL D 264 -7.62 -2.67 -31.58
C VAL D 264 -8.58 -2.17 -32.66
N CYS D 265 -8.16 -1.12 -33.39
CA CYS D 265 -8.94 -0.58 -34.49
C CYS D 265 -8.09 -0.40 -35.73
N GLU D 266 -8.77 -0.35 -36.88
CA GLU D 266 -8.14 0.00 -38.13
C GLU D 266 -7.88 1.50 -38.15
N VAL D 267 -6.60 1.87 -38.32
CA VAL D 267 -6.20 3.24 -38.61
C VAL D 267 -5.35 3.21 -39.87
N ASP D 268 -5.86 3.90 -40.91
CA ASP D 268 -5.25 3.99 -42.23
C ASP D 268 -4.72 2.61 -42.64
N ASN D 269 -5.58 1.59 -42.57
CA ASN D 269 -5.31 0.27 -43.10
C ASN D 269 -4.16 -0.43 -42.36
N GLU D 270 -3.95 -0.06 -41.08
CA GLU D 270 -3.13 -0.81 -40.15
C GLU D 270 -3.93 -1.01 -38.86
N LEU D 271 -3.76 -2.18 -38.22
CA LEU D 271 -4.45 -2.43 -36.96
C LEU D 271 -3.59 -1.94 -35.81
N ARG D 272 -4.12 -1.00 -35.01
CA ARG D 272 -3.41 -0.37 -33.91
C ARG D 272 -4.21 -0.43 -32.60
N ILE D 273 -3.48 -0.38 -31.47
CA ILE D 273 -4.08 -0.33 -30.14
C ILE D 273 -4.62 1.08 -29.92
N CYS D 274 -5.89 1.15 -29.53
CA CYS D 274 -6.57 2.42 -29.33
C CYS D 274 -7.10 2.49 -27.91
N ALA D 275 -7.04 3.71 -27.40
CA ALA D 275 -7.57 4.07 -26.11
C ALA D 275 -8.95 4.68 -26.29
N ARG D 276 -9.76 4.56 -25.23
CA ARG D 276 -11.06 5.19 -25.15
C ARG D 276 -10.87 6.72 -25.09
N ASP D 277 -11.69 7.47 -25.83
CA ASP D 277 -11.56 8.92 -25.97
C ASP D 277 -11.36 9.57 -24.61
N LYS D 278 -12.27 9.30 -23.68
CA LYS D 278 -12.39 9.83 -22.34
C LYS D 278 -11.08 9.66 -21.56
N GLU D 279 -10.21 8.76 -22.00
CA GLU D 279 -9.05 8.37 -21.23
C GLU D 279 -7.79 9.14 -21.65
N VAL D 280 -7.93 10.11 -22.55
CA VAL D 280 -6.77 10.80 -23.10
C VAL D 280 -6.04 11.56 -21.97
N GLY D 281 -6.82 12.11 -21.05
CA GLY D 281 -6.22 12.86 -19.96
C GLY D 281 -5.27 11.99 -19.14
N ASN D 282 -5.61 10.70 -19.03
CA ASN D 282 -4.80 9.73 -18.31
C ASN D 282 -3.48 9.50 -19.00
N LEU D 283 -3.46 9.62 -20.33
CA LEU D 283 -2.24 9.40 -21.09
C LEU D 283 -1.30 10.60 -20.93
N TYR D 284 -1.85 11.81 -20.99
CA TYR D 284 -1.07 13.00 -20.72
C TYR D 284 -0.46 12.86 -19.31
N ASP D 285 -1.27 12.32 -18.39
CA ASP D 285 -0.80 12.12 -17.03
C ASP D 285 0.37 11.15 -17.01
N MET D 286 0.31 10.13 -17.89
CA MET D 286 1.30 9.07 -17.88
C MET D 286 2.68 9.65 -18.23
N PHE D 287 2.73 10.50 -19.26
CA PHE D 287 3.97 11.13 -19.65
C PHE D 287 4.44 12.11 -18.59
N HIS D 288 3.52 12.82 -17.95
CA HIS D 288 3.86 13.73 -16.87
C HIS D 288 4.55 12.93 -15.74
N THR D 289 3.99 11.74 -15.46
CA THR D 289 4.52 10.87 -14.41
C THR D 289 5.94 10.44 -14.78
N ARG D 290 6.16 10.07 -16.05
CA ARG D 290 7.48 9.71 -16.56
C ARG D 290 8.45 10.87 -16.32
N ASN D 291 8.03 12.09 -16.68
CA ASN D 291 8.87 13.24 -16.49
C ASN D 291 9.17 13.46 -15.00
N SER D 292 8.17 13.24 -14.12
CA SER D 292 8.37 13.44 -12.69
C SER D 292 9.41 12.48 -12.16
N LEU D 293 9.34 11.22 -12.62
CA LEU D 293 10.24 10.19 -12.12
C LEU D 293 11.66 10.53 -12.58
N HIS D 294 11.78 11.15 -13.75
CA HIS D 294 13.08 11.58 -14.22
C HIS D 294 13.62 12.71 -13.31
N ARG D 295 12.82 13.76 -13.14
CA ARG D 295 13.19 14.91 -12.32
C ARG D 295 13.54 14.45 -10.90
N ARG D 296 12.69 13.60 -10.31
CA ARG D 296 12.87 13.22 -8.93
C ARG D 296 13.92 12.14 -8.71
N ALA D 297 14.07 11.16 -9.61
CA ALA D 297 14.83 9.96 -9.28
C ALA D 297 15.88 9.62 -10.35
N TYR D 298 15.48 9.49 -11.61
CA TYR D 298 16.38 8.93 -12.60
C TYR D 298 17.47 9.91 -13.01
N GLN D 299 17.20 11.22 -12.94
CA GLN D 299 18.23 12.22 -13.21
C GLN D 299 18.62 12.97 -11.94
N HIS D 300 18.40 12.36 -10.77
CA HIS D 300 18.80 12.99 -9.53
C HIS D 300 20.26 13.43 -9.62
N LYS D 301 20.56 14.64 -9.13
CA LYS D 301 21.86 15.28 -9.30
C LYS D 301 22.97 14.43 -8.68
N VAL D 302 22.68 13.78 -7.54
CA VAL D 302 23.75 13.00 -6.93
C VAL D 302 23.87 11.64 -7.61
N GLY D 303 22.71 11.04 -7.88
CA GLY D 303 22.75 9.77 -8.59
C GLY D 303 23.52 9.89 -9.91
N ASN D 304 23.35 11.02 -10.61
CA ASN D 304 24.01 11.19 -11.88
C ASN D 304 25.53 11.28 -11.66
N ILE D 305 25.94 11.92 -10.55
CA ILE D 305 27.37 12.12 -10.32
C ILE D 305 27.96 10.76 -9.96
N ILE D 306 27.19 9.95 -9.24
CA ILE D 306 27.71 8.65 -8.85
C ILE D 306 27.90 7.79 -10.10
N ASP D 307 26.93 7.87 -11.02
CA ASP D 307 27.01 7.23 -12.31
C ASP D 307 28.28 7.69 -13.05
N THR D 308 28.55 9.01 -12.95
CA THR D 308 29.68 9.65 -13.64
C THR D 308 31.00 9.17 -13.05
N MET D 309 31.05 9.05 -11.71
CA MET D 309 32.25 8.61 -11.05
C MET D 309 32.50 7.14 -11.34
N ILE D 310 31.43 6.33 -11.36
CA ILE D 310 31.60 4.93 -11.68
C ILE D 310 32.14 4.81 -13.11
N THR D 311 31.62 5.64 -14.03
CA THR D 311 32.07 5.62 -15.41
C THR D 311 33.57 5.94 -15.51
N ASP D 312 34.00 6.99 -14.79
N ASP D 312 33.95 6.99 -14.78
CA ASP D 312 35.38 7.45 -14.74
CA ASP D 312 35.32 7.47 -14.68
C ASP D 312 36.23 6.27 -14.28
C ASP D 312 36.22 6.31 -14.26
N ALA D 313 35.78 5.56 -13.24
CA ALA D 313 36.54 4.45 -12.69
C ALA D 313 36.68 3.36 -13.71
N PHE D 314 35.58 3.06 -14.40
CA PHE D 314 35.62 2.00 -15.39
C PHE D 314 36.59 2.37 -16.50
N LEU D 315 36.53 3.62 -16.97
CA LEU D 315 37.42 4.09 -18.02
C LEU D 315 38.89 3.88 -17.62
N LYS D 316 39.21 4.17 -16.35
CA LYS D 316 40.56 4.03 -15.83
C LYS D 316 40.90 2.56 -15.61
N ALA D 317 39.90 1.70 -15.46
CA ALA D 317 40.14 0.28 -15.21
C ALA D 317 40.21 -0.49 -16.53
N ASP D 318 39.84 0.17 -17.65
CA ASP D 318 39.45 -0.53 -18.87
C ASP D 318 40.58 -1.40 -19.40
N ASP D 319 41.82 -0.90 -19.27
CA ASP D 319 42.99 -1.52 -19.86
C ASP D 319 43.40 -2.76 -19.09
N TYR D 320 43.03 -2.86 -17.81
CA TYR D 320 43.59 -3.89 -16.93
C TYR D 320 42.60 -4.99 -16.57
N ILE D 321 41.29 -4.76 -16.76
CA ILE D 321 40.35 -5.83 -16.45
C ILE D 321 40.23 -6.72 -17.67
N GLU D 322 40.30 -8.04 -17.45
CA GLU D 322 40.16 -9.00 -18.53
C GLU D 322 38.96 -9.91 -18.28
N ILE D 323 38.11 -10.04 -19.30
CA ILE D 323 36.97 -10.93 -19.29
C ILE D 323 37.14 -11.90 -20.44
N THR D 324 37.05 -13.19 -20.12
CA THR D 324 37.25 -14.26 -21.09
C THR D 324 35.93 -14.53 -21.81
N GLY D 325 35.97 -14.40 -23.14
CA GLY D 325 34.87 -14.69 -24.04
C GLY D 325 35.01 -16.01 -24.79
N ALA D 326 34.39 -16.08 -25.98
CA ALA D 326 34.32 -17.31 -26.76
C ALA D 326 35.73 -17.70 -27.19
N GLY D 327 36.05 -18.99 -27.01
CA GLY D 327 37.30 -19.58 -27.40
C GLY D 327 38.45 -19.12 -26.51
N GLY D 328 38.13 -18.72 -25.27
CA GLY D 328 39.16 -18.30 -24.34
C GLY D 328 39.78 -16.93 -24.67
N LYS D 329 39.32 -16.30 -25.77
CA LYS D 329 39.80 -14.99 -26.23
C LYS D 329 39.42 -13.92 -25.20
N LYS D 330 40.25 -12.88 -25.04
CA LYS D 330 40.10 -11.96 -23.91
C LYS D 330 39.53 -10.60 -24.33
N TYR D 331 38.57 -10.08 -23.55
CA TYR D 331 37.93 -8.80 -23.83
C TYR D 331 38.09 -7.84 -22.65
N ARG D 332 37.89 -6.56 -22.94
CA ARG D 332 37.88 -5.50 -21.95
C ARG D 332 36.43 -5.08 -21.66
N ILE D 333 36.22 -4.26 -20.61
CA ILE D 333 34.90 -3.75 -20.28
C ILE D 333 34.30 -3.14 -21.55
N SER D 334 35.14 -2.44 -22.32
CA SER D 334 34.66 -1.67 -23.46
C SER D 334 34.43 -2.55 -24.69
N THR D 335 34.97 -3.78 -24.69
CA THR D 335 34.92 -4.63 -25.87
C THR D 335 34.04 -5.86 -25.64
N ALA D 336 33.55 -6.02 -24.41
CA ALA D 336 32.66 -7.12 -24.10
C ALA D 336 31.41 -7.09 -24.98
N ILE D 337 31.01 -5.90 -25.44
CA ILE D 337 29.81 -5.81 -26.26
C ILE D 337 30.01 -6.52 -27.59
N ASP D 338 31.27 -6.90 -27.90
CA ASP D 338 31.60 -7.53 -29.19
C ASP D 338 31.47 -9.05 -29.12
N ASP D 339 31.52 -9.61 -27.91
CA ASP D 339 31.39 -11.05 -27.73
C ASP D 339 30.40 -11.35 -26.61
N MET D 340 29.28 -11.99 -26.98
CA MET D 340 28.16 -12.16 -26.08
C MET D 340 28.50 -13.11 -24.94
N GLU D 341 29.44 -14.04 -25.20
CA GLU D 341 29.93 -14.94 -24.18
C GLU D 341 30.64 -14.15 -23.07
N ALA D 342 31.43 -13.16 -23.48
CA ALA D 342 32.09 -12.28 -22.55
C ALA D 342 31.08 -11.34 -21.89
N TYR D 343 30.20 -10.74 -22.69
CA TYR D 343 29.18 -9.84 -22.16
C TYR D 343 28.31 -10.53 -21.10
N THR D 344 28.06 -11.85 -21.24
CA THR D 344 27.34 -12.60 -20.23
C THR D 344 27.95 -12.41 -18.84
N LYS D 345 29.26 -12.27 -18.76
CA LYS D 345 29.96 -12.18 -17.49
C LYS D 345 30.28 -10.73 -17.13
N LEU D 346 29.63 -9.75 -17.80
CA LEU D 346 29.86 -8.34 -17.48
C LEU D 346 28.67 -7.72 -16.73
N THR D 347 28.80 -7.56 -15.42
CA THR D 347 27.68 -7.07 -14.61
C THR D 347 28.18 -6.03 -13.60
N ASP D 348 27.37 -5.76 -12.57
CA ASP D 348 27.72 -4.80 -11.52
C ASP D 348 28.94 -5.32 -10.77
N ASN D 349 29.26 -6.58 -11.03
CA ASN D 349 30.31 -7.22 -10.29
C ASN D 349 31.65 -6.58 -10.66
N ILE D 350 31.77 -5.97 -11.85
CA ILE D 350 32.96 -5.25 -12.25
C ILE D 350 33.34 -4.20 -11.21
N PHE D 351 32.36 -3.51 -10.65
CA PHE D 351 32.57 -2.50 -9.62
C PHE D 351 33.34 -3.09 -8.44
N LEU D 352 32.91 -4.24 -7.94
CA LEU D 352 33.50 -4.85 -6.76
C LEU D 352 34.83 -5.50 -7.12
N GLU D 353 34.98 -5.95 -8.37
CA GLU D 353 36.27 -6.49 -8.82
C GLU D 353 37.33 -5.40 -8.71
N ILE D 354 36.97 -4.19 -9.17
CA ILE D 354 37.82 -3.02 -9.04
C ILE D 354 38.03 -2.68 -7.57
N LEU D 355 36.94 -2.55 -6.82
CA LEU D 355 37.04 -2.08 -5.45
C LEU D 355 37.93 -2.99 -4.62
N TYR D 356 37.87 -4.30 -4.87
CA TYR D 356 38.61 -5.25 -4.03
C TYR D 356 40.00 -5.56 -4.62
N SER D 357 40.33 -4.98 -5.78
CA SER D 357 41.58 -5.29 -6.47
C SER D 357 42.81 -4.88 -5.65
N THR D 358 43.95 -5.52 -5.95
CA THR D 358 45.23 -5.12 -5.39
C THR D 358 46.24 -4.85 -6.50
N ASP D 359 45.95 -5.22 -7.74
CA ASP D 359 46.81 -4.86 -8.86
C ASP D 359 47.14 -3.36 -8.81
N PRO D 360 48.44 -2.96 -8.76
CA PRO D 360 48.79 -1.53 -8.74
C PRO D 360 48.30 -0.77 -9.96
N LYS D 361 48.14 -1.47 -11.09
CA LYS D 361 47.72 -0.87 -12.34
C LYS D 361 46.30 -0.32 -12.22
N LEU D 362 45.51 -0.92 -11.31
CA LEU D 362 44.11 -0.62 -11.04
C LEU D 362 43.95 0.39 -9.92
N LYS D 363 45.06 0.87 -9.34
CA LYS D 363 45.05 1.79 -8.20
C LYS D 363 44.16 3.00 -8.48
N ASP D 364 44.31 3.60 -9.66
CA ASP D 364 43.57 4.81 -9.98
C ASP D 364 42.07 4.58 -10.01
N ALA D 365 41.66 3.45 -10.57
CA ALA D 365 40.24 3.15 -10.68
C ALA D 365 39.69 2.85 -9.30
N ARG D 366 40.39 1.97 -8.57
CA ARG D 366 40.08 1.61 -7.19
C ARG D 366 39.89 2.86 -6.32
N GLU D 367 40.74 3.87 -6.53
CA GLU D 367 40.70 5.07 -5.70
C GLU D 367 39.38 5.82 -5.87
N ILE D 368 38.93 5.89 -7.13
CA ILE D 368 37.71 6.63 -7.38
C ILE D 368 36.57 5.92 -6.67
N LEU D 369 36.54 4.60 -6.73
CA LEU D 369 35.46 3.90 -6.07
C LEU D 369 35.53 4.11 -4.57
N LYS D 370 36.75 4.18 -4.03
CA LYS D 370 36.91 4.41 -2.60
C LYS D 370 36.36 5.79 -2.24
N GLN D 371 36.47 6.73 -3.18
CA GLN D 371 36.03 8.09 -2.91
C GLN D 371 34.52 8.08 -2.85
N ILE D 372 33.90 7.26 -3.70
CA ILE D 372 32.47 7.08 -3.67
C ILE D 372 32.06 6.59 -2.27
N GLU D 373 32.79 5.61 -1.72
CA GLU D 373 32.47 5.00 -0.44
C GLU D 373 32.55 6.01 0.70
N TYR D 374 33.52 6.94 0.64
CA TYR D 374 33.74 7.91 1.72
C TYR D 374 32.81 9.11 1.54
N ARG D 375 32.02 9.05 0.47
CA ARG D 375 31.08 10.07 0.08
C ARG D 375 31.82 11.34 -0.35
N ASN D 376 33.07 11.19 -0.80
N ASN D 376 33.02 11.15 -0.86
CA ASN D 376 33.81 12.30 -1.36
CA ASN D 376 33.84 12.24 -1.36
C ASN D 376 33.47 12.40 -2.85
C ASN D 376 33.49 12.41 -2.84
N LEU D 377 32.29 12.96 -3.14
CA LEU D 377 31.76 13.03 -4.49
C LEU D 377 32.15 14.37 -5.10
N PHE D 378 32.14 14.46 -6.45
CA PHE D 378 32.23 15.72 -7.14
C PHE D 378 31.06 16.58 -6.65
N LYS D 379 31.26 17.91 -6.51
CA LYS D 379 30.31 18.75 -5.80
C LYS D 379 29.39 19.46 -6.80
N TYR D 380 28.07 19.39 -6.52
CA TYR D 380 27.07 20.04 -7.34
C TYR D 380 27.29 21.54 -7.23
N VAL D 381 27.42 22.18 -8.40
CA VAL D 381 27.57 23.63 -8.46
C VAL D 381 26.19 24.26 -8.65
N GLY D 382 25.50 23.81 -9.68
CA GLY D 382 24.27 24.47 -10.06
C GLY D 382 23.66 23.86 -11.31
N GLU D 383 22.52 24.43 -11.71
CA GLU D 383 21.64 23.88 -12.72
C GLU D 383 21.03 25.08 -13.44
N THR D 384 20.94 25.00 -14.77
CA THR D 384 20.43 26.09 -15.61
C THR D 384 19.81 25.50 -16.87
N GLN D 385 19.10 26.32 -17.67
CA GLN D 385 18.51 25.88 -18.93
C GLN D 385 18.76 26.92 -20.03
N PRO D 386 18.75 26.54 -21.33
CA PRO D 386 18.58 27.52 -22.41
C PRO D 386 17.26 28.31 -22.35
N THR D 387 17.15 29.37 -23.16
CA THR D 387 16.01 30.29 -23.12
C THR D 387 15.36 30.35 -24.51
N GLY D 388 14.04 30.56 -24.53
CA GLY D 388 13.28 30.50 -25.78
C GLY D 388 13.40 29.14 -26.44
N GLN D 389 13.83 29.09 -27.71
CA GLN D 389 14.00 27.83 -28.42
C GLN D 389 15.49 27.53 -28.66
N ILE D 390 16.40 28.28 -28.01
CA ILE D 390 17.82 28.00 -28.09
C ILE D 390 18.06 26.55 -27.66
N LYS D 391 18.81 25.79 -28.47
CA LYS D 391 19.11 24.41 -28.13
C LYS D 391 20.60 24.18 -28.20
N ILE D 392 21.10 23.21 -27.45
CA ILE D 392 22.52 22.99 -27.29
C ILE D 392 22.88 21.68 -27.97
N LYS D 393 23.76 21.79 -29.00
CA LYS D 393 24.07 20.67 -29.88
C LYS D 393 24.96 19.66 -29.18
N ARG D 394 24.80 18.38 -29.56
CA ARG D 394 25.52 17.27 -28.94
C ARG D 394 27.03 17.41 -29.18
N GLU D 395 27.44 17.95 -30.33
CA GLU D 395 28.85 18.10 -30.66
C GLU D 395 29.55 19.12 -29.76
N ASP D 396 28.77 19.96 -29.06
CA ASP D 396 29.30 21.07 -28.26
C ASP D 396 29.49 20.69 -26.79
N TYR D 397 29.08 19.47 -26.43
CA TYR D 397 29.09 19.03 -25.05
C TYR D 397 30.50 19.13 -24.47
N GLU D 398 31.48 18.67 -25.25
CA GLU D 398 32.87 18.61 -24.80
C GLU D 398 33.46 20.00 -24.54
N SER D 399 33.01 21.00 -25.32
CA SER D 399 33.59 22.35 -25.26
C SER D 399 33.12 23.12 -24.03
N LEU D 400 32.06 22.62 -23.34
CA LEU D 400 31.36 23.37 -22.30
C LEU D 400 32.19 23.54 -21.02
N PRO D 401 32.90 22.50 -20.50
CA PRO D 401 33.76 22.72 -19.34
C PRO D 401 34.73 23.87 -19.57
N LYS D 402 35.36 23.94 -20.76
CA LYS D 402 36.28 25.01 -21.10
C LYS D 402 35.60 26.37 -20.96
N GLU D 403 34.35 26.45 -21.42
CA GLU D 403 33.62 27.71 -21.44
C GLU D 403 33.45 28.23 -20.02
N VAL D 404 33.12 27.33 -19.08
CA VAL D 404 32.88 27.72 -17.71
C VAL D 404 34.15 28.27 -17.08
N ALA D 405 35.27 27.58 -17.33
CA ALA D 405 36.59 27.91 -16.79
C ALA D 405 37.09 29.26 -17.32
N SER D 406 36.58 29.63 -18.52
CA SER D 406 37.01 30.81 -19.26
C SER D 406 36.19 32.04 -18.90
N ALA D 407 35.09 31.87 -18.17
CA ALA D 407 34.27 33.02 -17.80
C ALA D 407 35.05 33.87 -16.80
N LYS D 408 34.84 35.19 -16.85
CA LYS D 408 35.64 36.08 -16.01
C LYS D 408 34.75 36.79 -15.00
N PRO D 409 34.44 36.15 -13.85
CA PRO D 409 33.59 36.74 -12.83
C PRO D 409 34.37 37.81 -12.08
N LYS D 410 33.69 38.90 -11.73
CA LYS D 410 34.28 39.94 -10.91
C LYS D 410 34.09 39.62 -9.44
N VAL D 411 34.79 38.56 -8.98
CA VAL D 411 34.98 38.25 -7.56
C VAL D 411 36.43 37.89 -7.31
N LEU D 412 36.93 38.19 -6.12
CA LEU D 412 38.31 37.91 -5.75
C LEU D 412 38.44 36.43 -5.35
N LEU D 413 39.33 35.66 -5.99
CA LEU D 413 39.44 34.22 -5.77
C LEU D 413 40.89 33.86 -5.45
N ASP D 414 41.10 33.01 -4.43
CA ASP D 414 42.44 32.48 -4.14
C ASP D 414 42.80 31.36 -5.12
N VAL D 415 41.78 30.61 -5.58
CA VAL D 415 41.97 29.45 -6.46
C VAL D 415 41.49 29.77 -7.87
N LYS D 416 42.31 29.39 -8.86
CA LYS D 416 41.89 29.46 -10.26
C LYS D 416 41.62 28.04 -10.75
N LEU D 417 40.46 27.85 -11.40
CA LEU D 417 40.09 26.51 -11.81
C LEU D 417 40.31 26.36 -13.32
N LYS D 418 40.49 25.10 -13.73
CA LYS D 418 40.69 24.71 -15.13
C LYS D 418 39.50 23.90 -15.64
N ALA D 419 39.45 23.74 -16.96
CA ALA D 419 38.43 22.99 -17.67
C ALA D 419 38.18 21.62 -17.02
N GLU D 420 39.26 20.93 -16.66
CA GLU D 420 39.15 19.55 -16.20
C GLU D 420 38.59 19.48 -14.80
N ASP D 421 38.40 20.64 -14.18
CA ASP D 421 37.88 20.71 -12.83
C ASP D 421 36.35 20.74 -12.86
N PHE D 422 35.78 20.94 -14.06
CA PHE D 422 34.36 21.15 -14.22
C PHE D 422 33.75 20.01 -15.02
N ILE D 423 32.57 19.53 -14.57
CA ILE D 423 31.74 18.60 -15.35
C ILE D 423 30.46 19.33 -15.75
N VAL D 424 30.11 19.27 -17.05
CA VAL D 424 28.89 19.87 -17.55
C VAL D 424 28.07 18.75 -18.16
N ASP D 425 26.91 18.51 -17.56
CA ASP D 425 26.04 17.40 -17.93
C ASP D 425 24.83 18.01 -18.59
N VAL D 426 24.58 17.66 -19.86
CA VAL D 426 23.38 18.16 -20.50
C VAL D 426 22.40 17.01 -20.63
N ILE D 427 21.22 17.21 -20.04
CA ILE D 427 20.24 16.15 -19.87
C ILE D 427 19.05 16.57 -20.70
N ASN D 428 18.65 15.66 -21.60
CA ASN D 428 17.49 15.93 -22.44
C ASN D 428 16.29 15.32 -21.75
N MET D 429 15.33 16.17 -21.37
CA MET D 429 14.08 15.73 -20.78
C MET D 429 13.00 15.95 -21.84
N ASP D 430 12.36 14.85 -22.28
CA ASP D 430 11.31 14.95 -23.28
C ASP D 430 10.25 13.89 -23.06
N TYR D 431 9.15 13.96 -23.81
CA TYR D 431 8.06 13.00 -23.67
C TYR D 431 8.26 11.75 -24.54
N GLY D 432 9.52 11.50 -24.98
CA GLY D 432 9.89 10.20 -25.50
C GLY D 432 9.94 10.18 -27.04
N MET D 433 9.64 11.34 -27.65
CA MET D 433 9.59 11.45 -29.10
C MET D 433 10.15 12.80 -29.53
N GLN D 434 11.32 13.12 -28.97
CA GLN D 434 11.98 14.39 -29.22
C GLN D 434 10.97 15.51 -28.99
N GLU D 435 10.82 16.38 -30.00
N GLU D 435 10.81 16.42 -29.96
CA GLU D 435 10.08 17.63 -29.85
CA GLU D 435 10.05 17.65 -29.79
C GLU D 435 8.57 17.36 -29.87
C GLU D 435 8.55 17.37 -29.87
N LYS D 436 8.19 16.18 -30.36
CA LYS D 436 6.81 15.82 -30.66
C LYS D 436 6.05 15.40 -29.41
N ASN D 437 4.73 15.58 -29.50
CA ASN D 437 3.76 15.25 -28.48
C ASN D 437 3.24 13.84 -28.77
N PRO D 438 3.54 12.83 -27.93
CA PRO D 438 3.20 11.44 -28.26
C PRO D 438 1.70 11.20 -28.32
N ILE D 439 0.92 12.11 -27.72
CA ILE D 439 -0.53 11.91 -27.75
C ILE D 439 -1.07 12.15 -29.15
N ASP D 440 -0.32 12.88 -29.98
CA ASP D 440 -0.68 13.10 -31.37
C ASP D 440 -0.49 11.81 -32.15
N HIS D 441 0.14 10.82 -31.53
CA HIS D 441 0.43 9.53 -32.17
C HIS D 441 -0.38 8.40 -31.51
N VAL D 442 -1.47 8.77 -30.85
CA VAL D 442 -2.36 7.83 -30.21
C VAL D 442 -3.72 7.90 -30.91
N SER D 443 -4.34 6.72 -31.05
CA SER D 443 -5.66 6.66 -31.64
C SER D 443 -6.69 6.28 -30.57
N PHE D 444 -7.89 6.87 -30.69
CA PHE D 444 -8.94 6.74 -29.71
C PHE D 444 -10.23 6.22 -30.36
N TYR D 445 -11.14 5.71 -29.53
CA TYR D 445 -12.44 5.24 -29.96
C TYR D 445 -13.50 5.76 -28.99
N CYS D 446 -14.76 5.85 -29.46
CA CYS D 446 -15.85 6.40 -28.69
C CYS D 446 -16.80 5.31 -28.24
N LYS D 447 -17.43 5.53 -27.07
CA LYS D 447 -18.44 4.66 -26.52
C LYS D 447 -19.35 4.18 -27.65
N THR D 448 -19.82 5.11 -28.47
CA THR D 448 -20.91 4.93 -29.42
C THR D 448 -20.50 4.17 -30.68
N ALA D 449 -19.20 4.14 -31.00
CA ALA D 449 -18.66 3.48 -32.18
C ALA D 449 -17.24 2.94 -31.90
N PRO D 450 -17.18 1.79 -31.17
CA PRO D 450 -15.93 1.22 -30.68
C PRO D 450 -14.93 0.74 -31.71
N ASN D 451 -15.37 0.60 -32.97
CA ASN D 451 -14.51 0.06 -34.01
C ASN D 451 -13.94 1.21 -34.82
N ARG D 452 -14.34 2.44 -34.50
CA ARG D 452 -13.96 3.60 -35.32
C ARG D 452 -12.95 4.49 -34.61
N ALA D 453 -11.71 4.47 -35.12
CA ALA D 453 -10.61 5.18 -34.52
C ALA D 453 -10.75 6.66 -34.85
N ILE D 454 -10.41 7.54 -33.90
CA ILE D 454 -10.36 8.98 -34.12
C ILE D 454 -9.06 9.53 -33.54
N ARG D 455 -8.84 10.83 -33.76
CA ARG D 455 -7.65 11.51 -33.29
C ARG D 455 -8.10 12.61 -32.34
N ILE D 456 -7.30 12.91 -31.31
CA ILE D 456 -7.61 13.98 -30.39
C ILE D 456 -6.37 14.86 -30.29
N THR D 457 -6.55 16.16 -30.51
CA THR D 457 -5.49 17.16 -30.53
C THR D 457 -5.37 17.72 -29.11
N LYS D 458 -4.29 18.48 -28.83
CA LYS D 458 -3.97 19.02 -27.51
C LYS D 458 -5.02 20.03 -27.05
N ASN D 459 -5.42 20.93 -27.96
CA ASN D 459 -6.41 21.96 -27.68
C ASN D 459 -7.75 21.33 -27.34
N GLN D 460 -7.99 20.10 -27.81
CA GLN D 460 -9.23 19.39 -27.52
C GLN D 460 -9.24 18.85 -26.08
N VAL D 461 -8.11 18.90 -25.35
CA VAL D 461 -8.06 18.23 -24.06
C VAL D 461 -8.05 19.24 -22.90
N SER D 462 -7.03 20.10 -22.86
CA SER D 462 -6.85 20.99 -21.72
C SER D 462 -5.88 22.10 -22.10
N GLN D 463 -6.11 23.30 -21.55
CA GLN D 463 -5.25 24.42 -21.80
C GLN D 463 -4.09 24.38 -20.80
N LEU D 464 -4.21 23.50 -19.79
CA LEU D 464 -3.24 23.46 -18.69
C LEU D 464 -2.11 22.47 -18.98
N LEU D 465 -2.03 21.98 -20.22
CA LEU D 465 -1.04 20.99 -20.61
C LEU D 465 0.22 21.72 -21.02
N PRO D 466 1.38 21.01 -21.11
CA PRO D 466 2.64 21.62 -21.54
C PRO D 466 2.63 22.29 -22.92
N GLU D 467 3.39 23.38 -23.09
CA GLU D 467 3.46 24.03 -24.41
C GLU D 467 4.46 23.33 -25.33
N LYS D 468 5.56 22.85 -24.73
CA LYS D 468 6.64 22.15 -25.42
C LYS D 468 6.80 20.75 -24.81
N PHE D 469 7.52 19.86 -25.50
CA PHE D 469 7.58 18.48 -25.04
C PHE D 469 9.00 17.97 -24.93
N ALA D 470 9.96 18.89 -24.97
CA ALA D 470 11.38 18.62 -24.84
C ALA D 470 12.06 19.85 -24.24
N GLU D 471 13.03 19.65 -23.35
CA GLU D 471 13.82 20.75 -22.82
C GLU D 471 15.19 20.20 -22.43
N GLN D 472 16.09 21.12 -22.04
CA GLN D 472 17.41 20.68 -21.61
C GLN D 472 17.71 21.20 -20.21
N LEU D 473 18.24 20.32 -19.33
CA LEU D 473 18.92 20.75 -18.12
C LEU D 473 20.42 20.69 -18.30
N ILE D 474 21.10 21.75 -17.84
CA ILE D 474 22.55 21.79 -17.71
C ILE D 474 22.91 21.76 -16.23
N ARG D 475 23.55 20.68 -15.77
CA ARG D 475 24.06 20.64 -14.42
C ARG D 475 25.57 20.82 -14.50
N VAL D 476 26.11 21.57 -13.54
CA VAL D 476 27.55 21.71 -13.47
C VAL D 476 28.00 21.16 -12.12
N TYR D 477 29.03 20.29 -12.16
CA TYR D 477 29.68 19.96 -10.91
C TYR D 477 31.13 20.41 -10.98
N CYS D 478 31.81 20.41 -9.83
CA CYS D 478 33.24 20.69 -9.75
C CYS D 478 33.92 19.48 -9.13
N LYS D 479 35.04 19.01 -9.71
CA LYS D 479 35.74 17.83 -9.22
C LYS D 479 36.60 18.17 -8.01
N LYS D 480 36.93 19.45 -7.83
CA LYS D 480 37.63 19.93 -6.64
C LYS D 480 36.61 20.14 -5.54
N VAL D 481 36.88 19.52 -4.38
CA VAL D 481 35.85 19.25 -3.39
C VAL D 481 35.82 20.30 -2.28
N ASP D 482 36.93 21.01 -2.10
CA ASP D 482 37.19 21.89 -0.97
C ASP D 482 36.30 23.12 -1.06
N ARG D 483 36.19 23.81 0.08
CA ARG D 483 35.28 24.91 0.28
C ARG D 483 35.66 26.05 -0.67
N LYS D 484 36.96 26.32 -0.78
CA LYS D 484 37.46 27.45 -1.56
C LYS D 484 37.18 27.24 -3.05
N SER D 485 37.41 26.02 -3.53
CA SER D 485 37.17 25.64 -4.91
C SER D 485 35.68 25.72 -5.24
N LEU D 486 34.82 25.21 -4.33
CA LEU D 486 33.38 25.23 -4.52
C LEU D 486 32.90 26.67 -4.71
N TYR D 487 33.34 27.57 -3.83
CA TYR D 487 32.95 28.97 -3.94
C TYR D 487 33.32 29.52 -5.31
N ALA D 488 34.56 29.24 -5.73
CA ALA D 488 35.07 29.77 -6.98
C ALA D 488 34.21 29.27 -8.14
N ALA D 489 34.00 27.95 -8.17
CA ALA D 489 33.22 27.26 -9.18
C ALA D 489 31.84 27.89 -9.36
N ARG D 490 31.21 28.30 -8.26
CA ARG D 490 29.91 28.91 -8.30
C ARG D 490 29.97 30.24 -9.04
N GLN D 491 31.04 31.02 -8.78
CA GLN D 491 31.17 32.32 -9.41
C GLN D 491 31.38 32.18 -10.90
N TYR D 492 32.29 31.28 -11.31
CA TYR D 492 32.47 30.96 -12.72
C TYR D 492 31.13 30.57 -13.35
N PHE D 493 30.41 29.66 -12.68
CA PHE D 493 29.21 29.06 -13.23
C PHE D 493 28.15 30.12 -13.49
N VAL D 494 27.84 30.93 -12.46
CA VAL D 494 26.75 31.90 -12.59
C VAL D 494 27.14 32.93 -13.66
N GLN D 495 28.44 33.25 -13.77
CA GLN D 495 28.94 34.18 -14.77
C GLN D 495 28.71 33.61 -16.16
N TRP D 496 29.04 32.32 -16.32
CA TRP D 496 28.89 31.60 -17.57
C TRP D 496 27.43 31.66 -18.01
N CYS D 497 26.51 31.42 -17.05
CA CYS D 497 25.08 31.47 -17.28
C CYS D 497 24.68 32.82 -17.87
N ALA D 498 25.08 33.91 -17.20
CA ALA D 498 24.89 35.28 -17.68
C ALA D 498 25.42 35.46 -19.09
N ASP D 499 26.71 35.09 -19.28
CA ASP D 499 27.39 35.20 -20.56
C ASP D 499 26.53 34.59 -21.67
N ARG D 500 25.96 33.39 -21.46
CA ARG D 500 25.33 32.64 -22.54
C ARG D 500 23.82 32.87 -22.59
N ASN D 501 23.31 33.72 -21.71
CA ASN D 501 21.89 34.03 -21.64
C ASN D 501 21.06 32.80 -21.30
N PHE D 502 21.60 31.96 -20.41
CA PHE D 502 20.87 30.86 -19.77
C PHE D 502 19.96 31.41 -18.68
N THR D 503 19.10 30.55 -18.11
CA THR D 503 18.19 30.96 -17.04
C THR D 503 19.00 31.19 -15.77
N LYS D 504 18.57 32.15 -14.94
CA LYS D 504 19.19 32.42 -13.66
C LYS D 504 19.13 31.20 -12.74
N PRO D 505 20.23 30.57 -12.31
CA PRO D 505 20.16 29.46 -11.35
C PRO D 505 19.21 29.80 -10.21
N GLN D 506 18.48 28.81 -9.70
CA GLN D 506 17.46 29.08 -8.70
C GLN D 506 18.08 29.81 -7.51
N ASP D 507 19.32 29.43 -7.16
CA ASP D 507 19.92 29.90 -5.93
C ASP D 507 20.94 30.99 -6.25
N GLY D 508 20.83 31.60 -7.44
CA GLY D 508 21.85 32.47 -7.99
C GLY D 508 22.24 33.64 -7.07
N ASP D 509 21.23 34.32 -6.52
CA ASP D 509 21.43 35.50 -5.69
C ASP D 509 22.06 35.12 -4.34
N VAL D 510 21.99 33.84 -3.97
CA VAL D 510 22.50 33.36 -2.70
C VAL D 510 23.95 32.92 -2.90
N ILE D 511 24.24 32.11 -3.93
CA ILE D 511 25.55 31.49 -4.09
C ILE D 511 26.55 32.47 -4.71
N ALA D 512 26.03 33.40 -5.52
CA ALA D 512 26.83 34.32 -6.29
C ALA D 512 26.24 35.72 -6.25
N PRO D 513 26.11 36.36 -5.04
CA PRO D 513 25.47 37.67 -4.95
C PRO D 513 26.22 38.76 -5.74
N LEU D 514 27.51 38.51 -6.03
CA LEU D 514 28.31 39.56 -6.66
C LEU D 514 28.15 39.53 -8.18
N ILE D 515 27.66 38.40 -8.70
CA ILE D 515 27.58 38.16 -10.13
C ILE D 515 26.19 38.48 -10.66
N THR D 516 25.16 38.18 -9.85
CA THR D 516 23.76 38.23 -10.20
C THR D 516 23.30 39.62 -10.62
N PRO D 517 23.72 40.73 -9.96
CA PRO D 517 23.23 42.06 -10.35
C PRO D 517 23.59 42.51 -11.77
N GLN D 518 24.65 41.93 -12.36
CA GLN D 518 25.09 42.29 -13.71
C GLN D 518 23.96 42.10 -14.72
N LYS D 519 23.26 40.97 -14.63
CA LYS D 519 22.25 40.61 -15.61
C LYS D 519 20.92 41.29 -15.29
N LYS D 520 20.47 42.12 -16.24
CA LYS D 520 19.29 42.98 -16.16
C LYS D 520 18.03 42.13 -16.01
N GLU D 521 17.90 41.16 -16.93
CA GLU D 521 16.76 40.27 -17.08
C GLU D 521 16.43 39.57 -15.75
N TRP D 522 17.46 39.21 -14.97
CA TRP D 522 17.34 38.52 -13.70
C TRP D 522 16.85 39.46 -12.59
N ASN D 523 16.92 40.78 -12.83
CA ASN D 523 16.40 41.78 -11.91
C ASN D 523 15.22 42.50 -12.58
PA 85T E . 18.91 -11.67 11.86
O1A 85T E . 19.42 -10.43 11.22
O2A 85T E . 19.83 -12.87 12.03
O3B 85T E . 16.75 -12.79 14.40
O2B 85T E . 19.28 -12.89 14.74
N01 85T E . 14.40 -14.16 10.42
C02 85T E . 14.64 -13.55 9.46
C2' 85T E . 15.04 -12.85 8.27
C3' 85T E . 15.35 -11.37 8.72
O3' 85T E . 15.04 -10.51 7.55
C4' 85T E . 16.60 -11.28 8.85
C5' 85T E . 17.00 -10.96 10.24
O5' 85T E . 17.57 -12.14 10.90
O3A 85T E . 18.39 -11.04 13.32
PB 85T E . 18.13 -11.93 14.59
O1B 85T E . 17.90 -11.03 15.72
PG 85T E . 15.43 -12.71 15.45
O1G 85T E . 15.52 -13.92 16.33
O2G 85T E . 14.12 -12.87 14.66
O3G 85T E . 15.53 -11.35 16.22
O4' 85T E . 17.20 -12.82 8.68
C1' 85T E . 16.46 -13.33 7.79
N1 85T E . 16.70 -14.81 7.92
C6 85T E . 17.11 -15.36 9.11
C5 85T E . 17.25 -16.72 9.21
C4 85T E . 17.03 -17.42 8.05
N4 85T E . 17.20 -18.84 7.99
N3 85T E . 16.66 -16.81 6.88
C2 85T E . 16.49 -15.49 6.83
O2 85T E . 16.14 -14.91 5.79
PG DTP F . -8.69 2.45 26.72
O1G DTP F . -9.72 3.59 26.92
O2G DTP F . -9.05 1.16 27.46
O3G DTP F . -7.26 2.82 27.04
PB DTP F . -9.86 2.33 23.93
O1B DTP F . -10.26 3.73 24.12
O2B DTP F . -10.92 1.28 23.76
O3B DTP F . -8.85 1.97 25.15
PA DTP F . -8.00 1.26 21.92
O1A DTP F . -6.76 1.11 22.76
O2A DTP F . -8.89 0.10 21.59
O3A DTP F . -8.88 2.36 22.66
O5' DTP F . -7.55 2.05 20.59
C5' DTP F . -8.12 3.28 20.01
C4' DTP F . -7.94 3.34 18.50
O4' DTP F . -7.12 2.27 17.98
C3' DTP F . -9.28 3.19 17.77
O3' DTP F . -9.27 4.07 16.64
C2' DTP F . -9.37 1.69 17.49
C1' DTP F . -7.90 1.28 17.32
N9 DTP F . -7.50 -0.05 17.81
C8 DTP F . -7.94 -0.67 18.93
N7 DTP F . -7.37 -1.83 19.13
C5 DTP F . -6.48 -1.98 18.08
C6 DTP F . -5.56 -3.01 17.74
N6 DTP F . -5.34 -4.10 18.49
N1 DTP F . -4.77 -2.81 16.64
C2 DTP F . -5.01 -1.71 15.91
N3 DTP F . -5.84 -0.70 16.11
C4 DTP F . -6.56 -0.89 17.23
MG MG G . 22.94 16.63 0.20
MG MG H . 16.74 -9.95 17.80
PG GTP I . -24.26 4.40 -19.07
O1G GTP I . -25.03 5.33 -20.03
O2G GTP I . -23.12 3.64 -19.73
O3G GTP I . -25.14 3.50 -18.17
O3B GTP I . -23.35 5.36 -18.17
PB GTP I . -23.72 6.72 -17.44
O1B GTP I . -22.47 7.50 -17.72
O2B GTP I . -25.01 7.25 -17.92
O3A GTP I . -23.94 6.21 -15.93
PA GTP I . -23.41 4.80 -15.40
O1A GTP I . -24.51 3.81 -15.18
O2A GTP I . -22.27 4.45 -16.31
O5' GTP I . -22.78 5.19 -13.98
C5' GTP I . -21.46 5.83 -13.95
C4' GTP I . -20.45 4.89 -13.35
O4' GTP I . -20.72 4.72 -11.93
C3' GTP I . -20.41 3.45 -13.89
O3' GTP I . -19.57 3.49 -15.02
C2' GTP I . -19.90 2.62 -12.70
O2' GTP I . -18.54 2.21 -12.77
C1' GTP I . -20.14 3.52 -11.50
N9 GTP I . -21.02 2.98 -10.47
C8 GTP I . -20.80 2.98 -9.12
N7 GTP I . -21.81 2.50 -8.44
C5 GTP I . -22.77 2.21 -9.41
C6 GTP I . -24.08 1.68 -9.29
O6 GTP I . -24.67 1.33 -8.26
N1 GTP I . -24.73 1.57 -10.52
C2 GTP I . -24.16 1.91 -11.73
N2 GTP I . -24.92 1.74 -12.81
N3 GTP I . -22.93 2.39 -11.86
C4 GTP I . -22.30 2.52 -10.67
PA 85T J . -13.13 21.67 0.29
O1A 85T J . -13.65 21.04 1.50
O2A 85T J . -13.97 22.73 -0.35
O3B 85T J . -10.70 23.40 -1.63
O2B 85T J . -12.32 24.72 -0.43
N01 85T J . -11.61 19.29 -4.08
C02 85T J . -12.08 18.40 -3.49
C2' 85T J . -12.70 17.32 -2.81
C3' 85T J . -12.06 17.32 -1.36
O3' 85T J . -12.05 15.90 -0.95
C4' 85T J . -12.90 17.96 -0.66
C5' 85T J . -12.36 19.13 0.13
O5' 85T J . -12.86 20.27 -0.61
O3A 85T J . -11.74 22.43 0.57
PB 85T J . -11.23 23.74 -0.16
O1B 85T J . -10.01 24.22 0.60
PG 85T J . -9.18 23.76 -2.08
O1G 85T J . -9.23 24.91 -3.03
O2G 85T J . -8.94 22.39 -2.73
O3G 85T J . -8.33 24.23 -0.90
O4' 85T J . -14.04 18.63 -1.73
C1' 85T J . -14.21 17.66 -2.51
N1 85T J . -14.93 18.24 -3.66
C6 85T J . -14.82 19.57 -4.03
C5 85T J . -15.51 19.97 -5.17
C4 85T J . -16.25 18.96 -5.81
N4 85T J . -17.04 19.21 -6.97
N3 85T J . -16.34 17.65 -5.41
C2 85T J . -15.66 17.32 -4.32
O2 85T J . -15.74 16.17 -3.91
PG DTP K . 20.83 18.66 -0.92
O1G DTP K . 22.17 18.06 -0.42
O2G DTP K . 21.01 19.76 -1.97
O3G DTP K . 19.83 19.13 0.21
PB DTP K . 20.40 15.86 -1.82
O1B DTP K . 21.51 15.55 -0.89
O2B DTP K . 20.59 15.51 -3.23
O3B DTP K . 20.15 17.44 -1.78
PA DTP K . 17.49 15.08 -1.84
O1A DTP K . 16.73 16.33 -1.50
O2A DTP K . 17.50 14.64 -3.25
O3A DTP K . 19.02 15.17 -1.33
O5' DTP K . 16.77 13.94 -0.97
C5' DTP K . 17.38 12.85 -0.27
C4' DTP K . 16.48 11.62 -0.33
O4' DTP K . 15.16 11.89 -0.86
C3' DTP K . 17.06 10.50 -1.18
O3' DTP K . 16.83 9.32 -0.42
C2' DTP K . 16.33 10.68 -2.52
C1' DTP K . 14.99 11.26 -2.11
N9 DTP K . 14.33 12.25 -3.00
C8 DTP K . 14.91 13.26 -3.73
N7 DTP K . 14.04 14.00 -4.39
C5 DTP K . 12.82 13.45 -4.04
C6 DTP K . 11.48 13.80 -4.38
N6 DTP K . 11.18 14.86 -5.15
N1 DTP K . 10.49 13.08 -3.82
C2 DTP K . 10.82 12.01 -3.07
N3 DTP K . 12.01 11.61 -2.65
C4 DTP K . 12.98 12.38 -3.19
MG MG L . -8.87 26.17 1.99
MG MG M . -10.66 4.93 25.92
PG DTP N . 6.41 -26.62 -5.89
O1G DTP N . 7.84 -26.74 -6.53
O2G DTP N . 6.11 -27.76 -4.91
O3G DTP N . 5.28 -26.35 -6.81
PB DTP N . 7.74 -24.22 -5.32
O1B DTP N . 8.33 -24.44 -6.65
O2B DTP N . 8.66 -24.24 -4.14
O3B DTP N . 6.58 -25.29 -5.06
PA DTP N . 5.97 -22.13 -4.12
O1A DTP N . 4.54 -22.56 -4.14
O2A DTP N . 6.74 -22.42 -2.87
O3A DTP N . 6.79 -22.91 -5.30
O5' DTP N . 6.05 -20.55 -4.43
C5' DTP N . 6.37 -19.94 -5.69
C4' DTP N . 6.49 -18.45 -5.51
O4' DTP N . 5.61 -17.97 -4.48
C3' DTP N . 7.86 -17.94 -5.10
O3' DTP N . 7.92 -16.63 -5.67
C2' DTP N . 7.81 -17.86 -3.56
C1' DTP N . 6.35 -17.49 -3.33
N9 DTP N . 5.73 -18.08 -2.13
C8 DTP N . 5.94 -19.35 -1.63
N7 DTP N . 5.19 -19.60 -0.57
C5 DTP N . 4.39 -18.47 -0.41
C6 DTP N . 3.37 -18.12 0.50
N6 DTP N . 2.89 -18.94 1.43
N1 DTP N . 2.76 -16.93 0.34
C2 DTP N . 3.19 -16.11 -0.62
N3 DTP N . 4.14 -16.31 -1.52
C4 DTP N . 4.72 -17.52 -1.37
PG GTP O . -12.42 6.57 28.13
O1G GTP O . -11.51 5.77 29.02
O2G GTP O . -11.93 7.98 27.84
O3G GTP O . -13.87 6.53 28.54
O3B GTP O . -12.75 5.68 26.84
PB GTP O . -13.65 4.40 26.52
O1B GTP O . -12.70 3.24 26.42
O2B GTP O . -14.88 4.22 27.29
O3A GTP O . -14.18 5.12 25.20
PA GTP O . -13.35 6.01 24.17
O1A GTP O . -13.94 7.35 23.88
O2A GTP O . -11.92 6.00 24.66
O5' GTP O . -13.63 5.14 22.82
C5' GTP O . -12.78 4.08 22.33
C4' GTP O . -11.94 4.59 21.20
O4' GTP O . -12.76 5.06 20.10
C3' GTP O . -11.10 5.82 21.53
O3' GTP O . -9.91 5.40 22.17
C2' GTP O . -10.82 6.43 20.17
O2' GTP O . -9.62 6.00 19.56
C1' GTP O . -11.97 5.91 19.31
N9 GTP O . -12.78 6.96 18.76
C8 GTP O . -13.19 6.98 17.46
N7 GTP O . -13.98 7.98 17.18
C5 GTP O . -14.12 8.66 18.38
C6 GTP O . -14.89 9.82 18.68
O6 GTP O . -15.64 10.47 17.95
N1 GTP O . -14.79 10.16 20.04
C2 GTP O . -14.00 9.50 20.95
N2 GTP O . -14.01 10.04 22.17
N3 GTP O . -13.28 8.42 20.66
C4 GTP O . -13.37 8.04 19.36
PA 85T P . -21.15 -11.82 8.32
O1A 85T P . -21.94 -10.78 7.71
O2A 85T P . -21.56 -12.34 9.71
O3B 85T P . -19.35 -14.44 8.83
O2B 85T P . -21.71 -15.02 8.78
N01 85T P . -17.00 -10.59 10.57
C02 85T P . -17.19 -9.53 10.18
C2' 85T P . -17.48 -8.27 9.71
C3' 85T P . -17.81 -8.45 8.21
O3' 85T P . -17.67 -7.11 7.62
C4' 85T P . -19.02 -8.85 8.07
C5' 85T P . -19.06 -10.24 7.59
O5' 85T P . -19.69 -10.99 8.61
O3A 85T P . -20.97 -13.06 7.25
PB 85T P . -20.61 -14.52 7.83
O1B 85T P . -20.41 -15.60 6.79
PG 85T P . -18.41 -15.74 8.89
O1G 85T P . -17.19 -15.43 9.68
O2G 85T P . -17.95 -16.03 7.47
O3G 85T P . -19.12 -16.95 9.48
O4' 85T P . -19.75 -8.69 9.56
C1' 85T P . -18.90 -7.99 10.26
N1 85T P . -19.06 -8.45 11.68
C6 85T P . -19.39 -9.73 11.96
C5 85T P . -19.57 -10.10 13.29
C4 85T P . -19.48 -9.14 14.26
N4 85T P . -19.63 -9.47 15.61
N3 85T P . -19.21 -7.86 13.92
C2 85T P . -18.99 -7.52 12.62
O2 85T P . -18.74 -6.36 12.31
MG MG Q . -21.17 3.84 -18.14
MG MG R . 8.63 -26.15 -8.11
MG MG S . -19.64 -17.73 6.42
PG GTP T . 10.58 -27.88 -9.61
O1G GTP T . 10.24 -29.31 -9.20
O2G GTP T . 9.71 -27.28 -10.68
O3G GTP T . 12.05 -27.65 -9.79
O3B GTP T . 10.36 -26.92 -8.40
PB GTP T . 11.43 -26.73 -7.25
O1B GTP T . 10.48 -26.69 -6.07
O2B GTP T . 12.42 -27.82 -7.34
O3A GTP T . 12.15 -25.42 -7.76
PA GTP T . 11.59 -24.20 -8.61
O1A GTP T . 12.40 -23.98 -9.84
O2A GTP T . 10.12 -24.46 -8.72
O5' GTP T . 11.84 -22.91 -7.68
C5' GTP T . 11.04 -22.59 -6.50
C4' GTP T . 10.23 -21.36 -6.78
O4' GTP T . 11.12 -20.23 -6.99
C3' GTP T . 9.37 -21.40 -8.03
O3' GTP T . 8.09 -21.84 -7.60
C2' GTP T . 9.36 -19.96 -8.56
O2' GTP T . 8.21 -19.18 -8.33
C1' GTP T . 10.47 -19.27 -7.80
N9 GTP T . 11.48 -18.66 -8.66
C8 GTP T . 11.96 -17.41 -8.46
N7 GTP T . 12.87 -17.06 -9.32
C5 GTP T . 12.99 -18.17 -10.14
C6 GTP T . 13.85 -18.37 -11.24
O6 GTP T . 14.65 -17.55 -11.71
N1 GTP T . 13.73 -19.62 -11.79
C2 GTP T . 12.82 -20.56 -11.36
N2 GTP T . 12.83 -21.71 -12.07
N3 GTP T . 11.99 -20.39 -10.32
C4 GTP T . 12.14 -19.17 -9.75
PG DTP U . -18.80 5.69 -19.99
O1G DTP U . -20.35 5.33 -19.71
O2G DTP U . -18.60 6.97 -20.86
O3G DTP U . -18.04 4.52 -20.50
PB DTP U . -18.71 5.98 -17.05
O1B DTP U . -19.94 5.10 -16.99
O2B DTP U . -18.89 7.44 -16.78
O3B DTP U . -18.07 5.91 -18.54
PA DTP U . -15.96 5.61 -16.05
O1A DTP U . -15.32 4.71 -17.04
O2A DTP U . -15.73 7.08 -16.18
O3A DTP U . -17.55 5.39 -16.10
O5' DTP U . -15.51 5.10 -14.60
C5' DTP U . -15.80 3.73 -14.24
C4' DTP U . -15.27 3.51 -12.83
O4' DTP U . -13.88 3.85 -12.71
C3' DTP U . -16.00 4.26 -11.74
O3' DTP U . -16.07 3.37 -10.64
C2' DTP U . -15.09 5.46 -11.48
C1' DTP U . -13.71 4.98 -11.89
N9 DTP U . -12.91 5.96 -12.65
C8 DTP U . -13.39 6.90 -13.54
N7 DTP U . -12.42 7.59 -14.10
C5 DTP U . -11.23 7.09 -13.57
C6 DTP U . -9.87 7.39 -13.78
N6 DTP U . -9.43 8.33 -14.63
N1 DTP U . -8.97 6.67 -13.09
C2 DTP U . -9.41 5.74 -12.22
N3 DTP U . -10.66 5.38 -11.95
C4 DTP U . -11.54 6.08 -12.67
PG GTP V . 26.19 17.03 0.88
O1G GTP V . 25.15 18.00 1.38
O2G GTP V . 26.66 16.07 1.99
O3G GTP V . 27.34 17.77 0.17
O3B GTP V . 25.35 16.21 -0.25
PB GTP V . 25.53 15.74 -1.77
O1B GTP V . 24.39 16.28 -2.58
O2B GTP V . 26.91 16.05 -2.22
O3A GTP V . 25.55 14.19 -1.40
PA GTP V . 24.62 13.42 -0.33
O1A GTP V . 25.42 12.59 0.63
O2A GTP V . 23.64 14.41 0.26
O5' GTP V . 23.92 12.36 -1.35
C5' GTP V . 22.63 12.57 -1.94
C4' GTP V . 21.65 11.82 -1.08
O4' GTP V . 21.83 10.40 -1.16
C3' GTP V . 21.73 12.12 0.42
O3' GTP V . 21.03 13.34 0.44
C2' GTP V . 21.07 10.88 1.05
O2' GTP V . 19.70 11.03 1.40
C1' GTP V . 21.20 9.82 -0.04
N9 GTP V . 21.95 8.67 0.37
C8 GTP V . 21.57 7.38 0.12
N7 GTP V . 22.41 6.50 0.61
C5 GTP V . 23.41 7.28 1.18
C6 GTP V . 24.60 6.86 1.84
O6 GTP V . 24.97 5.70 2.07
N1 GTP V . 25.34 7.95 2.29
C2 GTP V . 25.02 9.27 2.11
N2 GTP V . 25.88 10.16 2.62
N3 GTP V . 23.89 9.67 1.49
C4 GTP V . 23.14 8.62 1.06
PA 85T W . 15.09 1.70 -20.32
O1A 85T W . 15.99 2.72 -20.88
O2A 85T W . 15.77 0.48 -19.93
O3B 85T W . 12.77 3.84 -21.39
O2B 85T W . 12.26 2.24 -23.28
N01 85T W . 13.47 5.49 -17.02
C02 85T W . 13.89 4.66 -16.35
C2' 85T W . 14.45 3.69 -15.50
C3' 85T W . 13.84 2.33 -15.99
O3' 85T W . 13.80 1.59 -14.68
C4' 85T W . 14.67 1.69 -16.71
C5' 85T W . 14.19 1.28 -18.04
O5' 85T W . 14.44 2.34 -18.92
O3A 85T W . 13.99 1.44 -21.54
PB 85T W . 13.36 2.67 -22.36
O1B 85T W . 14.46 3.32 -23.22
PG 85T W . 11.70 4.78 -22.18
O1G 85T W . 11.40 6.08 -21.56
O2G 85T W . 12.20 5.34 -23.40
O3G 85T W . 10.48 3.97 -22.47
O4' 85T W . 15.91 2.72 -16.88
C1' 85T W . 15.94 3.50 -15.84
N1 85T W . 16.65 4.78 -16.27
C6 85T W . 16.43 5.28 -17.54
C5 85T W . 17.11 6.42 -17.91
C4 85T W . 17.99 6.99 -17.00
N4 85T W . 18.70 8.18 -17.41
N3 85T W . 18.21 6.42 -15.75
C2 85T W . 17.54 5.30 -15.43
O2 85T W . 17.71 4.75 -14.38
MG MG X . 10.25 2.81 -24.58
#